data_2G1L
# 
_entry.id   2G1L 
# 
_audit_conform.dict_name       mmcif_pdbx.dic 
_audit_conform.dict_version    5.377 
_audit_conform.dict_location   http://mmcif.pdb.org/dictionaries/ascii/mmcif_pdbx.dic 
# 
loop_
_database_2.database_id 
_database_2.database_code 
_database_2.pdbx_database_accession 
_database_2.pdbx_DOI 
PDB   2G1L         pdb_00002g1l 10.2210/pdb2g1l/pdb 
RCSB  RCSB036573   ?            ?                   
WWPDB D_1000036573 ?            ?                   
# 
_pdbx_database_status.entry_id                        2G1L 
_pdbx_database_status.deposit_site                    RCSB 
_pdbx_database_status.process_site                    RCSB 
_pdbx_database_status.recvd_initial_deposition_date   2006-02-14 
_pdbx_database_status.status_code                     REL 
_pdbx_database_status.status_code_sf                  REL 
_pdbx_database_status.status_code_mr                  ? 
_pdbx_database_status.SG_entry                        Y 
_pdbx_database_status.pdb_format_compatible           Y 
_pdbx_database_status.status_code_cs                  ? 
_pdbx_database_status.methods_development_category    ? 
_pdbx_database_status.status_code_nmr_data            ? 
# 
loop_
_audit_author.name 
_audit_author.pdbx_ordinal 
'Wang, J.'                             1  
'Tempel, W.'                           2  
'Shen, Y.'                             3  
'Shen, L.'                             4  
'Arrowsmith, C.'                       5  
'Edwards, A.'                          6  
'Sundstrom, M.'                        7  
'Weigelt, J.'                          8  
'Bochkarev, A.'                        9  
'Park, H.'                             10 
'Structural Genomics Consortium (SGC)' 11 
# 
_citation.id                        primary 
_citation.title                     'Crystal structure of the FHA domain of human kinesin family member C' 
_citation.journal_abbrev            'to be published' 
_citation.journal_volume            ? 
_citation.page_first                ? 
_citation.page_last                 ? 
_citation.year                      ? 
_citation.journal_id_ASTM           ? 
_citation.country                   ? 
_citation.journal_id_ISSN           ? 
_citation.journal_id_CSD            0353 
_citation.book_publisher            ? 
_citation.pdbx_database_id_PubMed   ? 
_citation.pdbx_database_id_DOI      ? 
# 
loop_
_citation_author.citation_id 
_citation_author.name 
_citation_author.ordinal 
_citation_author.identifier_ORCID 
primary 'Wang, J.'       1  ? 
primary 'Tempel, W.'     2  ? 
primary 'Shen, Y.'       3  ? 
primary 'Shen, L.'       4  ? 
primary 'Arrowsmith, C.' 5  ? 
primary 'Edwards, A.'    6  ? 
primary 'Sundstrom, M.'  7  ? 
primary 'Weigelt, J.'    8  ? 
primary 'Bochkarev, A.'  9  ? 
primary 'Park, H.'       10 ? 
# 
_cell.length_a           107.620 
_cell.length_b           107.620 
_cell.length_c           82.995 
_cell.angle_alpha        90.00 
_cell.angle_beta         90.00 
_cell.angle_gamma        120.00 
_cell.entry_id           2G1L 
_cell.pdbx_unique_axis   ? 
_cell.Z_PDB              12 
_cell.length_a_esd       ? 
_cell.length_b_esd       ? 
_cell.length_c_esd       ? 
_cell.angle_alpha_esd    ? 
_cell.angle_beta_esd     ? 
_cell.angle_gamma_esd    ? 
# 
_symmetry.space_group_name_H-M             'P 61 2 2' 
_symmetry.Int_Tables_number                178 
_symmetry.entry_id                         2G1L 
_symmetry.pdbx_full_space_group_name_H-M   ? 
_symmetry.cell_setting                     ? 
_symmetry.space_group_name_Hall            ? 
# 
loop_
_entity.id 
_entity.type 
_entity.src_method 
_entity.pdbx_description 
_entity.formula_weight 
_entity.pdbx_number_of_molecules 
_entity.pdbx_ec 
_entity.pdbx_mutation 
_entity.pdbx_fragment 
_entity.details 
1 polymer     man 'Kinesin-like protein KIF1C' 11686.424 1 ? ? 'FHA domain' ? 
2 non-polymer syn 'CHLORIDE ION'               35.453    1 ? ? ?            ? 
3 non-polymer syn 'NICKEL (II) ION'            58.693    1 ? ? ?            ? 
4 non-polymer syn 'UNKNOWN ATOM OR ION'        ?         1 ? ? ?            ? 
5 water       nat water                        18.015    8 ? ? ?            ? 
# 
_entity_poly.entity_id                      1 
_entity_poly.type                           'polypeptide(L)' 
_entity_poly.nstd_linkage                   no 
_entity_poly.nstd_monomer                   no 
_entity_poly.pdbx_seq_one_letter_code       
;GSTPHLVNLNEDPLMSECLLYHIKDGVTRVGQVDMDIKLTGQFIREQHCLFRSIPQPDGEVVVTLEPCEGAETYVNGKLV
TEPLVLKSGNRIVMGKNHVFRFNH
;
_entity_poly.pdbx_seq_one_letter_code_can   
;GSTPHLVNLNEDPLMSECLLYHIKDGVTRVGQVDMDIKLTGQFIREQHCLFRSIPQPDGEVVVTLEPCEGAETYVNGKLV
TEPLVLKSGNRIVMGKNHVFRFNH
;
_entity_poly.pdbx_strand_id                 A 
_entity_poly.pdbx_target_identifier         ? 
# 
loop_
_entity_poly_seq.entity_id 
_entity_poly_seq.num 
_entity_poly_seq.mon_id 
_entity_poly_seq.hetero 
1 1   GLY n 
1 2   SER n 
1 3   THR n 
1 4   PRO n 
1 5   HIS n 
1 6   LEU n 
1 7   VAL n 
1 8   ASN n 
1 9   LEU n 
1 10  ASN n 
1 11  GLU n 
1 12  ASP n 
1 13  PRO n 
1 14  LEU n 
1 15  MET n 
1 16  SER n 
1 17  GLU n 
1 18  CYS n 
1 19  LEU n 
1 20  LEU n 
1 21  TYR n 
1 22  HIS n 
1 23  ILE n 
1 24  LYS n 
1 25  ASP n 
1 26  GLY n 
1 27  VAL n 
1 28  THR n 
1 29  ARG n 
1 30  VAL n 
1 31  GLY n 
1 32  GLN n 
1 33  VAL n 
1 34  ASP n 
1 35  MET n 
1 36  ASP n 
1 37  ILE n 
1 38  LYS n 
1 39  LEU n 
1 40  THR n 
1 41  GLY n 
1 42  GLN n 
1 43  PHE n 
1 44  ILE n 
1 45  ARG n 
1 46  GLU n 
1 47  GLN n 
1 48  HIS n 
1 49  CYS n 
1 50  LEU n 
1 51  PHE n 
1 52  ARG n 
1 53  SER n 
1 54  ILE n 
1 55  PRO n 
1 56  GLN n 
1 57  PRO n 
1 58  ASP n 
1 59  GLY n 
1 60  GLU n 
1 61  VAL n 
1 62  VAL n 
1 63  VAL n 
1 64  THR n 
1 65  LEU n 
1 66  GLU n 
1 67  PRO n 
1 68  CYS n 
1 69  GLU n 
1 70  GLY n 
1 71  ALA n 
1 72  GLU n 
1 73  THR n 
1 74  TYR n 
1 75  VAL n 
1 76  ASN n 
1 77  GLY n 
1 78  LYS n 
1 79  LEU n 
1 80  VAL n 
1 81  THR n 
1 82  GLU n 
1 83  PRO n 
1 84  LEU n 
1 85  VAL n 
1 86  LEU n 
1 87  LYS n 
1 88  SER n 
1 89  GLY n 
1 90  ASN n 
1 91  ARG n 
1 92  ILE n 
1 93  VAL n 
1 94  MET n 
1 95  GLY n 
1 96  LYS n 
1 97  ASN n 
1 98  HIS n 
1 99  VAL n 
1 100 PHE n 
1 101 ARG n 
1 102 PHE n 
1 103 ASN n 
1 104 HIS n 
# 
_entity_src_gen.entity_id                          1 
_entity_src_gen.pdbx_src_id                        1 
_entity_src_gen.pdbx_alt_source_flag               sample 
_entity_src_gen.pdbx_seq_type                      ? 
_entity_src_gen.pdbx_beg_seq_num                   ? 
_entity_src_gen.pdbx_end_seq_num                   ? 
_entity_src_gen.gene_src_common_name               human 
_entity_src_gen.gene_src_genus                     Homo 
_entity_src_gen.pdbx_gene_src_gene                 'KIF1C, KIAA0706' 
_entity_src_gen.gene_src_species                   ? 
_entity_src_gen.gene_src_strain                    ? 
_entity_src_gen.gene_src_tissue                    ? 
_entity_src_gen.gene_src_tissue_fraction           ? 
_entity_src_gen.gene_src_details                   ? 
_entity_src_gen.pdbx_gene_src_fragment             ? 
_entity_src_gen.pdbx_gene_src_scientific_name      'Homo sapiens' 
_entity_src_gen.pdbx_gene_src_ncbi_taxonomy_id     9606 
_entity_src_gen.pdbx_gene_src_variant              ? 
_entity_src_gen.pdbx_gene_src_cell_line            ? 
_entity_src_gen.pdbx_gene_src_atcc                 ? 
_entity_src_gen.pdbx_gene_src_organ                ? 
_entity_src_gen.pdbx_gene_src_organelle            ? 
_entity_src_gen.pdbx_gene_src_cell                 ? 
_entity_src_gen.pdbx_gene_src_cellular_location    ? 
_entity_src_gen.host_org_common_name               ? 
_entity_src_gen.pdbx_host_org_scientific_name      'Escherichia coli' 
_entity_src_gen.pdbx_host_org_ncbi_taxonomy_id     562 
_entity_src_gen.host_org_genus                     Escherichia 
_entity_src_gen.pdbx_host_org_gene                 ? 
_entity_src_gen.pdbx_host_org_organ                ? 
_entity_src_gen.host_org_species                   ? 
_entity_src_gen.pdbx_host_org_tissue               ? 
_entity_src_gen.pdbx_host_org_tissue_fraction      ? 
_entity_src_gen.pdbx_host_org_strain               'BL21-CodonPlus (DE-3)-RIL' 
_entity_src_gen.pdbx_host_org_variant              ? 
_entity_src_gen.pdbx_host_org_cell_line            ? 
_entity_src_gen.pdbx_host_org_atcc                 ? 
_entity_src_gen.pdbx_host_org_culture_collection   ? 
_entity_src_gen.pdbx_host_org_cell                 ? 
_entity_src_gen.pdbx_host_org_organelle            ? 
_entity_src_gen.pdbx_host_org_cellular_location    ? 
_entity_src_gen.pdbx_host_org_vector_type          plasmid 
_entity_src_gen.pdbx_host_org_vector               ? 
_entity_src_gen.host_org_details                   ? 
_entity_src_gen.expression_system_id               ? 
_entity_src_gen.plasmid_name                       p28a-LIC 
_entity_src_gen.plasmid_details                    ? 
_entity_src_gen.pdbx_description                   ? 
# 
_struct_ref.id                         1 
_struct_ref.db_name                    UNP 
_struct_ref.db_code                    KIF1C_HUMAN 
_struct_ref.pdbx_db_accession          O43896 
_struct_ref.entity_id                  1 
_struct_ref.pdbx_seq_one_letter_code   
;TPHLVNLNEDPLMSECLLYHIKDGVTRVGQVDMDIKLTGQFIREQHCLFRSIPQPDGEVVVTLEPCEGAETYVNGKLVTE
PLVLKSGNRIVMGKNHVFRFNH
;
_struct_ref.pdbx_align_begin           498 
_struct_ref.pdbx_db_isoform            ? 
# 
_struct_ref_seq.align_id                      1 
_struct_ref_seq.ref_id                        1 
_struct_ref_seq.pdbx_PDB_id_code              2G1L 
_struct_ref_seq.pdbx_strand_id                A 
_struct_ref_seq.seq_align_beg                 3 
_struct_ref_seq.pdbx_seq_align_beg_ins_code   ? 
_struct_ref_seq.seq_align_end                 104 
_struct_ref_seq.pdbx_seq_align_end_ins_code   ? 
_struct_ref_seq.pdbx_db_accession             O43896 
_struct_ref_seq.db_align_beg                  498 
_struct_ref_seq.pdbx_db_align_beg_ins_code    ? 
_struct_ref_seq.db_align_end                  599 
_struct_ref_seq.pdbx_db_align_end_ins_code    ? 
_struct_ref_seq.pdbx_auth_seq_align_beg       498 
_struct_ref_seq.pdbx_auth_seq_align_end       599 
# 
loop_
_struct_ref_seq_dif.align_id 
_struct_ref_seq_dif.pdbx_pdb_id_code 
_struct_ref_seq_dif.mon_id 
_struct_ref_seq_dif.pdbx_pdb_strand_id 
_struct_ref_seq_dif.seq_num 
_struct_ref_seq_dif.pdbx_pdb_ins_code 
_struct_ref_seq_dif.pdbx_seq_db_name 
_struct_ref_seq_dif.pdbx_seq_db_accession_code 
_struct_ref_seq_dif.db_mon_id 
_struct_ref_seq_dif.pdbx_seq_db_seq_num 
_struct_ref_seq_dif.details 
_struct_ref_seq_dif.pdbx_auth_seq_num 
_struct_ref_seq_dif.pdbx_ordinal 
1 2G1L GLY A 1 ? UNP O43896 ? ? 'cloning artifact' 496 1 
1 2G1L SER A 2 ? UNP O43896 ? ? 'cloning artifact' 497 2 
# 
loop_
_chem_comp.id 
_chem_comp.type 
_chem_comp.mon_nstd_flag 
_chem_comp.name 
_chem_comp.pdbx_synonyms 
_chem_comp.formula 
_chem_comp.formula_weight 
ALA 'L-peptide linking' y ALANINE               ? 'C3 H7 N O2'     89.093  
ARG 'L-peptide linking' y ARGININE              ? 'C6 H15 N4 O2 1' 175.209 
ASN 'L-peptide linking' y ASPARAGINE            ? 'C4 H8 N2 O3'    132.118 
ASP 'L-peptide linking' y 'ASPARTIC ACID'       ? 'C4 H7 N O4'     133.103 
CL  non-polymer         . 'CHLORIDE ION'        ? 'Cl -1'          35.453  
CYS 'L-peptide linking' y CYSTEINE              ? 'C3 H7 N O2 S'   121.158 
GLN 'L-peptide linking' y GLUTAMINE             ? 'C5 H10 N2 O3'   146.144 
GLU 'L-peptide linking' y 'GLUTAMIC ACID'       ? 'C5 H9 N O4'     147.129 
GLY 'peptide linking'   y GLYCINE               ? 'C2 H5 N O2'     75.067  
HIS 'L-peptide linking' y HISTIDINE             ? 'C6 H10 N3 O2 1' 156.162 
HOH non-polymer         . WATER                 ? 'H2 O'           18.015  
ILE 'L-peptide linking' y ISOLEUCINE            ? 'C6 H13 N O2'    131.173 
LEU 'L-peptide linking' y LEUCINE               ? 'C6 H13 N O2'    131.173 
LYS 'L-peptide linking' y LYSINE                ? 'C6 H15 N2 O2 1' 147.195 
MET 'L-peptide linking' y METHIONINE            ? 'C5 H11 N O2 S'  149.211 
NI  non-polymer         . 'NICKEL (II) ION'     ? 'Ni 2'           58.693  
PHE 'L-peptide linking' y PHENYLALANINE         ? 'C9 H11 N O2'    165.189 
PRO 'L-peptide linking' y PROLINE               ? 'C5 H9 N O2'     115.130 
SER 'L-peptide linking' y SERINE                ? 'C3 H7 N O3'     105.093 
THR 'L-peptide linking' y THREONINE             ? 'C4 H9 N O3'     119.119 
TYR 'L-peptide linking' y TYROSINE              ? 'C9 H11 N O3'    181.189 
UNX non-polymer         . 'UNKNOWN ATOM OR ION' ? ?                ?       
VAL 'L-peptide linking' y VALINE                ? 'C5 H11 N O2'    117.146 
# 
_exptl.crystals_number   1 
_exptl.method            'X-RAY DIFFRACTION' 
_exptl.entry_id          2G1L 
# 
loop_
_exptl_crystal.id 
_exptl_crystal.density_percent_sol 
_exptl_crystal.density_Matthews 
_exptl_crystal.density_meas 
_exptl_crystal.description 
_exptl_crystal.F_000 
_exptl_crystal.preparation 
1 79.3 6.0 ? ? ? ? 
2 79.3 6.0 ? ? ? ? 
# 
_exptl_crystal_grow.crystal_id      1 
_exptl_crystal_grow.method          'VAPOR DIFFUSION, SITTING DROP' 
_exptl_crystal_grow.pH              7 
_exptl_crystal_grow.temp            291 
_exptl_crystal_grow.pdbx_details    
'1.4M malonate, pH 7, vapor diffusion, sitting drop, temperature 291K, VAPOR DIFFUSION, SITTING DROP' 
_exptl_crystal_grow.temp_details    ? 
_exptl_crystal_grow.pdbx_pH_range   . 
# 
_diffrn.id                     1 
_diffrn.ambient_temp           100 
_diffrn.ambient_temp_details   ? 
_diffrn.crystal_id             1 
# 
_diffrn_detector.diffrn_id              1 
_diffrn_detector.detector               'IMAGE PLATE' 
_diffrn_detector.type                   'RIGAKU RAXIS' 
_diffrn_detector.pdbx_collection_date   2006-02-07 
_diffrn_detector.details                ? 
# 
_diffrn_radiation.diffrn_id                        1 
_diffrn_radiation.pdbx_diffrn_protocol             'SINGLE WAVELENGTH' 
_diffrn_radiation.monochromator                    ? 
_diffrn_radiation.wavelength_id                    1 
_diffrn_radiation.pdbx_monochromatic_or_laue_m_l   M 
_diffrn_radiation.pdbx_scattering_type             x-ray 
# 
_diffrn_radiation_wavelength.id           1 
_diffrn_radiation_wavelength.wavelength   1.5418 
_diffrn_radiation_wavelength.wt           1.0 
# 
_diffrn_source.diffrn_id                   1 
_diffrn_source.source                      'ROTATING ANODE' 
_diffrn_source.type                        RIGAKU 
_diffrn_source.pdbx_wavelength_list        1.5418 
_diffrn_source.pdbx_wavelength             ? 
_diffrn_source.pdbx_synchrotron_site       ? 
_diffrn_source.pdbx_synchrotron_beamline   ? 
# 
_reflns.entry_id                     2G1L 
_reflns.d_resolution_high            2.600 
_reflns.d_resolution_low             30.000 
_reflns.number_obs                   9139 
_reflns.pdbx_Rmerge_I_obs            0.121 
_reflns.pdbx_netI_over_sigmaI        8.300 
_reflns.pdbx_chi_squared             0.974 
_reflns.pdbx_redundancy              20.900 
_reflns.percent_possible_obs         99.800 
_reflns.observed_criterion_sigma_F   ? 
_reflns.observed_criterion_sigma_I   ? 
_reflns.number_all                   ? 
_reflns.pdbx_Rsym_value              ? 
_reflns.B_iso_Wilson_estimate        ? 
_reflns.R_free_details               ? 
_reflns.limit_h_max                  ? 
_reflns.limit_h_min                  ? 
_reflns.limit_k_max                  ? 
_reflns.limit_k_min                  ? 
_reflns.limit_l_max                  ? 
_reflns.limit_l_min                  ? 
_reflns.observed_criterion_F_max     ? 
_reflns.observed_criterion_F_min     ? 
_reflns.pdbx_scaling_rejects         ? 
_reflns.pdbx_ordinal                 1 
_reflns.pdbx_diffrn_id               1 
# 
loop_
_reflns_shell.d_res_high 
_reflns_shell.d_res_low 
_reflns_shell.number_measured_obs 
_reflns_shell.number_measured_all 
_reflns_shell.number_unique_obs 
_reflns_shell.Rmerge_I_obs 
_reflns_shell.meanI_over_sigI_obs 
_reflns_shell.pdbx_Rsym_value 
_reflns_shell.pdbx_chi_squared 
_reflns_shell.pdbx_redundancy 
_reflns_shell.percent_possible_obs 
_reflns_shell.number_unique_all 
_reflns_shell.percent_possible_all 
_reflns_shell.pdbx_ordinal 
_reflns_shell.pdbx_diffrn_id 
2.60 2.69  ? ? 877  0.94  ? ? 0.732 21.30 99.40  ? ? 1  1 
2.69 2.80  ? ? 881  0.72  ? ? 0.728 21.40 99.50  ? ? 2  1 
2.80 2.93  ? ? 884  0.554 ? ? 0.755 21.30 99.70  ? ? 3  1 
2.93 3.08  ? ? 909  0.389 ? ? 0.790 21.30 99.60  ? ? 4  1 
3.08 3.28  ? ? 882  0.249 ? ? 0.834 21.20 99.90  ? ? 5  1 
3.28 3.53  ? ? 906  0.15  ? ? 1.052 21.20 99.80  ? ? 6  1 
3.53 3.88  ? ? 918  0.115 ? ? 1.222 21.00 99.90  ? ? 7  1 
3.88 4.44  ? ? 922  0.073 ? ? 1.263 20.90 100.00 ? ? 8  1 
4.44 5.59  ? ? 936  0.053 ? ? 1.223 20.60 100.00 ? ? 9  1 
5.59 30.00 ? ? 1024 0.039 ? ? 1.120 19.00 100.00 ? ? 10 1 
# 
_refine.details                                  'HYDROGENS HAVE BEEN ADDED IN THE RIDING POSITIONS' 
_refine.B_iso_mean                               40.806 
_refine.aniso_B[1][1]                            2.394 
_refine.aniso_B[2][2]                            2.394 
_refine.aniso_B[3][3]                            -3.591 
_refine.aniso_B[1][2]                            1.197 
_refine.aniso_B[1][3]                            0.000 
_refine.aniso_B[2][3]                            0.000 
_refine.solvent_model_details                    'MASK BULK SOLVENT' 
_refine.pdbx_solvent_vdw_probe_radii             1.200 
_refine.pdbx_solvent_ion_probe_radii             0.800 
_refine.pdbx_solvent_shrinkage_radii             0.800 
_refine.ls_d_res_high                            2.602 
_refine.ls_d_res_low                             30.000 
_refine.ls_number_reflns_R_free                  423 
_refine.ls_number_reflns_obs                     9119 
_refine.ls_R_factor_R_work                       0.2147 
_refine.ls_R_factor_R_free                       0.2433 
_refine.ls_R_factor_all                          0.216 
_refine.ls_wR_factor_R_work                      0.181 
_refine.ls_wR_factor_R_free                      0.204 
_refine.ls_percent_reflns_obs                    99.781 
_refine.ls_percent_reflns_R_free                 4.639 
_refine.correlation_coeff_Fo_to_Fc               0.941 
_refine.correlation_coeff_Fo_to_Fc_free          0.913 
_refine.pdbx_overall_ESU_R                       0.222 
_refine.pdbx_overall_ESU_R_Free                  0.198 
_refine.overall_SU_ML                            0.144 
_refine.overall_SU_B                             6.996 
_refine.entry_id                                 2G1L 
_refine.pdbx_ls_sigma_F                          ? 
_refine.pdbx_ls_sigma_I                          ? 
_refine.ls_number_reflns_all                     ? 
_refine.ls_R_factor_obs                          0.216 
_refine.ls_redundancy_reflns_obs                 ? 
_refine.pdbx_data_cutoff_high_absF               ? 
_refine.pdbx_data_cutoff_low_absF                ? 
_refine.ls_number_parameters                     ? 
_refine.ls_number_restraints                     ? 
_refine.ls_R_factor_R_free_error                 ? 
_refine.ls_R_factor_R_free_error_details         ? 
_refine.pdbx_method_to_determine_struct          'MOLECULAR REPLACEMENT' 
_refine.pdbx_starting_model                      'pdb entry 1wln' 
_refine.pdbx_ls_cross_valid_method               ? 
_refine.pdbx_R_Free_selection_details            ? 
_refine.pdbx_stereochem_target_val_spec_case     ? 
_refine.pdbx_stereochemistry_target_values       ? 
_refine.solvent_model_param_bsol                 ? 
_refine.solvent_model_param_ksol                 ? 
_refine.occupancy_max                            ? 
_refine.occupancy_min                            ? 
_refine.pdbx_isotropic_thermal_model             ? 
_refine.B_iso_min                                ? 
_refine.B_iso_max                                ? 
_refine.overall_SU_R_Cruickshank_DPI             ? 
_refine.overall_SU_R_free                        ? 
_refine.pdbx_data_cutoff_high_rms_absF           ? 
_refine.overall_FOM_free_R_set                   ? 
_refine.overall_FOM_work_R_set                   ? 
_refine.pdbx_refine_id                           'X-RAY DIFFRACTION' 
_refine.pdbx_diffrn_id                           1 
_refine.pdbx_TLS_residual_ADP_flag               ? 
_refine.pdbx_overall_phase_error                 ? 
_refine.pdbx_overall_SU_R_free_Cruickshank_DPI   ? 
_refine.pdbx_overall_SU_R_Blow_DPI               ? 
_refine.pdbx_overall_SU_R_free_Blow_DPI          ? 
# 
_refine_hist.pdbx_refine_id                   'X-RAY DIFFRACTION' 
_refine_hist.cycle_id                         LAST 
_refine_hist.pdbx_number_atoms_protein        814 
_refine_hist.pdbx_number_atoms_nucleic_acid   0 
_refine_hist.pdbx_number_atoms_ligand         3 
_refine_hist.number_atoms_solvent             8 
_refine_hist.number_atoms_total               825 
_refine_hist.d_res_high                       2.602 
_refine_hist.d_res_low                        30.000 
# 
loop_
_refine_ls_restr.type 
_refine_ls_restr.number 
_refine_ls_restr.dev_ideal 
_refine_ls_restr.dev_ideal_target 
_refine_ls_restr.weight 
_refine_ls_restr.pdbx_refine_id 
_refine_ls_restr.pdbx_restraint_function 
r_bond_refined_d             830  0.015  0.022  ? 'X-RAY DIFFRACTION' ? 
r_bond_other_d               560  0.003  0.020  ? 'X-RAY DIFFRACTION' ? 
r_angle_refined_deg          1125 1.365  1.970  ? 'X-RAY DIFFRACTION' ? 
r_angle_other_deg            1375 0.839  3.000  ? 'X-RAY DIFFRACTION' ? 
r_dihedral_angle_1_deg       102  6.947  5.000  ? 'X-RAY DIFFRACTION' ? 
r_dihedral_angle_2_deg       39   34.279 24.615 ? 'X-RAY DIFFRACTION' ? 
r_dihedral_angle_3_deg       147  16.144 15.000 ? 'X-RAY DIFFRACTION' ? 
r_dihedral_angle_4_deg       5    17.117 15.000 ? 'X-RAY DIFFRACTION' ? 
r_chiral_restr               129  0.078  0.200  ? 'X-RAY DIFFRACTION' ? 
r_gen_planes_refined         915  0.003  0.020  ? 'X-RAY DIFFRACTION' ? 
r_gen_planes_other           154  0.001  0.020  ? 'X-RAY DIFFRACTION' ? 
r_nbd_refined                146  0.208  0.200  ? 'X-RAY DIFFRACTION' ? 
r_nbd_other                  537  0.195  0.200  ? 'X-RAY DIFFRACTION' ? 
r_nbtor_refined              378  0.171  0.200  ? 'X-RAY DIFFRACTION' ? 
r_nbtor_other                492  0.088  0.200  ? 'X-RAY DIFFRACTION' ? 
r_xyhbond_nbd_refined        19   0.130  0.200  ? 'X-RAY DIFFRACTION' ? 
r_symmetry_vdw_refined       7    0.420  0.200  ? 'X-RAY DIFFRACTION' ? 
r_symmetry_vdw_other         26   0.288  0.200  ? 'X-RAY DIFFRACTION' ? 
r_symmetry_hbond_refined     3    0.068  0.200  ? 'X-RAY DIFFRACTION' ? 
r_symmetry_metal_ion_refined 1    0.095  0.200  ? 'X-RAY DIFFRACTION' ? 
r_mcbond_it                  653  3.427  2.000  ? 'X-RAY DIFFRACTION' ? 
r_mcbond_other               207  0.467  2.000  ? 'X-RAY DIFFRACTION' ? 
r_mcangle_it                 839  4.145  3.000  ? 'X-RAY DIFFRACTION' ? 
r_scbond_it                  349  2.667  2.000  ? 'X-RAY DIFFRACTION' ? 
r_scangle_it                 286  3.697  3.000  ? 'X-RAY DIFFRACTION' ? 
# 
loop_
_refine_ls_shell.pdbx_total_number_of_bins_used 
_refine_ls_shell.d_res_low 
_refine_ls_shell.d_res_high 
_refine_ls_shell.number_reflns_all 
_refine_ls_shell.percent_reflns_obs 
_refine_ls_shell.number_reflns_R_work 
_refine_ls_shell.R_factor_R_work 
_refine_ls_shell.R_factor_all 
_refine_ls_shell.number_reflns_R_free 
_refine_ls_shell.R_factor_R_free 
_refine_ls_shell.number_reflns_obs 
_refine_ls_shell.R_factor_R_free_error 
_refine_ls_shell.percent_reflns_R_free 
_refine_ls_shell.redundancy_reflns_obs 
_refine_ls_shell.pdbx_refine_id 
20 2.669  2.602  652 99.387  620 0.331 0.336 28 0.452 . . . . 'X-RAY DIFFRACTION' 
20 2.741  2.669  630 99.365  599 0.31  0.310 27 0.315 . . . . 'X-RAY DIFFRACTION' 
20 2.820  2.741  624 99.359  588 0.284 0.288 32 0.375 . . . . 'X-RAY DIFFRACTION' 
20 2.906  2.820  609 99.672  570 0.281 0.285 37 0.344 . . . . 'X-RAY DIFFRACTION' 
20 3.001  2.906  584 99.829  561 0.236 0.239 22 0.295 . . . . 'X-RAY DIFFRACTION' 
20 3.105  3.001  564 99.823  539 0.252 0.250 24 0.195 . . . . 'X-RAY DIFFRACTION' 
20 3.221  3.105  542 100.000 517 0.232 0.234 25 0.289 . . . . 'X-RAY DIFFRACTION' 
20 3.351  3.221  538 100.000 520 0.23  0.231 18 0.243 . . . . 'X-RAY DIFFRACTION' 
20 3.498  3.351  517 99.807  487 0.218 0.222 29 0.288 . . . . 'X-RAY DIFFRACTION' 
20 3.666  3.498  494 100.000 467 0.21  0.212 27 0.248 . . . . 'X-RAY DIFFRACTION' 
20 3.861  3.666  465 99.785  444 0.199 0.202 20 0.256 . . . . 'X-RAY DIFFRACTION' 
20 4.091  3.861  441 99.546  420 0.189 0.189 19 0.2   . . . . 'X-RAY DIFFRACTION' 
20 4.368  4.091  429 100.000 412 0.178 0.179 17 0.192 . . . . 'X-RAY DIFFRACTION' 
20 4.709  4.368  402 100.000 383 0.175 0.174 19 0.141 . . . . 'X-RAY DIFFRACTION' 
20 5.146  4.709  362 100.000 350 0.16  0.160 12 0.152 . . . . 'X-RAY DIFFRACTION' 
20 5.732  5.146  336 100.000 318 0.181 0.185 18 0.266 . . . . 'X-RAY DIFFRACTION' 
20 6.579  5.732  312 100.000 302 0.225 0.227 10 0.304 . . . . 'X-RAY DIFFRACTION' 
20 7.963  6.579  268 100.000 251 0.22  0.214 17 0.134 . . . . 'X-RAY DIFFRACTION' 
20 10.884 7.963  219 100.000 209 0.172 0.174 10 0.219 . . . . 'X-RAY DIFFRACTION' 
20 30.000 10.884 151 100.000 139 0.261 0.260 12 0.245 . . . . 'X-RAY DIFFRACTION' 
# 
_struct.entry_id                  2G1L 
_struct.title                     'Crystal structure of the FHA domain of human kinesin family member C' 
_struct.pdbx_model_details        ? 
_struct.pdbx_CASP_flag            ? 
_struct.pdbx_model_type_details   ? 
# 
_struct_keywords.text            'transport, FHA domain, structural genomics consortium, kinesin, SGC, TRANSPORT PROTEIN' 
_struct_keywords.entry_id        2G1L 
_struct_keywords.pdbx_keywords   'TRANSPORT PROTEIN' 
# 
loop_
_struct_asym.id 
_struct_asym.pdbx_blank_PDB_chainid_flag 
_struct_asym.pdbx_modified 
_struct_asym.entity_id 
_struct_asym.details 
A N N 1 ? 
B N N 2 ? 
C N N 3 ? 
D N N 4 ? 
E N N 5 ? 
# 
_struct_biol.id                    1 
_struct_biol.details               'not known' 
_struct_biol.pdbx_parent_biol_id   ? 
# 
loop_
_struct_conn.id 
_struct_conn.conn_type_id 
_struct_conn.pdbx_leaving_atom_flag 
_struct_conn.pdbx_PDB_id 
_struct_conn.ptnr1_label_asym_id 
_struct_conn.ptnr1_label_comp_id 
_struct_conn.ptnr1_label_seq_id 
_struct_conn.ptnr1_label_atom_id 
_struct_conn.pdbx_ptnr1_label_alt_id 
_struct_conn.pdbx_ptnr1_PDB_ins_code 
_struct_conn.pdbx_ptnr1_standard_comp_id 
_struct_conn.ptnr1_symmetry 
_struct_conn.ptnr2_label_asym_id 
_struct_conn.ptnr2_label_comp_id 
_struct_conn.ptnr2_label_seq_id 
_struct_conn.ptnr2_label_atom_id 
_struct_conn.pdbx_ptnr2_label_alt_id 
_struct_conn.pdbx_ptnr2_PDB_ins_code 
_struct_conn.ptnr1_auth_asym_id 
_struct_conn.ptnr1_auth_comp_id 
_struct_conn.ptnr1_auth_seq_id 
_struct_conn.ptnr2_auth_asym_id 
_struct_conn.ptnr2_auth_comp_id 
_struct_conn.ptnr2_auth_seq_id 
_struct_conn.ptnr2_symmetry 
_struct_conn.pdbx_ptnr3_label_atom_id 
_struct_conn.pdbx_ptnr3_label_seq_id 
_struct_conn.pdbx_ptnr3_label_comp_id 
_struct_conn.pdbx_ptnr3_label_asym_id 
_struct_conn.pdbx_ptnr3_label_alt_id 
_struct_conn.pdbx_ptnr3_PDB_ins_code 
_struct_conn.details 
_struct_conn.pdbx_dist_value 
_struct_conn.pdbx_value_order 
_struct_conn.pdbx_role 
metalc1 metalc ? ? A HIS 5  NE2 ? ? ? 1_555  C NI . NI ? ? A HIS 500 A NI 901 1_555 ? ? ? ? ? ? ? 1.966 ? ? 
metalc2 metalc ? ? A HIS 5  NE2 ? ? ? 12_545 C NI . NI ? ? A HIS 500 A NI 901 1_555 ? ? ? ? ? ? ? 2.630 ? ? 
metalc3 metalc ? ? A HIS 22 NE2 ? ? ? 1_555  C NI . NI ? ? A HIS 517 A NI 901 1_555 ? ? ? ? ? ? ? 2.167 ? ? 
metalc4 metalc ? ? A HIS 22 NE2 ? ? ? 12_545 C NI . NI ? ? A HIS 517 A NI 901 1_555 ? ? ? ? ? ? ? 1.851 ? ? 
# 
_struct_conn_type.id          metalc 
_struct_conn_type.criteria    ? 
_struct_conn_type.reference   ? 
# 
loop_
_struct_sheet.id 
_struct_sheet.type 
_struct_sheet.number_strands 
_struct_sheet.details 
A ? 6 ? 
B ? 5 ? 
# 
loop_
_struct_sheet_order.sheet_id 
_struct_sheet_order.range_id_1 
_struct_sheet_order.range_id_2 
_struct_sheet_order.offset 
_struct_sheet_order.sense 
A 1 2 ? anti-parallel 
A 2 3 ? anti-parallel 
A 3 4 ? anti-parallel 
A 4 5 ? anti-parallel 
A 5 6 ? anti-parallel 
B 1 2 ? parallel      
B 2 3 ? anti-parallel 
B 3 4 ? anti-parallel 
B 4 5 ? anti-parallel 
# 
loop_
_struct_sheet_range.sheet_id 
_struct_sheet_range.id 
_struct_sheet_range.beg_label_comp_id 
_struct_sheet_range.beg_label_asym_id 
_struct_sheet_range.beg_label_seq_id 
_struct_sheet_range.pdbx_beg_PDB_ins_code 
_struct_sheet_range.end_label_comp_id 
_struct_sheet_range.end_label_asym_id 
_struct_sheet_range.end_label_seq_id 
_struct_sheet_range.pdbx_end_PDB_ins_code 
_struct_sheet_range.beg_auth_comp_id 
_struct_sheet_range.beg_auth_asym_id 
_struct_sheet_range.beg_auth_seq_id 
_struct_sheet_range.end_auth_comp_id 
_struct_sheet_range.end_auth_asym_id 
_struct_sheet_range.end_auth_seq_id 
A 1 LEU A 20 ? HIS A 22  ? LEU A 515 HIS A 517 
A 2 HIS A 5  ? ASN A 8   ? HIS A 500 ASN A 503 
A 3 HIS A 98 ? ASN A 103 ? HIS A 593 ASN A 598 
A 4 ARG A 91 ? MET A 94  ? ARG A 586 MET A 589 
A 5 THR A 73 ? VAL A 75  ? THR A 568 VAL A 570 
A 6 LYS A 78 ? LEU A 79  ? LYS A 573 LEU A 574 
B 1 ILE A 37 ? LYS A 38  ? ILE A 532 LYS A 533 
B 2 GLY A 26 ? GLY A 31  ? GLY A 521 GLY A 526 
B 3 GLN A 47 ? PRO A 55  ? GLN A 542 PRO A 550 
B 4 VAL A 61 ? PRO A 67  ? VAL A 556 PRO A 562 
B 5 LEU A 84 ? VAL A 85  ? LEU A 579 VAL A 580 
# 
loop_
_pdbx_struct_sheet_hbond.sheet_id 
_pdbx_struct_sheet_hbond.range_id_1 
_pdbx_struct_sheet_hbond.range_id_2 
_pdbx_struct_sheet_hbond.range_1_label_atom_id 
_pdbx_struct_sheet_hbond.range_1_label_comp_id 
_pdbx_struct_sheet_hbond.range_1_label_asym_id 
_pdbx_struct_sheet_hbond.range_1_label_seq_id 
_pdbx_struct_sheet_hbond.range_1_PDB_ins_code 
_pdbx_struct_sheet_hbond.range_1_auth_atom_id 
_pdbx_struct_sheet_hbond.range_1_auth_comp_id 
_pdbx_struct_sheet_hbond.range_1_auth_asym_id 
_pdbx_struct_sheet_hbond.range_1_auth_seq_id 
_pdbx_struct_sheet_hbond.range_2_label_atom_id 
_pdbx_struct_sheet_hbond.range_2_label_comp_id 
_pdbx_struct_sheet_hbond.range_2_label_asym_id 
_pdbx_struct_sheet_hbond.range_2_label_seq_id 
_pdbx_struct_sheet_hbond.range_2_PDB_ins_code 
_pdbx_struct_sheet_hbond.range_2_auth_atom_id 
_pdbx_struct_sheet_hbond.range_2_auth_comp_id 
_pdbx_struct_sheet_hbond.range_2_auth_asym_id 
_pdbx_struct_sheet_hbond.range_2_auth_seq_id 
A 1 2 O TYR A 21  ? O TYR A 516 N LEU A 6   ? N LEU A 501 
A 2 3 N HIS A 5   ? N HIS A 500 O ASN A 103 ? O ASN A 598 
A 3 4 O PHE A 100 ? O PHE A 595 N ILE A 92  ? N ILE A 587 
A 4 5 O VAL A 93  ? O VAL A 588 N TYR A 74  ? N TYR A 569 
A 5 6 N VAL A 75  ? N VAL A 570 O LYS A 78  ? O LYS A 573 
B 1 2 O ILE A 37  ? O ILE A 532 N GLY A 31  ? N GLY A 526 
B 2 3 N VAL A 30  ? N VAL A 525 O CYS A 49  ? O CYS A 544 
B 3 4 N LEU A 50  ? N LEU A 545 O GLU A 66  ? O GLU A 561 
B 4 5 N LEU A 65  ? N LEU A 560 O LEU A 84  ? O LEU A 579 
# 
loop_
_struct_site.id 
_struct_site.pdbx_evidence_code 
_struct_site.pdbx_auth_asym_id 
_struct_site.pdbx_auth_comp_id 
_struct_site.pdbx_auth_seq_id 
_struct_site.pdbx_auth_ins_code 
_struct_site.pdbx_num_residues 
_struct_site.details 
AC1 Software A CL  801 ? 4 'BINDING SITE FOR RESIDUE CL A 801'  
AC2 Software A NI  901 ? 4 'BINDING SITE FOR RESIDUE NI A 901'  
AC3 Software A UNX 802 ? 1 'BINDING SITE FOR RESIDUE UNX A 802' 
# 
loop_
_struct_site_gen.id 
_struct_site_gen.site_id 
_struct_site_gen.pdbx_num_res 
_struct_site_gen.label_comp_id 
_struct_site_gen.label_asym_id 
_struct_site_gen.label_seq_id 
_struct_site_gen.pdbx_auth_ins_code 
_struct_site_gen.auth_comp_id 
_struct_site_gen.auth_asym_id 
_struct_site_gen.auth_seq_id 
_struct_site_gen.label_atom_id 
_struct_site_gen.label_alt_id 
_struct_site_gen.symmetry 
_struct_site_gen.details 
1 AC1 4 GLY A 41 ? GLY A 536 . ? 1_555  ? 
2 AC1 4 PHE A 43 ? PHE A 538 . ? 1_555  ? 
3 AC1 4 LYS A 96 ? LYS A 591 . ? 1_555  ? 
4 AC1 4 ASN A 97 ? ASN A 592 . ? 1_555  ? 
5 AC2 4 HIS A 5  ? HIS A 500 . ? 1_555  ? 
6 AC2 4 HIS A 5  ? HIS A 500 . ? 12_545 ? 
7 AC2 4 HIS A 22 ? HIS A 517 . ? 1_555  ? 
8 AC2 4 HIS A 22 ? HIS A 517 . ? 12_545 ? 
9 AC3 1 CYS A 68 ? CYS A 563 . ? 1_555  ? 
# 
_atom_sites.entry_id                    2G1L 
_atom_sites.fract_transf_matrix[1][1]   -0.00829685 
_atom_sites.fract_transf_matrix[1][2]   -0.00456107 
_atom_sites.fract_transf_matrix[1][3]   -0.00504975 
_atom_sites.fract_transf_matrix[2][1]   -0.00570062 
_atom_sites.fract_transf_matrix[2][2]   0.00563457 
_atom_sites.fract_transf_matrix[2][3]   -0.00713355 
_atom_sites.fract_transf_matrix[3][1]   0.00737274 
_atom_sites.fract_transf_matrix[3][2]   -0.00367481 
_atom_sites.fract_transf_matrix[3][3]   -0.00879438 
_atom_sites.fract_transf_vector[1]      0.090344 
_atom_sites.fract_transf_vector[2]      -0.378165 
_atom_sites.fract_transf_vector[3]      -0.032746 
# 
loop_
_atom_type.symbol 
C  
CL 
N  
NI 
O  
S  
X  
# 
loop_
_atom_site.group_PDB 
_atom_site.id 
_atom_site.type_symbol 
_atom_site.label_atom_id 
_atom_site.label_alt_id 
_atom_site.label_comp_id 
_atom_site.label_asym_id 
_atom_site.label_entity_id 
_atom_site.label_seq_id 
_atom_site.pdbx_PDB_ins_code 
_atom_site.Cartn_x 
_atom_site.Cartn_y 
_atom_site.Cartn_z 
_atom_site.occupancy 
_atom_site.B_iso_or_equiv 
_atom_site.pdbx_formal_charge 
_atom_site.auth_seq_id 
_atom_site.auth_comp_id 
_atom_site.auth_asym_id 
_atom_site.auth_atom_id 
_atom_site.pdbx_PDB_model_num 
ATOM   1   N  N   . SER A 1 2   ? 13.177  -6.819  9.926   1.00 64.42  ? 497 SER A N   1 
ATOM   2   C  CA  . SER A 1 2   ? 13.584  -6.272  8.589   1.00 64.85  ? 497 SER A CA  1 
ATOM   3   C  C   . SER A 1 2   ? 12.773  -4.999  8.270   1.00 63.23  ? 497 SER A C   1 
ATOM   4   O  O   . SER A 1 2   ? 11.955  -4.545  9.100   1.00 61.65  ? 497 SER A O   1 
ATOM   5   C  CB  . SER A 1 2   ? 13.380  -7.344  7.476   1.00 67.42  ? 497 SER A CB  1 
ATOM   6   O  OG  . SER A 1 2   ? 14.244  -7.150  6.349   1.00 66.56  ? 497 SER A OG  1 
ATOM   7   N  N   . THR A 1 3   ? 13.011  -4.421  7.083   1.00 58.47  ? 498 THR A N   1 
ATOM   8   C  CA  . THR A 1 3   ? 12.101  -3.410  6.537   1.00 56.76  ? 498 THR A CA  1 
ATOM   9   C  C   . THR A 1 3   ? 10.810  -4.116  6.125   1.00 56.45  ? 498 THR A C   1 
ATOM   10  O  O   . THR A 1 3   ? 10.837  -5.306  5.742   1.00 56.70  ? 498 THR A O   1 
ATOM   11  C  CB  . THR A 1 3   ? 12.685  -2.717  5.321   1.00 56.46  ? 498 THR A CB  1 
ATOM   12  O  OG1 . THR A 1 3   ? 14.044  -2.415  5.602   1.00 59.04  ? 498 THR A OG1 1 
ATOM   13  C  CG2 . THR A 1 3   ? 11.921  -1.417  4.958   1.00 54.11  ? 498 THR A CG2 1 
ATOM   14  N  N   . PRO A 1 4   ? 9.670   -3.410  6.242   1.00 51.75  ? 499 PRO A N   1 
ATOM   15  C  CA  . PRO A 1 4   ? 8.456   -3.920  5.654   1.00 47.42  ? 499 PRO A CA  1 
ATOM   16  C  C   . PRO A 1 4   ? 8.494   -3.812  4.133   1.00 43.08  ? 499 PRO A C   1 
ATOM   17  O  O   . PRO A 1 4   ? 8.984   -2.822  3.596   1.00 40.45  ? 499 PRO A O   1 
ATOM   18  C  CB  . PRO A 1 4   ? 7.386   -2.997  6.230   1.00 48.42  ? 499 PRO A CB  1 
ATOM   19  C  CG  . PRO A 1 4   ? 8.049   -2.259  7.331   1.00 49.03  ? 499 PRO A CG  1 
ATOM   20  C  CD  . PRO A 1 4   ? 9.432   -2.135  6.934   1.00 49.14  ? 499 PRO A CD  1 
ATOM   21  N  N   . HIS A 1 5   ? 7.981   -4.831  3.449   1.00 41.34  ? 500 HIS A N   1 
ATOM   22  C  CA  . HIS A 1 5   ? 7.891   -4.817  1.989   1.00 39.45  ? 500 HIS A CA  1 
ATOM   23  C  C   . HIS A 1 5   ? 6.460   -4.794  1.495   1.00 37.68  ? 500 HIS A C   1 
ATOM   24  O  O   . HIS A 1 5   ? 5.584   -5.421  2.078   1.00 35.57  ? 500 HIS A O   1 
ATOM   25  C  CB  . HIS A 1 5   ? 8.529   -6.062  1.422   1.00 39.35  ? 500 HIS A CB  1 
ATOM   26  C  CG  . HIS A 1 5   ? 9.954   -6.231  1.797   1.00 37.73  ? 500 HIS A CG  1 
ATOM   27  N  ND1 . HIS A 1 5   ? 10.338  -6.618  3.056   1.00 38.55  ? 500 HIS A ND1 1 
ATOM   28  C  CD2 . HIS A 1 5   ? 11.088  -6.090  1.076   1.00 38.29  ? 500 HIS A CD2 1 
ATOM   29  C  CE1 . HIS A 1 5   ? 11.655  -6.689  3.107   1.00 40.35  ? 500 HIS A CE1 1 
ATOM   30  N  NE2 . HIS A 1 5   ? 12.135  -6.380  1.915   1.00 39.80  ? 500 HIS A NE2 1 
ATOM   31  N  N   . LEU A 1 6   ? 6.235   -4.094  0.391   1.00 38.18  ? 501 LEU A N   1 
ATOM   32  C  CA  . LEU A 1 6   ? 4.987   -4.201  -0.354  1.00 36.46  ? 501 LEU A CA  1 
ATOM   33  C  C   . LEU A 1 6   ? 5.314   -4.890  -1.654  1.00 36.33  ? 501 LEU A C   1 
ATOM   34  O  O   . LEU A 1 6   ? 6.064   -4.378  -2.455  1.00 36.87  ? 501 LEU A O   1 
ATOM   35  C  CB  . LEU A 1 6   ? 4.401   -2.833  -0.611  1.00 35.56  ? 501 LEU A CB  1 
ATOM   36  C  CG  . LEU A 1 6   ? 2.947   -2.821  -1.038  1.00 35.37  ? 501 LEU A CG  1 
ATOM   37  C  CD1 . LEU A 1 6   ? 2.057   -3.379  0.061   1.00 31.48  ? 501 LEU A CD1 1 
ATOM   38  C  CD2 . LEU A 1 6   ? 2.573   -1.398  -1.399  1.00 34.18  ? 501 LEU A CD2 1 
ATOM   39  N  N   . VAL A 1 7   ? 4.745   -6.068  -1.844  1.00 38.52  ? 502 VAL A N   1 
ATOM   40  C  CA  . VAL A 1 7   ? 5.156   -6.995  -2.893  1.00 36.61  ? 502 VAL A CA  1 
ATOM   41  C  C   . VAL A 1 7   ? 4.042   -7.113  -3.911  1.00 36.43  ? 502 VAL A C   1 
ATOM   42  O  O   . VAL A 1 7   ? 2.889   -7.283  -3.541  1.00 35.85  ? 502 VAL A O   1 
ATOM   43  C  CB  . VAL A 1 7   ? 5.400   -8.383  -2.273  1.00 36.42  ? 502 VAL A CB  1 
ATOM   44  C  CG1 . VAL A 1 7   ? 5.490   -9.412  -3.344  1.00 33.56  ? 502 VAL A CG1 1 
ATOM   45  C  CG2 . VAL A 1 7   ? 6.669   -8.357  -1.396  1.00 37.33  ? 502 VAL A CG2 1 
ATOM   46  N  N   . ASN A 1 8   ? 4.379   -7.057  -5.191  1.00 37.99  ? 503 ASN A N   1 
ATOM   47  C  CA  . ASN A 1 8   ? 3.365   -7.025  -6.229  1.00 37.94  ? 503 ASN A CA  1 
ATOM   48  C  C   . ASN A 1 8   ? 2.907   -8.433  -6.577  1.00 39.00  ? 503 ASN A C   1 
ATOM   49  O  O   . ASN A 1 8   ? 3.691   -9.230  -7.047  1.00 42.90  ? 503 ASN A O   1 
ATOM   50  C  CB  . ASN A 1 8   ? 3.914   -6.313  -7.456  1.00 37.04  ? 503 ASN A CB  1 
ATOM   51  C  CG  . ASN A 1 8   ? 2.868   -6.117  -8.534  1.00 37.75  ? 503 ASN A CG  1 
ATOM   52  O  OD1 . ASN A 1 8   ? 1.808   -6.739  -8.503  1.00 37.07  ? 503 ASN A OD1 1 
ATOM   53  N  ND2 . ASN A 1 8   ? 3.166   -5.253  -9.502  1.00 36.94  ? 503 ASN A ND2 1 
ATOM   54  N  N   . LEU A 1 9   ? 1.636   -8.745  -6.358  1.00 42.14  ? 504 LEU A N   1 
ATOM   55  C  CA  . LEU A 1 9   ? 1.155   -10.106 -6.620  1.00 44.60  ? 504 LEU A CA  1 
ATOM   56  C  C   . LEU A 1 9   ? 0.577   -10.279 -8.022  1.00 47.46  ? 504 LEU A C   1 
ATOM   57  O  O   . LEU A 1 9   ? 0.220   -11.384 -8.382  1.00 46.81  ? 504 LEU A O   1 
ATOM   58  C  CB  . LEU A 1 9   ? 0.130   -10.561 -5.565  1.00 41.07  ? 504 LEU A CB  1 
ATOM   59  C  CG  . LEU A 1 9   ? 0.620   -10.651 -4.114  1.00 40.13  ? 504 LEU A CG  1 
ATOM   60  C  CD1 . LEU A 1 9   ? -0.503  -11.122 -3.168  1.00 34.64  ? 504 LEU A CD1 1 
ATOM   61  C  CD2 . LEU A 1 9   ? 1.855   -11.521 -3.993  1.00 35.58  ? 504 LEU A CD2 1 
ATOM   62  N  N   . ASN A 1 10  ? 0.503   -9.222  -8.829  1.00 53.32  ? 505 ASN A N   1 
ATOM   63  C  CA  . ASN A 1 10  ? -0.072  -9.364  -10.177 1.00 59.57  ? 505 ASN A CA  1 
ATOM   64  C  C   . ASN A 1 10  ? 0.699   -10.358 -11.019 1.00 63.99  ? 505 ASN A C   1 
ATOM   65  O  O   . ASN A 1 10  ? 1.909   -10.295 -11.070 1.00 64.00  ? 505 ASN A O   1 
ATOM   66  C  CB  . ASN A 1 10  ? -0.130  -8.021  -10.903 1.00 61.39  ? 505 ASN A CB  1 
ATOM   67  C  CG  . ASN A 1 10  ? -1.211  -7.109  -10.351 1.00 62.43  ? 505 ASN A CG  1 
ATOM   68  O  OD1 . ASN A 1 10  ? -0.968  -5.934  -10.083 1.00 61.87  ? 505 ASN A OD1 1 
ATOM   69  N  ND2 . ASN A 1 10  ? -2.417  -7.656  -10.169 1.00 64.61  ? 505 ASN A ND2 1 
ATOM   70  N  N   . GLU A 1 11  ? -0.014  -11.275 -11.680 1.00 72.39  ? 506 GLU A N   1 
ATOM   71  C  CA  . GLU A 1 11  ? 0.623   -12.357 -12.470 1.00 75.84  ? 506 GLU A CA  1 
ATOM   72  C  C   . GLU A 1 11  ? 1.328   -11.839 -13.727 1.00 78.44  ? 506 GLU A C   1 
ATOM   73  O  O   . GLU A 1 11  ? 2.401   -12.316 -14.075 1.00 77.77  ? 506 GLU A O   1 
ATOM   74  C  CB  . GLU A 1 11  ? -0.397  -13.443 -12.843 1.00 79.99  ? 506 GLU A CB  1 
ATOM   75  C  CG  . GLU A 1 11  ? -0.730  -14.420 -11.682 1.00 84.20  ? 506 GLU A CG  1 
ATOM   76  C  CD  . GLU A 1 11  ? 0.283   -15.593 -11.530 1.00 86.65  ? 506 GLU A CD  1 
ATOM   77  O  OE1 . GLU A 1 11  ? 1.483   -15.362 -11.232 1.00 85.90  ? 506 GLU A OE1 1 
ATOM   78  O  OE2 . GLU A 1 11  ? -0.143  -16.758 -11.696 1.00 88.72  ? 506 GLU A OE2 1 
ATOM   79  N  N   . ASP A 1 12  ? 0.724   -10.864 -14.399 1.00 81.75  ? 507 ASP A N   1 
ATOM   80  C  CA  . ASP A 1 12  ? 1.348   -10.220 -15.556 1.00 84.08  ? 507 ASP A CA  1 
ATOM   81  C  C   . ASP A 1 12  ? 1.428   -8.732  -15.315 1.00 84.90  ? 507 ASP A C   1 
ATOM   82  O  O   . ASP A 1 12  ? 0.582   -7.977  -15.789 1.00 86.15  ? 507 ASP A O   1 
ATOM   83  C  CB  . ASP A 1 12  ? 0.552   -10.497 -16.835 1.00 87.21  ? 507 ASP A CB  1 
ATOM   84  C  CG  . ASP A 1 12  ? 0.786   -11.889 -17.372 1.00 88.63  ? 507 ASP A CG  1 
ATOM   85  O  OD1 . ASP A 1 12  ? -0.131  -12.736 -17.249 1.00 89.08  ? 507 ASP A OD1 1 
ATOM   86  O  OD2 . ASP A 1 12  ? 1.898   -12.131 -17.903 1.00 90.06  ? 507 ASP A OD2 1 
ATOM   87  N  N   . PRO A 1 13  ? 2.438   -8.299  -14.560 1.00 84.50  ? 508 PRO A N   1 
ATOM   88  C  CA  . PRO A 1 13  ? 2.611   -6.878  -14.339 1.00 85.64  ? 508 PRO A CA  1 
ATOM   89  C  C   . PRO A 1 13  ? 3.222   -6.232  -15.574 1.00 86.79  ? 508 PRO A C   1 
ATOM   90  O  O   . PRO A 1 13  ? 4.059   -6.861  -16.218 1.00 85.89  ? 508 PRO A O   1 
ATOM   91  C  CB  . PRO A 1 13  ? 3.584   -6.834  -13.163 1.00 84.15  ? 508 PRO A CB  1 
ATOM   92  C  CG  . PRO A 1 13  ? 4.353   -8.091  -13.266 1.00 83.35  ? 508 PRO A CG  1 
ATOM   93  C  CD  . PRO A 1 13  ? 3.473   -9.104  -13.889 1.00 83.41  ? 508 PRO A CD  1 
ATOM   94  N  N   . LEU A 1 14  ? 2.816   -5.001  -15.908 1.00 88.73  ? 509 LEU A N   1 
ATOM   95  C  CA  . LEU A 1 14  ? 3.420   -4.293  -17.056 1.00 90.99  ? 509 LEU A CA  1 
ATOM   96  C  C   . LEU A 1 14  ? 4.917   -4.002  -16.822 1.00 93.34  ? 509 LEU A C   1 
ATOM   97  O  O   . LEU A 1 14  ? 5.417   -4.049  -15.681 1.00 93.01  ? 509 LEU A O   1 
ATOM   98  C  CB  . LEU A 1 14  ? 2.658   -2.993  -17.424 1.00 90.35  ? 509 LEU A CB  1 
ATOM   99  C  CG  . LEU A 1 14  ? 1.943   -2.947  -18.797 1.00 90.00  ? 509 LEU A CG  1 
ATOM   100 C  CD1 . LEU A 1 14  ? 1.302   -1.574  -19.019 1.00 88.20  ? 509 LEU A CD1 1 
ATOM   101 C  CD2 . LEU A 1 14  ? 2.888   -3.295  -19.982 1.00 88.95  ? 509 LEU A CD2 1 
ATOM   102 N  N   . MET A 1 15  ? 5.624   -3.720  -17.917 1.00 95.78  ? 510 MET A N   1 
ATOM   103 C  CA  . MET A 1 15  ? 7.059   -3.418  -17.866 1.00 96.56  ? 510 MET A CA  1 
ATOM   104 C  C   . MET A 1 15  ? 7.315   -2.184  -16.953 1.00 95.84  ? 510 MET A C   1 
ATOM   105 O  O   . MET A 1 15  ? 8.263   -2.161  -16.158 1.00 95.65  ? 510 MET A O   1 
ATOM   106 C  CB  . MET A 1 15  ? 7.600   -3.198  -19.299 1.00 101.50 ? 510 MET A CB  1 
ATOM   107 C  CG  . MET A 1 15  ? 9.041   -3.693  -19.523 1.00 104.94 ? 510 MET A CG  1 
ATOM   108 S  SD  . MET A 1 15  ? 10.326  -2.664  -18.683 1.00 111.20 ? 510 MET A SD  1 
ATOM   109 C  CE  . MET A 1 15  ? 10.272  -1.108  -19.681 1.00 107.38 ? 510 MET A CE  1 
ATOM   110 N  N   . SER A 1 16  ? 6.435   -1.188  -17.070 1.00 93.46  ? 511 SER A N   1 
ATOM   111 C  CA  . SER A 1 16  ? 6.460   0.034   -16.252 1.00 90.61  ? 511 SER A CA  1 
ATOM   112 C  C   . SER A 1 16  ? 6.101   -0.202  -14.778 1.00 88.05  ? 511 SER A C   1 
ATOM   113 O  O   . SER A 1 16  ? 6.478   0.578   -13.898 1.00 88.22  ? 511 SER A O   1 
ATOM   114 C  CB  . SER A 1 16  ? 5.448   1.030   -16.832 1.00 91.64  ? 511 SER A CB  1 
ATOM   115 O  OG  . SER A 1 16  ? 4.143   0.450   -16.890 1.00 91.38  ? 511 SER A OG  1 
ATOM   116 N  N   . GLU A 1 17  ? 5.345   -1.269  -14.538 1.00 84.13  ? 512 GLU A N   1 
ATOM   117 C  CA  . GLU A 1 17  ? 4.793   -1.594  -13.229 1.00 79.99  ? 512 GLU A CA  1 
ATOM   118 C  C   . GLU A 1 17  ? 5.884   -2.082  -12.277 1.00 75.88  ? 512 GLU A C   1 
ATOM   119 O  O   . GLU A 1 17  ? 6.814   -2.793  -12.675 1.00 77.28  ? 512 GLU A O   1 
ATOM   120 C  CB  . GLU A 1 17  ? 3.716   -2.674  -13.393 1.00 81.47  ? 512 GLU A CB  1 
ATOM   121 C  CG  . GLU A 1 17  ? 2.716   -2.781  -12.257 1.00 82.33  ? 512 GLU A CG  1 
ATOM   122 C  CD  . GLU A 1 17  ? 1.588   -3.760  -12.569 1.00 81.89  ? 512 GLU A CD  1 
ATOM   123 O  OE1 . GLU A 1 17  ? 1.322   -4.011  -13.771 1.00 82.17  ? 512 GLU A OE1 1 
ATOM   124 O  OE2 . GLU A 1 17  ? 0.967   -4.275  -11.613 1.00 81.33  ? 512 GLU A OE2 1 
ATOM   125 N  N   . CYS A 1 18  ? 5.734   -1.725  -11.014 1.00 69.60  ? 513 CYS A N   1 
ATOM   126 C  CA  . CYS A 1 18  ? 6.774   -1.902  -10.041 1.00 62.75  ? 513 CYS A CA  1 
ATOM   127 C  C   . CYS A 1 18  ? 6.496   -3.123  -9.177  1.00 54.34  ? 513 CYS A C   1 
ATOM   128 O  O   . CYS A 1 18  ? 5.417   -3.277  -8.629  1.00 51.17  ? 513 CYS A O   1 
ATOM   129 C  CB  . CYS A 1 18  ? 6.824   -0.664  -9.180  1.00 67.61  ? 513 CYS A CB  1 
ATOM   130 S  SG  . CYS A 1 18  ? 8.453   -0.211  -8.616  1.00 77.05  ? 513 CYS A SG  1 
ATOM   131 N  N   . LEU A 1 19  ? 7.493   -3.977  -9.037  1.00 48.04  ? 514 LEU A N   1 
ATOM   132 C  CA  . LEU A 1 19  ? 7.302   -5.301  -8.449  1.00 44.15  ? 514 LEU A CA  1 
ATOM   133 C  C   . LEU A 1 19  ? 7.454   -5.366  -6.932  1.00 39.09  ? 514 LEU A C   1 
ATOM   134 O  O   . LEU A 1 19  ? 6.891   -6.248  -6.308  1.00 38.49  ? 514 LEU A O   1 
ATOM   135 C  CB  . LEU A 1 19  ? 8.267   -6.290  -9.093  1.00 39.32  ? 514 LEU A CB  1 
ATOM   136 C  CG  . LEU A 1 19  ? 8.091   -6.518  -10.601 1.00 39.38  ? 514 LEU A CG  1 
ATOM   137 C  CD1 . LEU A 1 19  ? 9.254   -7.323  -11.160 1.00 36.00  ? 514 LEU A CD1 1 
ATOM   138 C  CD2 . LEU A 1 19  ? 6.756   -7.211  -10.893 1.00 37.38  ? 514 LEU A CD2 1 
ATOM   139 N  N   . LEU A 1 20  ? 8.191   -4.436  -6.346  1.00 38.64  ? 515 LEU A N   1 
ATOM   140 C  CA  . LEU A 1 20  ? 8.492   -4.472  -4.921  1.00 40.29  ? 515 LEU A CA  1 
ATOM   141 C  C   . LEU A 1 20  ? 8.933   -3.103  -4.412  1.00 38.77  ? 515 LEU A C   1 
ATOM   142 O  O   . LEU A 1 20  ? 9.781   -2.481  -5.012  1.00 36.48  ? 515 LEU A O   1 
ATOM   143 C  CB  . LEU A 1 20  ? 9.602   -5.504  -4.659  1.00 39.57  ? 515 LEU A CB  1 
ATOM   144 C  CG  . LEU A 1 20  ? 10.127  -5.676  -3.232  1.00 39.87  ? 515 LEU A CG  1 
ATOM   145 C  CD1 . LEU A 1 20  ? 10.785  -7.019  -3.061  1.00 40.96  ? 515 LEU A CD1 1 
ATOM   146 C  CD2 . LEU A 1 20  ? 11.113  -4.583  -2.880  1.00 42.38  ? 515 LEU A CD2 1 
ATOM   147 N  N   . TYR A 1 21  ? 8.354   -2.657  -3.301  1.00 40.97  ? 516 TYR A N   1 
ATOM   148 C  CA  . TYR A 1 21  ? 8.784   -1.451  -2.601  1.00 42.68  ? 516 TYR A CA  1 
ATOM   149 C  C   . TYR A 1 21  ? 9.078   -1.809  -1.173  1.00 41.11  ? 516 TYR A C   1 
ATOM   150 O  O   . TYR A 1 21  ? 8.333   -2.579  -0.566  1.00 38.80  ? 516 TYR A O   1 
ATOM   151 C  CB  . TYR A 1 21  ? 7.689   -0.397  -2.543  1.00 49.83  ? 516 TYR A CB  1 
ATOM   152 C  CG  . TYR A 1 21  ? 6.991   -0.133  -3.825  1.00 51.61  ? 516 TYR A CG  1 
ATOM   153 C  CD1 . TYR A 1 21  ? 7.392   0.916   -4.653  1.00 53.60  ? 516 TYR A CD1 1 
ATOM   154 C  CD2 . TYR A 1 21  ? 5.912   -0.915  -4.221  1.00 53.29  ? 516 TYR A CD2 1 
ATOM   155 C  CE1 . TYR A 1 21  ? 6.736   1.174   -5.865  1.00 52.54  ? 516 TYR A CE1 1 
ATOM   156 C  CE2 . TYR A 1 21  ? 5.253   -0.673  -5.426  1.00 53.09  ? 516 TYR A CE2 1 
ATOM   157 C  CZ  . TYR A 1 21  ? 5.670   0.375   -6.238  1.00 53.43  ? 516 TYR A CZ  1 
ATOM   158 O  OH  . TYR A 1 21  ? 5.011   0.622   -7.419  1.00 54.36  ? 516 TYR A OH  1 
ATOM   159 N  N   . HIS A 1 22  ? 10.146  -1.235  -0.627  1.00 40.02  ? 517 HIS A N   1 
ATOM   160 C  CA  . HIS A 1 22  ? 10.357  -1.239  0.823   1.00 40.26  ? 517 HIS A CA  1 
ATOM   161 C  C   . HIS A 1 22  ? 9.596   -0.052  1.408   1.00 41.01  ? 517 HIS A C   1 
ATOM   162 O  O   . HIS A 1 22  ? 9.656   1.031   0.870   1.00 43.79  ? 517 HIS A O   1 
ATOM   163 C  CB  . HIS A 1 22  ? 11.838  -1.141  1.164   1.00 33.84  ? 517 HIS A CB  1 
ATOM   164 C  CG  . HIS A 1 22  ? 12.611  -2.383  0.858   1.00 29.57  ? 517 HIS A CG  1 
ATOM   165 N  ND1 . HIS A 1 22  ? 13.318  -2.543  -0.308  1.00 30.27  ? 517 HIS A ND1 1 
ATOM   166 C  CD2 . HIS A 1 22  ? 12.800  -3.523  1.568   1.00 29.00  ? 517 HIS A CD2 1 
ATOM   167 C  CE1 . HIS A 1 22  ? 13.911  -3.728  -0.308  1.00 29.22  ? 517 HIS A CE1 1 
ATOM   168 N  NE2 . HIS A 1 22  ? 13.615  -4.342  0.821   1.00 25.95  ? 517 HIS A NE2 1 
ATOM   169 N  N   . ILE A 1 23  ? 8.858   -0.268  2.488   1.00 42.57  ? 518 ILE A N   1 
ATOM   170 C  CA  . ILE A 1 23  ? 8.152   0.822   3.151   1.00 44.06  ? 518 ILE A CA  1 
ATOM   171 C  C   . ILE A 1 23  ? 9.028   1.426   4.236   1.00 45.85  ? 518 ILE A C   1 
ATOM   172 O  O   . ILE A 1 23  ? 9.286   0.819   5.282   1.00 45.93  ? 518 ILE A O   1 
ATOM   173 C  CB  . ILE A 1 23  ? 6.827   0.368   3.742   1.00 43.99  ? 518 ILE A CB  1 
ATOM   174 C  CG1 . ILE A 1 23  ? 5.919   -0.077  2.601   1.00 42.87  ? 518 ILE A CG1 1 
ATOM   175 C  CG2 . ILE A 1 23  ? 6.168   1.512   4.584   1.00 40.68  ? 518 ILE A CG2 1 
ATOM   176 C  CD1 . ILE A 1 23  ? 4.950   -1.097  3.024   1.00 45.07  ? 518 ILE A CD1 1 
ATOM   177 N  N   . LYS A 1 24  ? 9.472   2.642   3.961   1.00 48.81  ? 519 LYS A N   1 
ATOM   178 C  CA  . LYS A 1 24  ? 10.380  3.348   4.832   1.00 49.89  ? 519 LYS A CA  1 
ATOM   179 C  C   . LYS A 1 24  ? 9.657   4.107   5.941   1.00 49.58  ? 519 LYS A C   1 
ATOM   180 O  O   . LYS A 1 24  ? 8.439   4.346   5.868   1.00 47.56  ? 519 LYS A O   1 
ATOM   181 C  CB  . LYS A 1 24  ? 11.238  4.282   3.988   1.00 54.05  ? 519 LYS A CB  1 
ATOM   182 C  CG  . LYS A 1 24  ? 12.310  3.497   3.235   1.00 57.02  ? 519 LYS A CG  1 
ATOM   183 C  CD  . LYS A 1 24  ? 12.413  3.883   1.773   1.00 59.12  ? 519 LYS A CD  1 
ATOM   184 C  CE  . LYS A 1 24  ? 13.274  2.859   1.005   1.00 59.95  ? 519 LYS A CE  1 
ATOM   185 N  NZ  . LYS A 1 24  ? 13.204  3.061   -0.483  1.00 61.16  ? 519 LYS A NZ  1 
ATOM   186 N  N   . ASP A 1 25  ? 10.428  4.447   6.976   1.00 47.65  ? 520 ASP A N   1 
ATOM   187 C  CA  . ASP A 1 25  ? 9.953   5.239   8.090   1.00 44.62  ? 520 ASP A CA  1 
ATOM   188 C  C   . ASP A 1 25  ? 9.234   6.472   7.546   1.00 40.10  ? 520 ASP A C   1 
ATOM   189 O  O   . ASP A 1 25  ? 9.647   7.038   6.567   1.00 39.63  ? 520 ASP A O   1 
ATOM   190 C  CB  . ASP A 1 25  ? 11.124  5.637   8.978   1.00 47.21  ? 520 ASP A CB  1 
ATOM   191 C  CG  . ASP A 1 25  ? 10.675  6.315   10.267  1.00 52.20  ? 520 ASP A CG  1 
ATOM   192 O  OD1 . ASP A 1 25  ? 9.884   5.695   11.037  1.00 57.02  ? 520 ASP A OD1 1 
ATOM   193 O  OD2 . ASP A 1 25  ? 11.105  7.471   10.516  1.00 54.90  ? 520 ASP A OD2 1 
ATOM   194 N  N   . GLY A 1 26  ? 8.122   6.850   8.147   1.00 37.76  ? 521 GLY A N   1 
ATOM   195 C  CA  . GLY A 1 26  ? 7.357   7.990   7.649   1.00 39.12  ? 521 GLY A CA  1 
ATOM   196 C  C   . GLY A 1 26  ? 6.166   7.638   6.772   1.00 37.86  ? 521 GLY A C   1 
ATOM   197 O  O   . GLY A 1 26  ? 5.633   6.541   6.834   1.00 39.26  ? 521 GLY A O   1 
ATOM   198 N  N   . VAL A 1 27  ? 5.766   8.595   5.955   1.00 38.28  ? 522 VAL A N   1 
ATOM   199 C  CA  . VAL A 1 27  ? 4.588   8.503   5.128   1.00 39.20  ? 522 VAL A CA  1 
ATOM   200 C  C   . VAL A 1 27  ? 4.996   8.134   3.724   1.00 42.62  ? 522 VAL A C   1 
ATOM   201 O  O   . VAL A 1 27  ? 5.766   8.862   3.134   1.00 48.04  ? 522 VAL A O   1 
ATOM   202 C  CB  . VAL A 1 27  ? 3.880   9.868   5.066   1.00 35.68  ? 522 VAL A CB  1 
ATOM   203 C  CG1 . VAL A 1 27  ? 2.726   9.836   4.088   1.00 39.24  ? 522 VAL A CG1 1 
ATOM   204 C  CG2 . VAL A 1 27  ? 3.396   10.268  6.432   1.00 29.73  ? 522 VAL A CG2 1 
ATOM   205 N  N   . THR A 1 28  ? 4.499   7.005   3.198   1.00 44.26  ? 523 THR A N   1 
ATOM   206 C  CA  . THR A 1 28  ? 4.558   6.704   1.760   1.00 43.48  ? 523 THR A CA  1 
ATOM   207 C  C   . THR A 1 28  ? 3.196   6.934   1.120   1.00 46.63  ? 523 THR A C   1 
ATOM   208 O  O   . THR A 1 28  ? 2.255   6.210   1.406   1.00 49.81  ? 523 THR A O   1 
ATOM   209 C  CB  . THR A 1 28  ? 4.928   5.263   1.501   1.00 42.74  ? 523 THR A CB  1 
ATOM   210 O  OG1 . THR A 1 28  ? 6.135   4.953   2.199   1.00 41.72  ? 523 THR A OG1 1 
ATOM   211 C  CG2 . THR A 1 28  ? 5.103   5.018   -0.012  1.00 41.33  ? 523 THR A CG2 1 
ATOM   212 N  N   . ARG A 1 29  ? 3.098   7.932   0.250   1.00 49.65  ? 524 ARG A N   1 
ATOM   213 C  CA  . ARG A 1 29  ? 1.847   8.264   -0.447  1.00 49.59  ? 524 ARG A CA  1 
ATOM   214 C  C   . ARG A 1 29  ? 1.693   7.447   -1.711  1.00 49.76  ? 524 ARG A C   1 
ATOM   215 O  O   . ARG A 1 29  ? 2.649   7.330   -2.495  1.00 48.61  ? 524 ARG A O   1 
ATOM   216 C  CB  . ARG A 1 29  ? 1.823   9.746   -0.793  1.00 51.97  ? 524 ARG A CB  1 
ATOM   217 C  CG  . ARG A 1 29  ? 1.564   10.599  0.420   1.00 54.14  ? 524 ARG A CG  1 
ATOM   218 C  CD  . ARG A 1 29  ? 2.262   11.966  0.390   1.00 56.19  ? 524 ARG A CD  1 
ATOM   219 N  NE  . ARG A 1 29  ? 2.283   12.585  1.729   1.00 57.16  ? 524 ARG A NE  1 
ATOM   220 C  CZ  . ARG A 1 29  ? 1.206   13.059  2.374   1.00 60.04  ? 524 ARG A CZ  1 
ATOM   221 N  NH1 . ARG A 1 29  ? -0.017  13.006  1.822   1.00 60.06  ? 524 ARG A NH1 1 
ATOM   222 N  NH2 . ARG A 1 29  ? 1.339   13.593  3.592   1.00 59.85  ? 524 ARG A NH2 1 
ATOM   223 N  N   . VAL A 1 30  ? 0.494   6.879   -1.910  1.00 48.01  ? 525 VAL A N   1 
ATOM   224 C  CA  . VAL A 1 30  ? 0.201   6.040   -3.092  1.00 47.65  ? 525 VAL A CA  1 
ATOM   225 C  C   . VAL A 1 30  ? -0.864  6.684   -3.974  1.00 47.18  ? 525 VAL A C   1 
ATOM   226 O  O   . VAL A 1 30  ? -1.898  7.126   -3.493  1.00 46.61  ? 525 VAL A O   1 
ATOM   227 C  CB  . VAL A 1 30  ? -0.269  4.633   -2.697  1.00 43.58  ? 525 VAL A CB  1 
ATOM   228 C  CG1 . VAL A 1 30  ? -0.536  3.810   -3.929  1.00 42.36  ? 525 VAL A CG1 1 
ATOM   229 C  CG2 . VAL A 1 30  ? 0.757   3.953   -1.825  1.00 42.05  ? 525 VAL A CG2 1 
ATOM   230 N  N   . GLY A 1 31  ? -0.608  6.734   -5.270  1.00 50.69  ? 526 GLY A N   1 
ATOM   231 C  CA  . GLY A 1 31  ? -1.559  7.333   -6.201  1.00 55.23  ? 526 GLY A CA  1 
ATOM   232 C  C   . GLY A 1 31  ? -0.983  7.570   -7.587  1.00 57.44  ? 526 GLY A C   1 
ATOM   233 O  O   . GLY A 1 31  ? -0.096  6.850   -8.039  1.00 55.24  ? 526 GLY A O   1 
ATOM   234 N  N   . GLN A 1 32  ? -1.503  8.585   -8.263  1.00 63.07  ? 527 GLN A N   1 
ATOM   235 C  CA  . GLN A 1 32  ? -1.138  8.854   -9.652  1.00 67.15  ? 527 GLN A CA  1 
ATOM   236 C  C   . GLN A 1 32  ? -0.341  10.133  -9.759  1.00 69.39  ? 527 GLN A C   1 
ATOM   237 O  O   . GLN A 1 32  ? 0.715   10.152  -10.371 1.00 71.85  ? 527 GLN A O   1 
ATOM   238 C  CB  . GLN A 1 32  ? -2.395  8.939   -10.527 1.00 68.39  ? 527 GLN A CB  1 
ATOM   239 C  CG  . GLN A 1 32  ? -2.859  7.589   -11.069 1.00 69.60  ? 527 GLN A CG  1 
ATOM   240 C  CD  . GLN A 1 32  ? -4.231  7.647   -11.735 1.00 70.48  ? 527 GLN A CD  1 
ATOM   241 O  OE1 . GLN A 1 32  ? -4.880  8.704   -11.762 1.00 71.35  ? 527 GLN A OE1 1 
ATOM   242 N  NE2 . GLN A 1 32  ? -4.692  6.500   -12.253 1.00 69.29  ? 527 GLN A NE2 1 
ATOM   243 N  N   . VAL A 1 33  ? -0.855  11.198  -9.161  1.00 71.86  ? 528 VAL A N   1 
ATOM   244 C  CA  . VAL A 1 33  ? -0.249  12.514  -9.291  1.00 73.42  ? 528 VAL A CA  1 
ATOM   245 C  C   . VAL A 1 33  ? 0.616   12.852  -8.080  1.00 74.92  ? 528 VAL A C   1 
ATOM   246 O  O   . VAL A 1 33  ? 0.096   13.252  -7.021  1.00 73.95  ? 528 VAL A O   1 
ATOM   247 C  CB  . VAL A 1 33  ? -1.330  13.615  -9.493  1.00 74.31  ? 528 VAL A CB  1 
ATOM   248 C  CG1 . VAL A 1 33  ? -0.705  15.020  -9.454  1.00 72.11  ? 528 VAL A CG1 1 
ATOM   249 C  CG2 . VAL A 1 33  ? -2.078  13.381  -10.818 1.00 74.63  ? 528 VAL A CG2 1 
ATOM   250 N  N   . ASP A 1 34  ? 1.932   12.679  -8.261  1.00 76.01  ? 529 ASP A N   1 
ATOM   251 C  CA  . ASP A 1 34  ? 2.975   13.214  -7.345  1.00 76.02  ? 529 ASP A CA  1 
ATOM   252 C  C   . ASP A 1 34  ? 3.007   12.440  -6.040  1.00 74.46  ? 529 ASP A C   1 
ATOM   253 O  O   . ASP A 1 34  ? 2.728   12.979  -4.952  1.00 72.08  ? 529 ASP A O   1 
ATOM   254 C  CB  . ASP A 1 34  ? 2.812   14.730  -7.098  1.00 79.42  ? 529 ASP A CB  1 
ATOM   255 C  CG  . ASP A 1 34  ? 2.778   15.537  -8.402  1.00 81.62  ? 529 ASP A CG  1 
ATOM   256 O  OD1 . ASP A 1 34  ? 3.518   15.176  -9.350  1.00 81.66  ? 529 ASP A OD1 1 
ATOM   257 O  OD2 . ASP A 1 34  ? 2.005   16.524  -8.476  1.00 83.26  ? 529 ASP A OD2 1 
ATOM   258 N  N   . MET A 1 35  ? 3.372   11.167  -6.187  1.00 71.44  ? 530 MET A N   1 
ATOM   259 C  CA  . MET A 1 35  ? 3.274   10.188  -5.129  1.00 69.32  ? 530 MET A CA  1 
ATOM   260 C  C   . MET A 1 35  ? 4.587   9.448   -4.984  1.00 65.51  ? 530 MET A C   1 
ATOM   261 O  O   . MET A 1 35  ? 5.430   9.500   -5.855  1.00 66.22  ? 530 MET A O   1 
ATOM   262 C  CB  . MET A 1 35  ? 2.141   9.212   -5.469  1.00 71.58  ? 530 MET A CB  1 
ATOM   263 C  CG  . MET A 1 35  ? 0.790   9.914   -5.613  1.00 72.91  ? 530 MET A CG  1 
ATOM   264 S  SD  . MET A 1 35  ? 0.231   10.651  -4.052  1.00 75.19  ? 530 MET A SD  1 
ATOM   265 C  CE  . MET A 1 35  ? -0.212  12.344  -4.496  1.00 72.30  ? 530 MET A CE  1 
ATOM   266 N  N   . ASP A 1 36  ? 4.755   8.755   -3.875  1.00 61.56  ? 531 ASP A N   1 
ATOM   267 C  CA  . ASP A 1 36  ? 5.941   7.961   -3.659  1.00 59.11  ? 531 ASP A CA  1 
ATOM   268 C  C   . ASP A 1 36  ? 5.779   6.630   -4.384  1.00 57.18  ? 531 ASP A C   1 
ATOM   269 O  O   . ASP A 1 36  ? 6.749   6.074   -4.877  1.00 58.24  ? 531 ASP A O   1 
ATOM   270 C  CB  . ASP A 1 36  ? 6.193   7.792   -2.158  1.00 59.92  ? 531 ASP A CB  1 
ATOM   271 C  CG  . ASP A 1 36  ? 6.149   9.137   -1.406  1.00 62.15  ? 531 ASP A CG  1 
ATOM   272 O  OD1 . ASP A 1 36  ? 6.940   10.038  -1.744  1.00 64.69  ? 531 ASP A OD1 1 
ATOM   273 O  OD2 . ASP A 1 36  ? 5.310   9.315   -0.498  1.00 62.27  ? 531 ASP A OD2 1 
ATOM   274 N  N   . ILE A 1 37  ? 4.552   6.117   -4.464  1.00 56.07  ? 532 ILE A N   1 
ATOM   275 C  CA  . ILE A 1 37  ? 4.275   4.948   -5.301  1.00 54.56  ? 532 ILE A CA  1 
ATOM   276 C  C   . ILE A 1 37  ? 3.221   5.329   -6.325  1.00 55.45  ? 532 ILE A C   1 
ATOM   277 O  O   . ILE A 1 37  ? 2.138   5.774   -5.963  1.00 57.46  ? 532 ILE A O   1 
ATOM   278 C  CB  . ILE A 1 37  ? 3.778   3.766   -4.500  1.00 53.36  ? 532 ILE A CB  1 
ATOM   279 C  CG1 . ILE A 1 37  ? 4.796   3.396   -3.413  1.00 51.89  ? 532 ILE A CG1 1 
ATOM   280 C  CG2 . ILE A 1 37  ? 3.542   2.599   -5.436  1.00 53.85  ? 532 ILE A CG2 1 
ATOM   281 C  CD1 . ILE A 1 37  ? 4.311   2.379   -2.421  1.00 49.20  ? 532 ILE A CD1 1 
ATOM   282 N  N   . LYS A 1 38  ? 3.554   5.171   -7.604  1.00 56.25  ? 533 LYS A N   1 
ATOM   283 C  CA  . LYS A 1 38  ? 2.661   5.555   -8.693  1.00 55.76  ? 533 LYS A CA  1 
ATOM   284 C  C   . LYS A 1 38  ? 1.980   4.315   -9.249  1.00 52.95  ? 533 LYS A C   1 
ATOM   285 O  O   . LYS A 1 38  ? 2.650   3.368   -9.643  1.00 51.04  ? 533 LYS A O   1 
ATOM   286 C  CB  . LYS A 1 38  ? 3.450   6.243   -9.799  1.00 58.45  ? 533 LYS A CB  1 
ATOM   287 C  CG  . LYS A 1 38  ? 2.604   6.781   -10.957 1.00 59.77  ? 533 LYS A CG  1 
ATOM   288 C  CD  . LYS A 1 38  ? 3.377   6.695   -12.304 1.00 60.94  ? 533 LYS A CD  1 
ATOM   289 C  CE  . LYS A 1 38  ? 2.782   7.614   -13.386 1.00 62.56  ? 533 LYS A CE  1 
ATOM   290 N  NZ  . LYS A 1 38  ? 2.448   9.007   -12.864 1.00 63.43  ? 533 LYS A NZ  1 
ATOM   291 N  N   . LEU A 1 39  ? 0.651   4.312   -9.257  1.00 52.02  ? 534 LEU A N   1 
ATOM   292 C  CA  . LEU A 1 39  ? -0.124  3.200   -9.830  1.00 51.53  ? 534 LEU A CA  1 
ATOM   293 C  C   . LEU A 1 39  ? -1.065  3.780   -10.861 1.00 49.76  ? 534 LEU A C   1 
ATOM   294 O  O   . LEU A 1 39  ? -1.657  4.842   -10.634 1.00 50.15  ? 534 LEU A O   1 
ATOM   295 C  CB  . LEU A 1 39  ? -0.909  2.466   -8.742  1.00 51.50  ? 534 LEU A CB  1 
ATOM   296 C  CG  . LEU A 1 39  ? -0.072  1.853   -7.619  1.00 51.52  ? 534 LEU A CG  1 
ATOM   297 C  CD1 . LEU A 1 39  ? -0.965  1.227   -6.544  1.00 49.83  ? 534 LEU A CD1 1 
ATOM   298 C  CD2 . LEU A 1 39  ? 0.892   0.831   -8.205  1.00 51.23  ? 534 LEU A CD2 1 
ATOM   299 N  N   . THR A 1 40  ? -1.210  3.101   -11.994 1.00 48.12  ? 535 THR A N   1 
ATOM   300 C  CA  . THR A 1 40  ? -1.879  3.723   -13.146 1.00 48.78  ? 535 THR A CA  1 
ATOM   301 C  C   . THR A 1 40  ? -3.309  3.287   -13.418 1.00 47.85  ? 535 THR A C   1 
ATOM   302 O  O   . THR A 1 40  ? -4.014  3.982   -14.110 1.00 53.91  ? 535 THR A O   1 
ATOM   303 C  CB  . THR A 1 40  ? -1.069  3.511   -14.422 1.00 48.29  ? 535 THR A CB  1 
ATOM   304 O  OG1 . THR A 1 40  ? -0.529  2.179   -14.415 1.00 48.59  ? 535 THR A OG1 1 
ATOM   305 C  CG2 . THR A 1 40  ? 0.063   4.570   -14.520 1.00 45.52  ? 535 THR A CG2 1 
ATOM   306 N  N   . GLY A 1 41  ? -3.740  2.150   -12.902 1.00 46.56  ? 536 GLY A N   1 
ATOM   307 C  CA  . GLY A 1 41  ? -5.131  1.714   -13.066 1.00 46.87  ? 536 GLY A CA  1 
ATOM   308 C  C   . GLY A 1 41  ? -6.223  2.793   -13.101 1.00 46.62  ? 536 GLY A C   1 
ATOM   309 O  O   . GLY A 1 41  ? -6.126  3.862   -12.489 1.00 47.37  ? 536 GLY A O   1 
ATOM   310 N  N   . GLN A 1 42  ? -7.286  2.484   -13.817 1.00 47.39  ? 537 GLN A N   1 
ATOM   311 C  CA  . GLN A 1 42  ? -8.420  3.386   -13.983 1.00 45.96  ? 537 GLN A CA  1 
ATOM   312 C  C   . GLN A 1 42  ? -9.076  3.816   -12.659 1.00 46.23  ? 537 GLN A C   1 
ATOM   313 O  O   . GLN A 1 42  ? -9.632  4.914   -12.566 1.00 44.63  ? 537 GLN A O   1 
ATOM   314 C  CB  . GLN A 1 42  ? -9.450  2.678   -14.850 1.00 46.72  ? 537 GLN A CB  1 
ATOM   315 C  CG  . GLN A 1 42  ? -10.665 3.515   -15.246 1.00 47.82  ? 537 GLN A CG  1 
ATOM   316 C  CD  . GLN A 1 42  ? -11.773 2.660   -15.823 1.00 45.04  ? 537 GLN A CD  1 
ATOM   317 O  OE1 . GLN A 1 42  ? -11.548 1.507   -16.160 1.00 43.79  ? 537 GLN A OE1 1 
ATOM   318 N  NE2 . GLN A 1 42  ? -12.968 3.219   -15.943 1.00 43.20  ? 537 GLN A NE2 1 
ATOM   319 N  N   . PHE A 1 43  ? -9.019  2.953   -11.646 1.00 46.61  ? 538 PHE A N   1 
ATOM   320 C  CA  . PHE A 1 43  ? -9.650  3.235   -10.354 1.00 46.05  ? 538 PHE A CA  1 
ATOM   321 C  C   . PHE A 1 43  ? -8.692  3.757   -9.288  1.00 46.18  ? 538 PHE A C   1 
ATOM   322 O  O   . PHE A 1 43  ? -9.102  3.982   -8.137  1.00 46.07  ? 538 PHE A O   1 
ATOM   323 C  CB  . PHE A 1 43  ? -10.405 1.993   -9.876  1.00 47.24  ? 538 PHE A CB  1 
ATOM   324 C  CG  . PHE A 1 43  ? -11.490 1.594   -10.811 1.00 47.81  ? 538 PHE A CG  1 
ATOM   325 C  CD1 . PHE A 1 43  ? -11.334 0.519   -11.668 1.00 49.36  ? 538 PHE A CD1 1 
ATOM   326 C  CD2 . PHE A 1 43  ? -12.649 2.358   -10.905 1.00 48.24  ? 538 PHE A CD2 1 
ATOM   327 C  CE1 . PHE A 1 43  ? -12.338 0.186   -12.578 1.00 48.77  ? 538 PHE A CE1 1 
ATOM   328 C  CE2 . PHE A 1 43  ? -13.654 2.029   -11.803 1.00 47.87  ? 538 PHE A CE2 1 
ATOM   329 C  CZ  . PHE A 1 43  ? -13.497 0.943   -12.639 1.00 48.36  ? 538 PHE A CZ  1 
ATOM   330 N  N   . ILE A 1 44  ? -7.428  3.963   -9.659  1.00 44.18  ? 539 ILE A N   1 
ATOM   331 C  CA  . ILE A 1 44  ? -6.467  4.565   -8.741  1.00 44.60  ? 539 ILE A CA  1 
ATOM   332 C  C   . ILE A 1 44  ? -6.661  6.072   -8.780  1.00 44.38  ? 539 ILE A C   1 
ATOM   333 O  O   . ILE A 1 44  ? -6.522  6.666   -9.821  1.00 44.64  ? 539 ILE A O   1 
ATOM   334 C  CB  . ILE A 1 44  ? -5.023  4.232   -9.116  1.00 41.55  ? 539 ILE A CB  1 
ATOM   335 C  CG1 . ILE A 1 44  ? -4.782  2.705   -9.121  1.00 41.59  ? 539 ILE A CG1 1 
ATOM   336 C  CG2 . ILE A 1 44  ? -4.085  4.909   -8.172  1.00 42.40  ? 539 ILE A CG2 1 
ATOM   337 C  CD1 . ILE A 1 44  ? -5.041  1.999   -7.789  1.00 39.36  ? 539 ILE A CD1 1 
ATOM   338 N  N   . ARG A 1 45  ? -7.004  6.680   -7.644  1.00 48.71  ? 540 ARG A N   1 
ATOM   339 C  CA  . ARG A 1 45  ? -7.168  8.144   -7.545  1.00 51.41  ? 540 ARG A CA  1 
ATOM   340 C  C   . ARG A 1 45  ? -5.812  8.833   -7.521  1.00 51.82  ? 540 ARG A C   1 
ATOM   341 O  O   . ARG A 1 45  ? -4.770  8.175   -7.421  1.00 52.49  ? 540 ARG A O   1 
ATOM   342 C  CB  . ARG A 1 45  ? -7.952  8.516   -6.292  1.00 54.50  ? 540 ARG A CB  1 
ATOM   343 C  CG  . ARG A 1 45  ? -9.303  7.828   -6.186  1.00 59.00  ? 540 ARG A CG  1 
ATOM   344 C  CD  . ARG A 1 45  ? -10.316 8.373   -7.210  1.00 64.17  ? 540 ARG A CD  1 
ATOM   345 N  NE  . ARG A 1 45  ? -11.232 7.315   -7.659  1.00 65.99  ? 540 ARG A NE  1 
ATOM   346 C  CZ  . ARG A 1 45  ? -11.301 6.808   -8.904  1.00 69.43  ? 540 ARG A CZ  1 
ATOM   347 N  NH1 . ARG A 1 45  ? -10.504 7.229   -9.893  1.00 71.27  ? 540 ARG A NH1 1 
ATOM   348 N  NH2 . ARG A 1 45  ? -12.185 5.848   -9.175  1.00 68.98  ? 540 ARG A NH2 1 
ATOM   349 N  N   . GLU A 1 46  ? -5.812  10.155  -7.622  1.00 53.23  ? 541 GLU A N   1 
ATOM   350 C  CA  . GLU A 1 46  ? -4.545  10.900  -7.652  1.00 55.63  ? 541 GLU A CA  1 
ATOM   351 C  C   . GLU A 1 46  ? -3.805  10.705  -6.349  1.00 52.98  ? 541 GLU A C   1 
ATOM   352 O  O   . GLU A 1 46  ? -2.615  10.422  -6.354  1.00 52.05  ? 541 GLU A O   1 
ATOM   353 C  CB  . GLU A 1 46  ? -4.780  12.380  -7.909  1.00 59.06  ? 541 GLU A CB  1 
ATOM   354 C  CG  . GLU A 1 46  ? -5.116  12.693  -9.359  1.00 62.97  ? 541 GLU A CG  1 
ATOM   355 C  CD  . GLU A 1 46  ? -5.699  14.105  -9.557  1.00 65.55  ? 541 GLU A CD  1 
ATOM   356 O  OE1 . GLU A 1 46  ? -6.188  14.381  -10.676 1.00 69.82  ? 541 GLU A OE1 1 
ATOM   357 O  OE2 . GLU A 1 46  ? -5.689  14.933  -8.606  1.00 70.11  ? 541 GLU A OE2 1 
ATOM   358 N  N   . GLN A 1 47  ? -4.532  10.876  -5.245  1.00 51.28  ? 542 GLN A N   1 
ATOM   359 C  CA  . GLN A 1 47  ? -4.094  10.455  -3.922  1.00 51.01  ? 542 GLN A CA  1 
ATOM   360 C  C   . GLN A 1 47  ? -4.936  9.247   -3.531  1.00 46.73  ? 542 GLN A C   1 
ATOM   361 O  O   . GLN A 1 47  ? -6.055  9.407   -3.062  1.00 44.31  ? 542 GLN A O   1 
ATOM   362 C  CB  . GLN A 1 47  ? -4.315  11.574  -2.879  1.00 55.82  ? 542 GLN A CB  1 
ATOM   363 C  CG  . GLN A 1 47  ? -3.392  12.808  -2.978  1.00 60.38  ? 542 GLN A CG  1 
ATOM   364 C  CD  . GLN A 1 47  ? -3.876  13.882  -3.998  1.00 64.71  ? 542 GLN A CD  1 
ATOM   365 O  OE1 . GLN A 1 47  ? -4.962  14.471  -3.848  1.00 67.98  ? 542 GLN A OE1 1 
ATOM   366 N  NE2 . GLN A 1 47  ? -3.048  14.142  -5.027  1.00 66.66  ? 542 GLN A NE2 1 
ATOM   367 N  N   . HIS A 1 48  ? -4.420  8.039   -3.720  1.00 43.28  ? 543 HIS A N   1 
ATOM   368 C  CA  . HIS A 1 48  ? -5.221  6.840   -3.414  1.00 42.89  ? 543 HIS A CA  1 
ATOM   369 C  C   . HIS A 1 48  ? -5.275  6.491   -1.915  1.00 42.20  ? 543 HIS A C   1 
ATOM   370 O  O   . HIS A 1 48  ? -6.355  6.357   -1.321  1.00 40.21  ? 543 HIS A O   1 
ATOM   371 C  CB  . HIS A 1 48  ? -4.724  5.634   -4.201  1.00 41.40  ? 543 HIS A CB  1 
ATOM   372 C  CG  . HIS A 1 48  ? -5.738  4.549   -4.307  1.00 41.05  ? 543 HIS A CG  1 
ATOM   373 N  ND1 . HIS A 1 48  ? -6.742  4.573   -5.245  1.00 38.54  ? 543 HIS A ND1 1 
ATOM   374 C  CD2 . HIS A 1 48  ? -5.939  3.438   -3.561  1.00 41.16  ? 543 HIS A CD2 1 
ATOM   375 C  CE1 . HIS A 1 48  ? -7.501  3.504   -5.092  1.00 41.10  ? 543 HIS A CE1 1 
ATOM   376 N  NE2 . HIS A 1 48  ? -7.038  2.800   -4.076  1.00 41.17  ? 543 HIS A NE2 1 
ATOM   377 N  N   . CYS A 1 49  ? -4.100  6.330   -1.321  1.00 40.60  ? 544 CYS A N   1 
ATOM   378 C  CA  . CYS A 1 49  ? -3.988  6.053   0.098   1.00 39.24  ? 544 CYS A CA  1 
ATOM   379 C  C   . CYS A 1 49  ? -2.553  6.305   0.544   1.00 37.72  ? 544 CYS A C   1 
ATOM   380 O  O   . CYS A 1 49  ? -1.703  6.607   -0.277  1.00 38.49  ? 544 CYS A O   1 
ATOM   381 C  CB  . CYS A 1 49  ? -4.353  4.598   0.362   1.00 38.11  ? 544 CYS A CB  1 
ATOM   382 S  SG  . CYS A 1 49  ? -3.174  3.441   -0.345  1.00 37.69  ? 544 CYS A SG  1 
ATOM   383 N  N   . LEU A 1 50  ? -2.269  6.166   1.833   1.00 38.33  ? 545 LEU A N   1 
ATOM   384 C  CA  . LEU A 1 50  ? -0.891  6.261   2.280   1.00 38.18  ? 545 LEU A CA  1 
ATOM   385 C  C   . LEU A 1 50  ? -0.541  5.298   3.388   1.00 35.83  ? 545 LEU A C   1 
ATOM   386 O  O   . LEU A 1 50  ? -1.376  4.928   4.188   1.00 36.38  ? 545 LEU A O   1 
ATOM   387 C  CB  . LEU A 1 50  ? -0.571  7.688   2.679   1.00 39.50  ? 545 LEU A CB  1 
ATOM   388 C  CG  . LEU A 1 50  ? -1.353  8.280   3.825   1.00 40.07  ? 545 LEU A CG  1 
ATOM   389 C  CD1 . LEU A 1 50  ? -0.613  8.027   5.120   1.00 41.94  ? 545 LEU A CD1 1 
ATOM   390 C  CD2 . LEU A 1 50  ? -1.495  9.757   3.570   1.00 37.86  ? 545 LEU A CD2 1 
ATOM   391 N  N   . PHE A 1 51  ? 0.709   4.864   3.383   1.00 35.64  ? 546 PHE A N   1 
ATOM   392 C  CA  . PHE A 1 51  ? 1.258   4.070   4.459   1.00 38.16  ? 546 PHE A CA  1 
ATOM   393 C  C   . PHE A 1 51  ? 1.982   4.970   5.478   1.00 38.85  ? 546 PHE A C   1 
ATOM   394 O  O   . PHE A 1 51  ? 2.679   5.928   5.100   1.00 35.73  ? 546 PHE A O   1 
ATOM   395 C  CB  . PHE A 1 51  ? 2.250   3.070   3.894   1.00 39.83  ? 546 PHE A CB  1 
ATOM   396 C  CG  . PHE A 1 51  ? 1.647   2.075   2.944   1.00 40.11  ? 546 PHE A CG  1 
ATOM   397 C  CD1 . PHE A 1 51  ? 1.510   2.372   1.592   1.00 42.29  ? 546 PHE A CD1 1 
ATOM   398 C  CD2 . PHE A 1 51  ? 1.242   0.832   3.386   1.00 40.54  ? 546 PHE A CD2 1 
ATOM   399 C  CE1 . PHE A 1 51  ? 0.973   1.438   0.695   1.00 39.80  ? 546 PHE A CE1 1 
ATOM   400 C  CE2 . PHE A 1 51  ? 0.700   -0.099  2.503   1.00 40.45  ? 546 PHE A CE2 1 
ATOM   401 C  CZ  . PHE A 1 51  ? 0.566   0.211   1.160   1.00 40.20  ? 546 PHE A CZ  1 
ATOM   402 N  N   . ARG A 1 52  ? 1.800   4.678   6.766   1.00 38.71  ? 547 ARG A N   1 
ATOM   403 C  CA  . ARG A 1 52  ? 2.621   5.298   7.822   1.00 38.60  ? 547 ARG A CA  1 
ATOM   404 C  C   . ARG A 1 52  ? 3.443   4.259   8.519   1.00 37.42  ? 547 ARG A C   1 
ATOM   405 O  O   . ARG A 1 52  ? 2.904   3.279   9.023   1.00 36.12  ? 547 ARG A O   1 
ATOM   406 C  CB  . ARG A 1 52  ? 1.777   5.946   8.877   1.00 37.85  ? 547 ARG A CB  1 
ATOM   407 C  CG  . ARG A 1 52  ? 1.428   7.302   8.580   1.00 39.02  ? 547 ARG A CG  1 
ATOM   408 C  CD  . ARG A 1 52  ? 0.472   7.834   9.623   1.00 42.65  ? 547 ARG A CD  1 
ATOM   409 N  NE  . ARG A 1 52  ? -0.368  8.791   8.956   1.00 44.85  ? 547 ARG A NE  1 
ATOM   410 C  CZ  . ARG A 1 52  ? 0.036   10.005  8.628   1.00 45.99  ? 547 ARG A CZ  1 
ATOM   411 N  NH1 . ARG A 1 52  ? 1.269   10.417  8.929   1.00 44.79  ? 547 ARG A NH1 1 
ATOM   412 N  NH2 . ARG A 1 52  ? -0.805  10.809  7.978   1.00 47.20  ? 547 ARG A NH2 1 
ATOM   413 N  N   . SER A 1 53  ? 4.745   4.481   8.572   1.00 38.47  ? 548 SER A N   1 
ATOM   414 C  CA  . SER A 1 53  ? 5.619   3.592   9.299   1.00 40.29  ? 548 SER A CA  1 
ATOM   415 C  C   . SER A 1 53  ? 6.174   4.351   10.488  1.00 39.14  ? 548 SER A C   1 
ATOM   416 O  O   . SER A 1 53  ? 6.812   5.394   10.320  1.00 39.35  ? 548 SER A O   1 
ATOM   417 C  CB  . SER A 1 53  ? 6.720   3.099   8.403   1.00 39.07  ? 548 SER A CB  1 
ATOM   418 O  OG  . SER A 1 53  ? 7.495   2.179   9.116   1.00 41.72  ? 548 SER A OG  1 
ATOM   419 N  N   . ILE A 1 54  ? 5.892   3.834   11.680  1.00 39.22  ? 549 ILE A N   1 
ATOM   420 C  CA  . ILE A 1 54  ? 6.262   4.477   12.941  1.00 41.78  ? 549 ILE A CA  1 
ATOM   421 C  C   . ILE A 1 54  ? 7.041   3.477   13.797  1.00 44.04  ? 549 ILE A C   1 
ATOM   422 O  O   . ILE A 1 54  ? 6.660   2.310   13.891  1.00 42.17  ? 549 ILE A O   1 
ATOM   423 C  CB  . ILE A 1 54  ? 5.029   4.931   13.757  1.00 40.35  ? 549 ILE A CB  1 
ATOM   424 C  CG1 . ILE A 1 54  ? 3.942   5.548   12.855  1.00 41.88  ? 549 ILE A CG1 1 
ATOM   425 C  CG2 . ILE A 1 54  ? 5.438   5.891   14.839  1.00 38.54  ? 549 ILE A CG2 1 
ATOM   426 C  CD1 . ILE A 1 54  ? 2.814   4.503   12.370  1.00 39.81  ? 549 ILE A CD1 1 
ATOM   427 N  N   . PRO A 1 55  ? 8.143   3.925   14.429  1.00 50.15  ? 550 PRO A N   1 
ATOM   428 C  CA  . PRO A 1 55  ? 8.939   3.025   15.297  1.00 50.29  ? 550 PRO A CA  1 
ATOM   429 C  C   . PRO A 1 55  ? 8.385   2.832   16.696  1.00 50.95  ? 550 PRO A C   1 
ATOM   430 O  O   . PRO A 1 55  ? 7.818   3.757   17.282  1.00 48.42  ? 550 PRO A O   1 
ATOM   431 C  CB  . PRO A 1 55  ? 10.286  3.731   15.395  1.00 49.03  ? 550 PRO A CB  1 
ATOM   432 C  CG  . PRO A 1 55  ? 10.169  4.983   14.529  1.00 49.72  ? 550 PRO A CG  1 
ATOM   433 C  CD  . PRO A 1 55  ? 8.744   5.268   14.359  1.00 50.27  ? 550 PRO A CD  1 
ATOM   434 N  N   . GLN A 1 56  ? 8.565   1.623   17.217  1.00 55.33  ? 551 GLN A N   1 
ATOM   435 C  CA  . GLN A 1 56  ? 8.281   1.333   18.614  1.00 59.56  ? 551 GLN A CA  1 
ATOM   436 C  C   . GLN A 1 56  ? 9.543   1.447   19.442  1.00 62.65  ? 551 GLN A C   1 
ATOM   437 O  O   . GLN A 1 56  ? 10.653  1.422   18.879  1.00 62.77  ? 551 GLN A O   1 
ATOM   438 C  CB  . GLN A 1 56  ? 7.740   -0.073  18.761  1.00 60.15  ? 551 GLN A CB  1 
ATOM   439 C  CG  . GLN A 1 56  ? 6.335   -0.174  18.336  1.00 61.57  ? 551 GLN A CG  1 
ATOM   440 C  CD  . GLN A 1 56  ? 5.859   -1.581  18.336  1.00 61.18  ? 551 GLN A CD  1 
ATOM   441 O  OE1 . GLN A 1 56  ? 5.085   -1.973  19.197  1.00 62.25  ? 551 GLN A OE1 1 
ATOM   442 N  NE2 . GLN A 1 56  ? 6.323   -2.366  17.374  1.00 61.15  ? 551 GLN A NE2 1 
ATOM   443 N  N   . PRO A 1 57  ? 9.382   1.585   20.781  1.00 66.22  ? 552 PRO A N   1 
ATOM   444 C  CA  . PRO A 1 57  ? 10.478  1.498   21.758  1.00 66.97  ? 552 PRO A CA  1 
ATOM   445 C  C   . PRO A 1 57  ? 11.616  0.527   21.360  1.00 67.74  ? 552 PRO A C   1 
ATOM   446 O  O   . PRO A 1 57  ? 12.781  0.942   21.255  1.00 65.46  ? 552 PRO A O   1 
ATOM   447 C  CB  . PRO A 1 57  ? 9.752   1.027   23.026  1.00 66.65  ? 552 PRO A CB  1 
ATOM   448 C  CG  . PRO A 1 57  ? 8.439   1.697   22.946  1.00 66.51  ? 552 PRO A CG  1 
ATOM   449 C  CD  . PRO A 1 57  ? 8.108   1.886   21.464  1.00 66.61  ? 552 PRO A CD  1 
ATOM   450 N  N   . ASP A 1 58  ? 11.260  -0.729  21.090  1.00 68.47  ? 553 ASP A N   1 
ATOM   451 C  CA  . ASP A 1 58  ? 12.245  -1.746  20.705  1.00 69.13  ? 553 ASP A CA  1 
ATOM   452 C  C   . ASP A 1 58  ? 12.828  -1.632  19.276  1.00 70.69  ? 553 ASP A C   1 
ATOM   453 O  O   . ASP A 1 58  ? 13.577  -2.522  18.859  1.00 73.09  ? 553 ASP A O   1 
ATOM   454 C  CB  . ASP A 1 58  ? 11.659  -3.158  20.910  1.00 69.02  ? 553 ASP A CB  1 
ATOM   455 C  CG  . ASP A 1 58  ? 10.454  -3.449  20.018  1.00 69.28  ? 553 ASP A CG  1 
ATOM   456 O  OD1 . ASP A 1 58  ? 10.306  -2.849  18.932  1.00 67.25  ? 553 ASP A OD1 1 
ATOM   457 O  OD2 . ASP A 1 58  ? 9.646   -4.306  20.411  1.00 71.88  ? 553 ASP A OD2 1 
ATOM   458 N  N   . GLY A 1 59  ? 12.479  -0.578  18.526  1.00 70.36  ? 554 GLY A N   1 
ATOM   459 C  CA  . GLY A 1 59  ? 12.885  -0.453  17.111  1.00 69.36  ? 554 GLY A CA  1 
ATOM   460 C  C   . GLY A 1 59  ? 11.889  -1.034  16.093  1.00 70.04  ? 554 GLY A C   1 
ATOM   461 O  O   . GLY A 1 59  ? 11.743  -0.494  14.990  1.00 70.31  ? 554 GLY A O   1 
ATOM   462 N  N   . GLU A 1 60  ? 11.206  -2.130  16.459  1.00 69.42  ? 555 GLU A N   1 
ATOM   463 C  CA  . GLU A 1 60  ? 10.210  -2.792  15.587  1.00 65.84  ? 555 GLU A CA  1 
ATOM   464 C  C   . GLU A 1 60  ? 9.166   -1.795  15.081  1.00 62.62  ? 555 GLU A C   1 
ATOM   465 O  O   . GLU A 1 60  ? 8.707   -0.929  15.825  1.00 66.60  ? 555 GLU A O   1 
ATOM   466 C  CB  . GLU A 1 60  ? 9.523   -3.954  16.331  1.00 69.16  ? 555 GLU A CB  1 
ATOM   467 C  CG  . GLU A 1 60  ? 8.712   -4.903  15.453  1.00 73.34  ? 555 GLU A CG  1 
ATOM   468 C  CD  . GLU A 1 60  ? 9.546   -5.615  14.345  1.00 79.04  ? 555 GLU A CD  1 
ATOM   469 O  OE1 . GLU A 1 60  ? 10.804  -5.641  14.433  1.00 80.18  ? 555 GLU A OE1 1 
ATOM   470 O  OE2 . GLU A 1 60  ? 8.928   -6.160  13.386  1.00 82.11  ? 555 GLU A OE2 1 
ATOM   471 N  N   . VAL A 1 61  ? 8.797   -1.906  13.820  1.00 55.26  ? 556 VAL A N   1 
ATOM   472 C  CA  . VAL A 1 61  ? 7.953   -0.897  13.205  1.00 50.99  ? 556 VAL A CA  1 
ATOM   473 C  C   . VAL A 1 61  ? 6.477   -1.321  13.227  1.00 46.66  ? 556 VAL A C   1 
ATOM   474 O  O   . VAL A 1 61  ? 6.155   -2.500  13.366  1.00 44.98  ? 556 VAL A O   1 
ATOM   475 C  CB  . VAL A 1 61  ? 8.428   -0.598  11.774  1.00 50.89  ? 556 VAL A CB  1 
ATOM   476 C  CG1 . VAL A 1 61  ? 7.758   0.615   11.241  1.00 52.10  ? 556 VAL A CG1 1 
ATOM   477 C  CG2 . VAL A 1 61  ? 9.908   -0.370  11.780  1.00 51.09  ? 556 VAL A CG2 1 
ATOM   478 N  N   . VAL A 1 62  ? 5.602   -0.325  13.154  1.00 40.20  ? 557 VAL A N   1 
ATOM   479 C  CA  . VAL A 1 62  ? 4.186   -0.511  13.030  1.00 36.92  ? 557 VAL A CA  1 
ATOM   480 C  C   . VAL A 1 62  ? 3.804   0.258   11.780  1.00 37.51  ? 557 VAL A C   1 
ATOM   481 O  O   . VAL A 1 62  ? 4.139   1.437   11.638  1.00 36.93  ? 557 VAL A O   1 
ATOM   482 C  CB  . VAL A 1 62  ? 3.440   0.057   14.257  1.00 34.66  ? 557 VAL A CB  1 
ATOM   483 C  CG1 . VAL A 1 62  ? 1.935   0.083   14.036  1.00 32.26  ? 557 VAL A CG1 1 
ATOM   484 C  CG2 . VAL A 1 62  ? 3.778   -0.746  15.503  1.00 31.95  ? 557 VAL A CG2 1 
ATOM   485 N  N   . VAL A 1 63  ? 3.140   -0.419  10.851  1.00 36.42  ? 558 VAL A N   1 
ATOM   486 C  CA  . VAL A 1 63  ? 2.731   0.198   9.594   1.00 32.86  ? 558 VAL A CA  1 
ATOM   487 C  C   . VAL A 1 63  ? 1.202   0.253   9.561   1.00 34.67  ? 558 VAL A C   1 
ATOM   488 O  O   . VAL A 1 63  ? 0.522   -0.764  9.809   1.00 33.93  ? 558 VAL A O   1 
ATOM   489 C  CB  . VAL A 1 63  ? 3.261   -0.584  8.370   1.00 30.38  ? 558 VAL A CB  1 
ATOM   490 C  CG1 . VAL A 1 63  ? 2.928   0.162   7.071   1.00 25.44  ? 558 VAL A CG1 1 
ATOM   491 C  CG2 . VAL A 1 63  ? 4.805   -0.868  8.507   1.00 25.26  ? 558 VAL A CG2 1 
ATOM   492 N  N   . THR A 1 64  ? 0.668   1.443   9.286   1.00 32.93  ? 559 THR A N   1 
ATOM   493 C  CA  . THR A 1 64  ? -0.738  1.616   9.135   1.00 33.43  ? 559 THR A CA  1 
ATOM   494 C  C   . THR A 1 64  ? -1.024  2.033   7.702   1.00 34.64  ? 559 THR A C   1 
ATOM   495 O  O   . THR A 1 64  ? -0.154  2.575   7.037   1.00 37.13  ? 559 THR A O   1 
ATOM   496 C  CB  . THR A 1 64  ? -1.259  2.688   10.065  1.00 34.64  ? 559 THR A CB  1 
ATOM   497 O  OG1 . THR A 1 64  ? -0.799  3.958   9.617   1.00 37.83  ? 559 THR A OG1 1 
ATOM   498 C  CG2 . THR A 1 64  ? -0.804  2.447   11.484  1.00 33.26  ? 559 THR A CG2 1 
ATOM   499 N  N   . LEU A 1 65  ? -2.246  1.769   7.241   1.00 35.56  ? 560 LEU A N   1 
ATOM   500 C  CA  . LEU A 1 65  ? -2.723  2.187   5.918   1.00 36.57  ? 560 LEU A CA  1 
ATOM   501 C  C   . LEU A 1 65  ? -3.929  3.108   6.104   1.00 36.63  ? 560 LEU A C   1 
ATOM   502 O  O   . LEU A 1 65  ? -4.841  2.784   6.857   1.00 34.16  ? 560 LEU A O   1 
ATOM   503 C  CB  . LEU A 1 65  ? -3.106  0.941   5.103   1.00 36.87  ? 560 LEU A CB  1 
ATOM   504 C  CG  . LEU A 1 65  ? -3.814  1.085   3.742   1.00 36.05  ? 560 LEU A CG  1 
ATOM   505 C  CD1 . LEU A 1 65  ? -2.887  1.536   2.652   1.00 33.59  ? 560 LEU A CD1 1 
ATOM   506 C  CD2 . LEU A 1 65  ? -4.366  -0.242  3.371   1.00 37.36  ? 560 LEU A CD2 1 
ATOM   507 N  N   . GLU A 1 66  ? -3.914  4.275   5.468   1.00 39.27  ? 561 GLU A N   1 
ATOM   508 C  CA  . GLU A 1 66  ? -5.066  5.186   5.499   1.00 43.45  ? 561 GLU A CA  1 
ATOM   509 C  C   . GLU A 1 66  ? -5.602  5.349   4.102   1.00 41.35  ? 561 GLU A C   1 
ATOM   510 O  O   . GLU A 1 66  ? -4.873  5.769   3.222   1.00 38.56  ? 561 GLU A O   1 
ATOM   511 C  CB  . GLU A 1 66  ? -4.668  6.572   5.960   1.00 48.44  ? 561 GLU A CB  1 
ATOM   512 C  CG  . GLU A 1 66  ? -3.649  6.620   7.089   1.00 54.93  ? 561 GLU A CG  1 
ATOM   513 C  CD  . GLU A 1 66  ? -3.503  8.041   7.663   1.00 56.41  ? 561 GLU A CD  1 
ATOM   514 O  OE1 . GLU A 1 66  ? -4.066  9.008   7.041   1.00 60.07  ? 561 GLU A OE1 1 
ATOM   515 O  OE2 . GLU A 1 66  ? -2.840  8.171   8.731   1.00 58.43  ? 561 GLU A OE2 1 
ATOM   516 N  N   . PRO A 1 67  ? -6.879  5.045   3.885   1.00 42.68  ? 562 PRO A N   1 
ATOM   517 C  CA  . PRO A 1 67  ? -7.439  5.209   2.545   1.00 42.41  ? 562 PRO A CA  1 
ATOM   518 C  C   . PRO A 1 67  ? -7.893  6.632   2.344   1.00 40.02  ? 562 PRO A C   1 
ATOM   519 O  O   . PRO A 1 67  ? -8.308  7.263   3.289   1.00 37.49  ? 562 PRO A O   1 
ATOM   520 C  CB  . PRO A 1 67  ? -8.629  4.278   2.569   1.00 42.83  ? 562 PRO A CB  1 
ATOM   521 C  CG  . PRO A 1 67  ? -9.120  4.369   3.972   1.00 45.23  ? 562 PRO A CG  1 
ATOM   522 C  CD  . PRO A 1 67  ? -7.884  4.556   4.837   1.00 45.70  ? 562 PRO A CD  1 
ATOM   523 N  N   . CYS A 1 68  ? -7.791  7.145   1.130   1.00 42.26  ? 563 CYS A N   1 
ATOM   524 C  CA  . CYS A 1 68  ? -8.291  8.483   0.838   1.00 42.52  ? 563 CYS A CA  1 
ATOM   525 C  C   . CYS A 1 68  ? -9.741  8.421   0.394   1.00 43.28  ? 563 CYS A C   1 
ATOM   526 O  O   . CYS A 1 68  ? -10.173 7.449   -0.213  1.00 44.44  ? 563 CYS A O   1 
ATOM   527 C  CB  . CYS A 1 68  ? -7.462  9.137   -0.242  1.00 42.77  ? 563 CYS A CB  1 
ATOM   528 S  SG  . CYS A 1 68  ? -5.743  9.396   0.237   1.00 45.96  ? 563 CYS A SG  1 
ATOM   529 N  N   . GLU A 1 69  ? -10.481 9.464   0.740   1.00 47.51  ? 564 GLU A N   1 
ATOM   530 C  CA  . GLU A 1 69  ? -11.847 9.688   0.306   1.00 47.38  ? 564 GLU A CA  1 
ATOM   531 C  C   . GLU A 1 69  ? -12.024 9.350   -1.158  1.00 46.87  ? 564 GLU A C   1 
ATOM   532 O  O   . GLU A 1 69  ? -11.370 9.937   -2.012  1.00 45.40  ? 564 GLU A O   1 
ATOM   533 C  CB  . GLU A 1 69  ? -12.168 11.179  0.492   1.00 54.95  ? 564 GLU A CB  1 
ATOM   534 C  CG  . GLU A 1 69  ? -13.585 11.621  0.094   1.00 57.38  ? 564 GLU A CG  1 
ATOM   535 C  CD  . GLU A 1 69  ? -14.624 11.207  1.110   1.00 63.60  ? 564 GLU A CD  1 
ATOM   536 O  OE1 . GLU A 1 69  ? -15.813 11.540  0.897   1.00 68.11  ? 564 GLU A OE1 1 
ATOM   537 O  OE2 . GLU A 1 69  ? -14.258 10.550  2.122   1.00 67.85  ? 564 GLU A OE2 1 
ATOM   538 N  N   . GLY A 1 70  ? -12.904 8.396   -1.439  1.00 44.53  ? 565 GLY A N   1 
ATOM   539 C  CA  . GLY A 1 70  ? -13.246 8.030   -2.797  1.00 43.11  ? 565 GLY A CA  1 
ATOM   540 C  C   . GLY A 1 70  ? -12.236 7.148   -3.484  1.00 43.45  ? 565 GLY A C   1 
ATOM   541 O  O   . GLY A 1 70  ? -12.321 6.962   -4.686  1.00 47.20  ? 565 GLY A O   1 
ATOM   542 N  N   . ALA A 1 71  ? -11.277 6.606   -2.738  1.00 41.41  ? 566 ALA A N   1 
ATOM   543 C  CA  . ALA A 1 71  ? -10.278 5.713   -3.299  1.00 40.31  ? 566 ALA A CA  1 
ATOM   544 C  C   . ALA A 1 71  ? -10.443 4.363   -2.611  1.00 40.82  ? 566 ALA A C   1 
ATOM   545 O  O   . ALA A 1 71  ? -10.332 4.260   -1.389  1.00 41.98  ? 566 ALA A O   1 
ATOM   546 C  CB  . ALA A 1 71  ? -8.909  6.267   -3.092  1.00 37.80  ? 566 ALA A CB  1 
ATOM   547 N  N   . GLU A 1 72  ? -10.740 3.336   -3.405  1.00 41.70  ? 567 GLU A N   1 
ATOM   548 C  CA  . GLU A 1 72  ? -11.054 2.017   -2.892  1.00 39.44  ? 567 GLU A CA  1 
ATOM   549 C  C   . GLU A 1 72  ? -9.782  1.219   -2.669  1.00 37.53  ? 567 GLU A C   1 
ATOM   550 O  O   . GLU A 1 72  ? -8.923  1.133   -3.549  1.00 35.04  ? 567 GLU A O   1 
ATOM   551 C  CB  . GLU A 1 72  ? -12.009 1.269   -3.833  1.00 40.82  ? 567 GLU A CB  1 
ATOM   552 C  CG  . GLU A 1 72  ? -11.366 0.574   -5.022  1.00 42.56  ? 567 GLU A CG  1 
ATOM   553 C  CD  . GLU A 1 72  ? -12.398 0.006   -6.023  1.00 43.60  ? 567 GLU A CD  1 
ATOM   554 O  OE1 . GLU A 1 72  ? -12.316 0.423   -7.201  1.00 44.97  ? 567 GLU A OE1 1 
ATOM   555 O  OE2 . GLU A 1 72  ? -13.268 -0.848  -5.637  1.00 39.63  ? 567 GLU A OE2 1 
ATOM   556 N  N   . THR A 1 73  ? -9.674  0.657   -1.471  1.00 35.10  ? 568 THR A N   1 
ATOM   557 C  CA  . THR A 1 73  ? -8.578  -0.201  -1.104  1.00 35.54  ? 568 THR A CA  1 
ATOM   558 C  C   . THR A 1 73  ? -9.185  -1.276  -0.239  1.00 35.20  ? 568 THR A C   1 
ATOM   559 O  O   . THR A 1 73  ? -10.072 -0.981  0.575   1.00 37.45  ? 568 THR A O   1 
ATOM   560 C  CB  . THR A 1 73  ? -7.516  0.587   -0.280  1.00 36.63  ? 568 THR A CB  1 
ATOM   561 O  OG1 . THR A 1 73  ? -7.021  1.696   -1.053  1.00 35.79  ? 568 THR A OG1 1 
ATOM   562 C  CG2 . THR A 1 73  ? -6.364  -0.319  0.135   1.00 34.15  ? 568 THR A CG2 1 
ATOM   563 N  N   . TYR A 1 74  ? -8.721  -2.512  -0.396  1.00 35.25  ? 569 TYR A N   1 
ATOM   564 C  CA  . TYR A 1 74  ? -9.186  -3.638  0.429   1.00 35.67  ? 569 TYR A CA  1 
ATOM   565 C  C   . TYR A 1 74  ? -8.013  -4.298  1.119   1.00 33.50  ? 569 TYR A C   1 
ATOM   566 O  O   . TYR A 1 74  ? -6.968  -4.471  0.501   1.00 33.54  ? 569 TYR A O   1 
ATOM   567 C  CB  . TYR A 1 74  ? -9.871  -4.702  -0.436  1.00 40.39  ? 569 TYR A CB  1 
ATOM   568 C  CG  . TYR A 1 74  ? -10.983 -4.172  -1.303  1.00 39.94  ? 569 TYR A CG  1 
ATOM   569 C  CD1 . TYR A 1 74  ? -12.321 -4.425  -0.999  1.00 40.32  ? 569 TYR A CD1 1 
ATOM   570 C  CD2 . TYR A 1 74  ? -10.694 -3.415  -2.416  1.00 40.21  ? 569 TYR A CD2 1 
ATOM   571 C  CE1 . TYR A 1 74  ? -13.336 -3.925  -1.797  1.00 41.59  ? 569 TYR A CE1 1 
ATOM   572 C  CE2 . TYR A 1 74  ? -11.684 -2.904  -3.214  1.00 41.71  ? 569 TYR A CE2 1 
ATOM   573 C  CZ  . TYR A 1 74  ? -13.000 -3.160  -2.913  1.00 43.51  ? 569 TYR A CZ  1 
ATOM   574 O  OH  . TYR A 1 74  ? -13.963 -2.634  -3.751  1.00 44.63  ? 569 TYR A OH  1 
ATOM   575 N  N   . VAL A 1 75  ? -8.189  -4.673  2.383   1.00 31.09  ? 570 VAL A N   1 
ATOM   576 C  CA  . VAL A 1 75  ? -7.203  -5.491  3.096   1.00 32.17  ? 570 VAL A CA  1 
ATOM   577 C  C   . VAL A 1 75  ? -7.851  -6.840  3.420   1.00 31.06  ? 570 VAL A C   1 
ATOM   578 O  O   . VAL A 1 75  ? -8.827  -6.899  4.143   1.00 29.10  ? 570 VAL A O   1 
ATOM   579 C  CB  . VAL A 1 75  ? -6.700  -4.809  4.425   1.00 30.64  ? 570 VAL A CB  1 
ATOM   580 C  CG1 . VAL A 1 75  ? -5.769  -5.746  5.193   1.00 26.69  ? 570 VAL A CG1 1 
ATOM   581 C  CG2 . VAL A 1 75  ? -6.000  -3.486  4.137   1.00 28.24  ? 570 VAL A CG2 1 
ATOM   582 N  N   . ASN A 1 76  ? -7.313  -7.918  2.865   1.00 35.68  ? 571 ASN A N   1 
ATOM   583 C  CA  . ASN A 1 76  ? -7.866  -9.278  3.072   1.00 35.63  ? 571 ASN A CA  1 
ATOM   584 C  C   . ASN A 1 76  ? -9.331  -9.362  2.737   1.00 38.37  ? 571 ASN A C   1 
ATOM   585 O  O   . ASN A 1 76  ? -10.123 -9.923  3.489   1.00 42.09  ? 571 ASN A O   1 
ATOM   586 C  CB  . ASN A 1 76  ? -7.629  -9.739  4.509   1.00 33.32  ? 571 ASN A CB  1 
ATOM   587 C  CG  . ASN A 1 76  ? -6.197  -10.075 4.761   1.00 33.44  ? 571 ASN A CG  1 
ATOM   588 O  OD1 . ASN A 1 76  ? -5.387  -10.154 3.831   1.00 36.00  ? 571 ASN A OD1 1 
ATOM   589 N  ND2 . ASN A 1 76  ? -5.860  -10.279 6.001   1.00 34.34  ? 571 ASN A ND2 1 
ATOM   590 N  N   . GLY A 1 77  ? -9.700  -8.764  1.617   1.00 39.44  ? 572 GLY A N   1 
ATOM   591 C  CA  . GLY A 1 77  ? -11.072 -8.797  1.181   1.00 40.93  ? 572 GLY A CA  1 
ATOM   592 C  C   . GLY A 1 77  ? -11.984 -7.716  1.715   1.00 42.32  ? 572 GLY A C   1 
ATOM   593 O  O   . GLY A 1 77  ? -12.930 -7.385  1.049   1.00 43.26  ? 572 GLY A O   1 
ATOM   594 N  N   . LYS A 1 78  ? -11.727 -7.168  2.902   1.00 43.52  ? 573 LYS A N   1 
ATOM   595 C  CA  . LYS A 1 78  ? -12.601 -6.127  3.441   1.00 43.83  ? 573 LYS A CA  1 
ATOM   596 C  C   . LYS A 1 78  ? -12.192 -4.758  2.911   1.00 41.10  ? 573 LYS A C   1 
ATOM   597 O  O   . LYS A 1 78  ? -11.030 -4.400  2.942   1.00 42.29  ? 573 LYS A O   1 
ATOM   598 C  CB  . LYS A 1 78  ? -12.608 -6.118  4.979   1.00 51.16  ? 573 LYS A CB  1 
ATOM   599 C  CG  . LYS A 1 78  ? -13.205 -7.369  5.645   1.00 56.92  ? 573 LYS A CG  1 
ATOM   600 C  CD  . LYS A 1 78  ? -12.133 -8.458  5.943   1.00 61.04  ? 573 LYS A CD  1 
ATOM   601 C  CE  . LYS A 1 78  ? -12.721 -9.747  6.622   1.00 61.42  ? 573 LYS A CE  1 
ATOM   602 N  NZ  . LYS A 1 78  ? -11.687 -10.879 6.668   1.00 61.63  ? 573 LYS A NZ  1 
ATOM   603 N  N   . LEU A 1 79  ? -13.160 -4.004  2.412   1.00 39.08  ? 574 LEU A N   1 
ATOM   604 C  CA  . LEU A 1 79  ? -12.937 -2.636  1.978   1.00 37.63  ? 574 LEU A CA  1 
ATOM   605 C  C   . LEU A 1 79  ? -12.554 -1.874  3.205   1.00 36.96  ? 574 LEU A C   1 
ATOM   606 O  O   . LEU A 1 79  ? -13.205 -1.982  4.214   1.00 37.55  ? 574 LEU A O   1 
ATOM   607 C  CB  . LEU A 1 79  ? -14.212 -2.015  1.372   1.00 35.47  ? 574 LEU A CB  1 
ATOM   608 C  CG  . LEU A 1 79  ? -14.128 -0.527  0.977   1.00 35.68  ? 574 LEU A CG  1 
ATOM   609 C  CD1 . LEU A 1 79  ? -13.366 -0.349  -0.368  1.00 30.00  ? 574 LEU A CD1 1 
ATOM   610 C  CD2 . LEU A 1 79  ? -15.517 0.102   0.936   1.00 31.05  ? 574 LEU A CD2 1 
ATOM   611 N  N   . VAL A 1 80  ? -11.481 -1.113  3.119   1.00 39.32  ? 575 VAL A N   1 
ATOM   612 C  CA  . VAL A 1 80  ? -11.052 -0.326  4.246   1.00 40.37  ? 575 VAL A CA  1 
ATOM   613 C  C   . VAL A 1 80  ? -11.472 1.087   3.984   1.00 42.10  ? 575 VAL A C   1 
ATOM   614 O  O   . VAL A 1 80  ? -11.247 1.663   2.915   1.00 41.41  ? 575 VAL A O   1 
ATOM   615 C  CB  . VAL A 1 80  ? -9.526  -0.424  4.537   1.00 39.98  ? 575 VAL A CB  1 
ATOM   616 C  CG1 . VAL A 1 80  ? -9.107  -1.888  4.622   1.00 40.40  ? 575 VAL A CG1 1 
ATOM   617 C  CG2 . VAL A 1 80  ? -8.718  0.311   3.508   1.00 39.53  ? 575 VAL A CG2 1 
ATOM   618 N  N   . THR A 1 81  ? -12.081 1.640   5.002   1.00 45.05  ? 576 THR A N   1 
ATOM   619 C  CA  . THR A 1 81  ? -12.763 2.886   4.912   1.00 47.67  ? 576 THR A CA  1 
ATOM   620 C  C   . THR A 1 81  ? -12.164 3.906   5.935   1.00 48.29  ? 576 THR A C   1 
ATOM   621 O  O   . THR A 1 81  ? -12.283 5.116   5.765   1.00 49.55  ? 576 THR A O   1 
ATOM   622 C  CB  . THR A 1 81  ? -14.256 2.585   5.143   1.00 49.92  ? 576 THR A CB  1 
ATOM   623 O  OG1 . THR A 1 81  ? -14.971 3.810   5.198   1.00 56.54  ? 576 THR A OG1 1 
ATOM   624 C  CG2 . THR A 1 81  ? -14.486 1.760   6.460   1.00 48.30  ? 576 THR A CG2 1 
ATOM   625 N  N   . GLU A 1 82  ? -11.523 3.384   6.986   1.00 48.08  ? 577 GLU A N   1 
ATOM   626 C  CA  . GLU A 1 82  ? -10.792 4.153   7.990   1.00 45.28  ? 577 GLU A CA  1 
ATOM   627 C  C   . GLU A 1 82  ? -9.366  3.609   8.081   1.00 41.17  ? 577 GLU A C   1 
ATOM   628 O  O   . GLU A 1 82  ? -9.093  2.534   7.569   1.00 37.12  ? 577 GLU A O   1 
ATOM   629 C  CB  . GLU A 1 82  ? -11.480 4.008   9.349   1.00 48.69  ? 577 GLU A CB  1 
ATOM   630 C  CG  . GLU A 1 82  ? -12.874 4.640   9.420   1.00 54.61  ? 577 GLU A CG  1 
ATOM   631 C  CD  . GLU A 1 82  ? -12.850 6.207   9.456   1.00 59.09  ? 577 GLU A CD  1 
ATOM   632 O  OE1 . GLU A 1 82  ? -11.850 6.846   9.028   1.00 59.00  ? 577 GLU A OE1 1 
ATOM   633 O  OE2 . GLU A 1 82  ? -13.852 6.798   9.922   1.00 61.43  ? 577 GLU A OE2 1 
ATOM   634 N  N   . PRO A 1 83  ? -8.443  4.352   8.732   1.00 39.43  ? 578 PRO A N   1 
ATOM   635 C  CA  . PRO A 1 83  ? -7.085  3.819   8.923   1.00 38.79  ? 578 PRO A CA  1 
ATOM   636 C  C   . PRO A 1 83  ? -7.055  2.538   9.742   1.00 36.49  ? 578 PRO A C   1 
ATOM   637 O  O   . PRO A 1 83  ? -7.906  2.313   10.588  1.00 37.20  ? 578 PRO A O   1 
ATOM   638 C  CB  . PRO A 1 83  ? -6.359  4.952   9.657   1.00 35.88  ? 578 PRO A CB  1 
ATOM   639 C  CG  . PRO A 1 83  ? -7.144  6.171   9.328   1.00 33.88  ? 578 PRO A CG  1 
ATOM   640 C  CD  . PRO A 1 83  ? -8.555  5.711   9.287   1.00 35.79  ? 578 PRO A CD  1 
ATOM   641 N  N   . LEU A 1 84  ? -6.033  1.740   9.495   1.00 37.19  ? 579 LEU A N   1 
ATOM   642 C  CA  . LEU A 1 84  ? -5.998  0.353   9.874   1.00 33.60  ? 579 LEU A CA  1 
ATOM   643 C  C   . LEU A 1 84  ? -4.523  -0.032  10.067  1.00 34.06  ? 579 LEU A C   1 
ATOM   644 O  O   . LEU A 1 84  ? -3.682  0.366   9.268   1.00 32.48  ? 579 LEU A O   1 
ATOM   645 C  CB  . LEU A 1 84  ? -6.562  -0.434  8.696   1.00 36.34  ? 579 LEU A CB  1 
ATOM   646 C  CG  . LEU A 1 84  ? -6.585  -1.946  8.829   1.00 36.24  ? 579 LEU A CG  1 
ATOM   647 C  CD1 . LEU A 1 84  ? -7.399  -2.296  10.090  1.00 37.29  ? 579 LEU A CD1 1 
ATOM   648 C  CD2 . LEU A 1 84  ? -7.159  -2.539  7.595   1.00 30.52  ? 579 LEU A CD2 1 
ATOM   649 N  N   . VAL A 1 85  ? -4.211  -0.805  11.102  1.00 32.84  ? 580 VAL A N   1 
ATOM   650 C  CA  . VAL A 1 85  ? -2.853  -1.308  11.297  1.00 30.51  ? 580 VAL A CA  1 
ATOM   651 C  C   . VAL A 1 85  ? -2.680  -2.587  10.478  1.00 31.49  ? 580 VAL A C   1 
ATOM   652 O  O   . VAL A 1 85  ? -3.408  -3.547  10.678  1.00 33.63  ? 580 VAL A O   1 
ATOM   653 C  CB  . VAL A 1 85  ? -2.553  -1.650  12.802  1.00 27.95  ? 580 VAL A CB  1 
ATOM   654 C  CG1 . VAL A 1 85  ? -1.198  -2.364  12.921  1.00 22.64  ? 580 VAL A CG1 1 
ATOM   655 C  CG2 . VAL A 1 85  ? -2.619  -0.424  13.672  1.00 22.96  ? 580 VAL A CG2 1 
ATOM   656 N  N   . LEU A 1 86  ? -1.693  -2.601  9.585   1.00 32.61  ? 581 LEU A N   1 
ATOM   657 C  CA  . LEU A 1 86  ? -1.397  -3.762  8.763   1.00 30.46  ? 581 LEU A CA  1 
ATOM   658 C  C   . LEU A 1 86  ? -0.631  -4.864  9.517   1.00 32.47  ? 581 LEU A C   1 
ATOM   659 O  O   . LEU A 1 86  ? 0.017   -4.608  10.525  1.00 34.82  ? 581 LEU A O   1 
ATOM   660 C  CB  . LEU A 1 86  ? -0.583  -3.328  7.552   1.00 29.28  ? 581 LEU A CB  1 
ATOM   661 C  CG  . LEU A 1 86  ? -1.226  -2.359  6.586   1.00 29.61  ? 581 LEU A CG  1 
ATOM   662 C  CD1 . LEU A 1 86  ? -0.254  -2.071  5.454   1.00 27.28  ? 581 LEU A CD1 1 
ATOM   663 C  CD2 . LEU A 1 86  ? -2.539  -2.927  6.065   1.00 30.36  ? 581 LEU A CD2 1 
ATOM   664 N  N   . LYS A 1 87  ? -0.689  -6.085  8.983   1.00 32.66  ? 582 LYS A N   1 
ATOM   665 C  CA  . LYS A 1 87  ? -0.005  -7.235  9.555   1.00 32.69  ? 582 LYS A CA  1 
ATOM   666 C  C   . LYS A 1 87  ? 0.644   -8.060  8.475   1.00 33.31  ? 582 LYS A C   1 
ATOM   667 O  O   . LYS A 1 87  ? 0.114   -8.194  7.380   1.00 35.61  ? 582 LYS A O   1 
ATOM   668 C  CB  . LYS A 1 87  ? -0.977  -8.116  10.295  1.00 34.46  ? 582 LYS A CB  1 
ATOM   669 C  CG  . LYS A 1 87  ? -1.581  -7.481  11.516  1.00 36.59  ? 582 LYS A CG  1 
ATOM   670 C  CD  . LYS A 1 87  ? -0.566  -7.151  12.600  1.00 39.03  ? 582 LYS A CD  1 
ATOM   671 C  CE  . LYS A 1 87  ? -1.322  -6.774  13.869  1.00 41.55  ? 582 LYS A CE  1 
ATOM   672 N  NZ  . LYS A 1 87  ? -0.658  -5.731  14.686  1.00 43.82  ? 582 LYS A NZ  1 
ATOM   673 N  N   . SER A 1 88  ? 1.797   -8.623  8.786   1.00 33.20  ? 583 SER A N   1 
ATOM   674 C  CA  . SER A 1 88  ? 2.543   -9.386  7.811   1.00 34.70  ? 583 SER A CA  1 
ATOM   675 C  C   . SER A 1 88  ? 1.633   -10.471 7.261   1.00 33.85  ? 583 SER A C   1 
ATOM   676 O  O   . SER A 1 88  ? 0.967   -11.152 8.027   1.00 34.93  ? 583 SER A O   1 
ATOM   677 C  CB  . SER A 1 88  ? 3.780   -10.009 8.452   1.00 34.59  ? 583 SER A CB  1 
ATOM   678 O  OG  . SER A 1 88  ? 4.560   -10.650 7.457   1.00 40.15  ? 583 SER A OG  1 
ATOM   679 N  N   . GLY A 1 89  ? 1.592   -10.615 5.942   1.00 32.71  ? 584 GLY A N   1 
ATOM   680 C  CA  . GLY A 1 89  ? 0.660   -11.541 5.297   1.00 31.69  ? 584 GLY A CA  1 
ATOM   681 C  C   . GLY A 1 89  ? -0.562  -10.880 4.668   1.00 31.29  ? 584 GLY A C   1 
ATOM   682 O  O   . GLY A 1 89  ? -1.100  -11.390 3.691   1.00 34.30  ? 584 GLY A O   1 
ATOM   683 N  N   . ASN A 1 90  ? -1.012  -9.753  5.217   1.00 31.66  ? 585 ASN A N   1 
ATOM   684 C  CA  . ASN A 1 90  ? -2.155  -9.021  4.653   1.00 31.79  ? 585 ASN A CA  1 
ATOM   685 C  C   . ASN A 1 90  ? -2.061  -8.834  3.145   1.00 33.17  ? 585 ASN A C   1 
ATOM   686 O  O   . ASN A 1 90  ? -0.996  -8.535  2.611   1.00 31.19  ? 585 ASN A O   1 
ATOM   687 C  CB  . ASN A 1 90  ? -2.270  -7.637  5.266   1.00 32.15  ? 585 ASN A CB  1 
ATOM   688 C  CG  . ASN A 1 90  ? -2.837  -7.644  6.664   1.00 32.14  ? 585 ASN A CG  1 
ATOM   689 O  OD1 . ASN A 1 90  ? -3.044  -6.568  7.251   1.00 33.67  ? 585 ASN A OD1 1 
ATOM   690 N  ND2 . ASN A 1 90  ? -3.103  -8.825  7.207   1.00 27.16  ? 585 ASN A ND2 1 
ATOM   691 N  N   . ARG A 1 91  ? -3.194  -9.007  2.472   1.00 37.02  ? 586 ARG A N   1 
ATOM   692 C  CA  . ARG A 1 91  ? -3.287  -8.824  1.033   1.00 36.62  ? 586 ARG A CA  1 
ATOM   693 C  C   . ARG A 1 91  ? -4.027  -7.521  0.803   1.00 35.41  ? 586 ARG A C   1 
ATOM   694 O  O   . ARG A 1 91  ? -5.091  -7.297  1.373   1.00 36.00  ? 586 ARG A O   1 
ATOM   695 C  CB  . ARG A 1 91  ? -4.047  -9.989  0.446   1.00 40.35  ? 586 ARG A CB  1 
ATOM   696 C  CG  . ARG A 1 91  ? -4.238  -9.988  -1.052  1.00 41.61  ? 586 ARG A CG  1 
ATOM   697 C  CD  . ARG A 1 91  ? -4.875  -11.343 -1.482  1.00 44.97  ? 586 ARG A CD  1 
ATOM   698 N  NE  . ARG A 1 91  ? -5.162  -11.410 -2.927  1.00 47.91  ? 586 ARG A NE  1 
ATOM   699 C  CZ  . ARG A 1 91  ? -6.253  -10.881 -3.507  1.00 49.57  ? 586 ARG A CZ  1 
ATOM   700 N  NH1 . ARG A 1 91  ? -7.189  -10.232 -2.782  1.00 49.49  ? 586 ARG A NH1 1 
ATOM   701 N  NH2 . ARG A 1 91  ? -6.406  -10.987 -4.824  1.00 48.12  ? 586 ARG A NH2 1 
ATOM   702 N  N   . ILE A 1 92  ? -3.447  -6.656  -0.010  1.00 33.03  ? 587 ILE A N   1 
ATOM   703 C  CA  . ILE A 1 92  ? -3.967  -5.306  -0.241  1.00 32.24  ? 587 ILE A CA  1 
ATOM   704 C  C   . ILE A 1 92  ? -4.257  -5.138  -1.720  1.00 32.75  ? 587 ILE A C   1 
ATOM   705 O  O   . ILE A 1 92  ? -3.377  -5.376  -2.571  1.00 33.28  ? 587 ILE A O   1 
ATOM   706 C  CB  . ILE A 1 92  ? -2.923  -4.229  0.154   1.00 31.93  ? 587 ILE A CB  1 
ATOM   707 C  CG1 . ILE A 1 92  ? -2.410  -4.507  1.577   1.00 32.43  ? 587 ILE A CG1 1 
ATOM   708 C  CG2 . ILE A 1 92  ? -3.507  -2.825  -0.021  1.00 29.54  ? 587 ILE A CG2 1 
ATOM   709 C  CD1 . ILE A 1 92  ? -1.519  -3.472  2.085   1.00 33.11  ? 587 ILE A CD1 1 
ATOM   710 N  N   . VAL A 1 93  ? -5.486  -4.746  -2.034  1.00 31.54  ? 588 VAL A N   1 
ATOM   711 C  CA  . VAL A 1 93  ? -5.879  -4.486  -3.406  1.00 30.30  ? 588 VAL A CA  1 
ATOM   712 C  C   . VAL A 1 93  ? -6.189  -3.025  -3.434  1.00 29.16  ? 588 VAL A C   1 
ATOM   713 O  O   . VAL A 1 93  ? -6.879  -2.544  -2.540  1.00 30.32  ? 588 VAL A O   1 
ATOM   714 C  CB  . VAL A 1 93  ? -7.156  -5.298  -3.807  1.00 31.01  ? 588 VAL A CB  1 
ATOM   715 C  CG1 . VAL A 1 93  ? -7.693  -4.853  -5.218  1.00 26.45  ? 588 VAL A CG1 1 
ATOM   716 C  CG2 . VAL A 1 93  ? -6.866  -6.799  -3.727  1.00 23.77  ? 588 VAL A CG2 1 
ATOM   717 N  N   . MET A 1 94  ? -5.659  -2.312  -4.426  1.00 30.53  ? 589 MET A N   1 
ATOM   718 C  CA  . MET A 1 94  ? -5.947  -0.893  -4.612  1.00 33.15  ? 589 MET A CA  1 
ATOM   719 C  C   . MET A 1 94  ? -6.555  -0.739  -5.963  1.00 33.91  ? 589 MET A C   1 
ATOM   720 O  O   . MET A 1 94  ? -6.010  -1.232  -6.943  1.00 35.52  ? 589 MET A O   1 
ATOM   721 C  CB  . MET A 1 94  ? -4.680  -0.070  -4.517  1.00 35.53  ? 589 MET A CB  1 
ATOM   722 C  CG  . MET A 1 94  ? -4.080  -0.158  -3.137  1.00 37.97  ? 589 MET A CG  1 
ATOM   723 S  SD  . MET A 1 94  ? -2.435  0.488   -3.065  1.00 40.37  ? 589 MET A SD  1 
ATOM   724 C  CE  . MET A 1 94  ? -1.752  -0.532  -1.775  1.00 39.46  ? 589 MET A CE  1 
ATOM   725 N  N   . GLY A 1 95  ? -7.690  -0.061  -6.022  1.00 35.48  ? 590 GLY A N   1 
ATOM   726 C  CA  . GLY A 1 95  ? -8.449  -0.008  -7.242  1.00 37.70  ? 590 GLY A CA  1 
ATOM   727 C  C   . GLY A 1 95  ? -8.928  -1.421  -7.523  1.00 38.58  ? 590 GLY A C   1 
ATOM   728 O  O   . GLY A 1 95  ? -9.339  -2.149  -6.595  1.00 38.16  ? 590 GLY A O   1 
ATOM   729 N  N   . LYS A 1 96  ? -8.888  -1.812  -8.795  1.00 38.16  ? 591 LYS A N   1 
ATOM   730 C  CA  . LYS A 1 96  ? -9.289  -3.159  -9.169  1.00 39.64  ? 591 LYS A CA  1 
ATOM   731 C  C   . LYS A 1 96  ? -8.170  -3.897  -9.889  1.00 40.14  ? 591 LYS A C   1 
ATOM   732 O  O   . LYS A 1 96  ? -8.286  -5.091  -10.131 1.00 40.24  ? 591 LYS A O   1 
ATOM   733 C  CB  . LYS A 1 96  ? -10.567 -3.113  -10.018 1.00 38.34  ? 591 LYS A CB  1 
ATOM   734 C  CG  . LYS A 1 96  ? -11.655 -2.267  -9.385  1.00 39.46  ? 591 LYS A CG  1 
ATOM   735 C  CD  . LYS A 1 96  ? -12.957 -2.276  -10.159 1.00 39.27  ? 591 LYS A CD  1 
ATOM   736 C  CE  . LYS A 1 96  ? -13.960 -1.305  -9.532  1.00 37.93  ? 591 LYS A CE  1 
ATOM   737 N  NZ  . LYS A 1 96  ? -14.386 -1.762  -8.201  1.00 35.34  ? 591 LYS A NZ  1 
ATOM   738 N  N   . ASN A 1 97  ? -7.077  -3.201  -10.189 1.00 41.88  ? 592 ASN A N   1 
ATOM   739 C  CA  . ASN A 1 97  ? -5.985  -3.786  -10.963 1.00 44.26  ? 592 ASN A CA  1 
ATOM   740 C  C   . ASN A 1 97  ? -4.628  -3.898  -10.257 1.00 45.30  ? 592 ASN A C   1 
ATOM   741 O  O   . ASN A 1 97  ? -3.621  -4.199  -10.906 1.00 45.47  ? 592 ASN A O   1 
ATOM   742 C  CB  . ASN A 1 97  ? -5.838  -2.983  -12.256 1.00 46.63  ? 592 ASN A CB  1 
ATOM   743 C  CG  . ASN A 1 97  ? -7.051  -3.119  -13.145 1.00 47.14  ? 592 ASN A CG  1 
ATOM   744 O  OD1 . ASN A 1 97  ? -7.366  -4.226  -13.599 1.00 49.48  ? 592 ASN A OD1 1 
ATOM   745 N  ND2 . ASN A 1 97  ? -7.763  -2.008  -13.377 1.00 43.69  ? 592 ASN A ND2 1 
ATOM   746 N  N   . HIS A 1 98  ? -4.591  -3.676  -8.942  1.00 45.11  ? 593 HIS A N   1 
ATOM   747 C  CA  . HIS A 1 98  ? -3.321  -3.709  -8.201  1.00 42.19  ? 593 HIS A CA  1 
ATOM   748 C  C   . HIS A 1 98  ? -3.462  -4.529  -6.940  1.00 40.68  ? 593 HIS A C   1 
ATOM   749 O  O   . HIS A 1 98  ? -4.193  -4.144  -6.035  1.00 42.97  ? 593 HIS A O   1 
ATOM   750 C  CB  . HIS A 1 98  ? -2.855  -2.299  -7.891  1.00 41.20  ? 593 HIS A CB  1 
ATOM   751 C  CG  . HIS A 1 98  ? -2.686  -1.454  -9.111  1.00 42.52  ? 593 HIS A CG  1 
ATOM   752 N  ND1 . HIS A 1 98  ? -1.542  -1.475  -9.875  1.00 43.04  ? 593 HIS A ND1 1 
ATOM   753 C  CD2 . HIS A 1 98  ? -3.529  -0.582  -9.721  1.00 44.30  ? 593 HIS A CD2 1 
ATOM   754 C  CE1 . HIS A 1 98  ? -1.677  -0.638  -10.891 1.00 43.02  ? 593 HIS A CE1 1 
ATOM   755 N  NE2 . HIS A 1 98  ? -2.873  -0.084  -10.822 1.00 42.81  ? 593 HIS A NE2 1 
ATOM   756 N  N   . VAL A 1 99  ? -2.773  -5.668  -6.910  1.00 36.50  ? 594 VAL A N   1 
ATOM   757 C  CA  . VAL A 1 99  ? -2.762  -6.553  -5.766  1.00 35.82  ? 594 VAL A CA  1 
ATOM   758 C  C   . VAL A 1 99  ? -1.363  -6.682  -5.166  1.00 35.41  ? 594 VAL A C   1 
ATOM   759 O  O   . VAL A 1 99  ? -0.378  -6.978  -5.874  1.00 33.04  ? 594 VAL A O   1 
ATOM   760 C  CB  . VAL A 1 99  ? -3.238  -7.972  -6.150  1.00 35.48  ? 594 VAL A CB  1 
ATOM   761 C  CG1 . VAL A 1 99  ? -3.488  -8.831  -4.861  1.00 30.08  ? 594 VAL A CG1 1 
ATOM   762 C  CG2 . VAL A 1 99  ? -4.478  -7.875  -7.021  1.00 33.49  ? 594 VAL A CG2 1 
ATOM   763 N  N   . PHE A 1 100 ? -1.285  -6.502  -3.853  1.00 35.00  ? 595 PHE A N   1 
ATOM   764 C  CA  . PHE A 1 100 ? -0.026  -6.634  -3.145  1.00 35.51  ? 595 PHE A CA  1 
ATOM   765 C  C   . PHE A 1 100 ? -0.115  -7.549  -1.958  1.00 33.17  ? 595 PHE A C   1 
ATOM   766 O  O   . PHE A 1 100 ? -1.195  -7.801  -1.446  1.00 32.30  ? 595 PHE A O   1 
ATOM   767 C  CB  . PHE A 1 100 ? 0.411   -5.272  -2.631  1.00 36.83  ? 595 PHE A CB  1 
ATOM   768 C  CG  . PHE A 1 100 ? 0.577   -4.256  -3.701  1.00 36.37  ? 595 PHE A CG  1 
ATOM   769 C  CD1 . PHE A 1 100 ? 1.742   -4.197  -4.433  1.00 37.62  ? 595 PHE A CD1 1 
ATOM   770 C  CD2 . PHE A 1 100 ? -0.427  -3.353  -3.971  1.00 37.74  ? 595 PHE A CD2 1 
ATOM   771 C  CE1 . PHE A 1 100 ? 1.905   -3.258  -5.421  1.00 38.41  ? 595 PHE A CE1 1 
ATOM   772 C  CE2 . PHE A 1 100 ? -0.271  -2.405  -4.959  1.00 38.81  ? 595 PHE A CE2 1 
ATOM   773 C  CZ  . PHE A 1 100 ? 0.894   -2.357  -5.688  1.00 37.10  ? 595 PHE A CZ  1 
ATOM   774 N  N   . ARG A 1 101 ? 1.038   -8.029  -1.506  1.00 35.54  ? 596 ARG A N   1 
ATOM   775 C  CA  . ARG A 1 101 ? 1.162   -8.491  -0.122  1.00 37.46  ? 596 ARG A CA  1 
ATOM   776 C  C   . ARG A 1 101 ? 2.019   -7.534  0.692   1.00 34.58  ? 596 ARG A C   1 
ATOM   777 O  O   . ARG A 1 101 ? 3.025   -7.022  0.222   1.00 34.02  ? 596 ARG A O   1 
ATOM   778 C  CB  . ARG A 1 101 ? 1.719   -9.908  -0.025  1.00 38.62  ? 596 ARG A CB  1 
ATOM   779 C  CG  . ARG A 1 101 ? 1.008   -10.695 1.071   1.00 41.86  ? 596 ARG A CG  1 
ATOM   780 C  CD  . ARG A 1 101 ? 1.670   -11.991 1.440   1.00 43.55  ? 596 ARG A CD  1 
ATOM   781 N  NE  . ARG A 1 101 ? 1.956   -12.814 0.274   1.00 47.65  ? 596 ARG A NE  1 
ATOM   782 C  CZ  . ARG A 1 101 ? 1.051   -13.517 -0.412  1.00 50.46  ? 596 ARG A CZ  1 
ATOM   783 N  NH1 . ARG A 1 101 ? -0.248  -13.500 -0.065  1.00 49.25  ? 596 ARG A NH1 1 
ATOM   784 N  NH2 . ARG A 1 101 ? 1.453   -14.233 -1.468  1.00 49.67  ? 596 ARG A NH2 1 
ATOM   785 N  N   . PHE A 1 102 ? 1.577   -7.281  1.908   1.00 34.19  ? 597 PHE A N   1 
ATOM   786 C  CA  . PHE A 1 102 ? 2.388   -6.620  2.902   1.00 36.94  ? 597 PHE A CA  1 
ATOM   787 C  C   . PHE A 1 102 ? 3.178   -7.681  3.677   1.00 38.10  ? 597 PHE A C   1 
ATOM   788 O  O   . PHE A 1 102 ? 2.607   -8.593  4.272   1.00 37.12  ? 597 PHE A O   1 
ATOM   789 C  CB  . PHE A 1 102 ? 1.516   -5.818  3.852   1.00 33.82  ? 597 PHE A CB  1 
ATOM   790 C  CG  . PHE A 1 102 ? 2.273   -5.197  4.969   1.00 34.25  ? 597 PHE A CG  1 
ATOM   791 C  CD1 . PHE A 1 102 ? 2.285   -5.782  6.222   1.00 34.42  ? 597 PHE A CD1 1 
ATOM   792 C  CD2 . PHE A 1 102 ? 2.991   -4.020  4.770   1.00 34.60  ? 597 PHE A CD2 1 
ATOM   793 C  CE1 . PHE A 1 102 ? 2.988   -5.213  7.265   1.00 33.09  ? 597 PHE A CE1 1 
ATOM   794 C  CE2 . PHE A 1 102 ? 3.690   -3.440  5.816   1.00 33.90  ? 597 PHE A CE2 1 
ATOM   795 C  CZ  . PHE A 1 102 ? 3.689   -4.040  7.064   1.00 33.37  ? 597 PHE A CZ  1 
ATOM   796 N  N   . ASN A 1 103 ? 4.496   -7.546  3.654   1.00 42.71  ? 598 ASN A N   1 
ATOM   797 C  CA  . ASN A 1 103 ? 5.400   -8.483  4.292   1.00 45.87  ? 598 ASN A CA  1 
ATOM   798 C  C   . ASN A 1 103 ? 6.264   -7.747  5.259   1.00 49.10  ? 598 ASN A C   1 
ATOM   799 O  O   . ASN A 1 103 ? 6.940   -6.793  4.901   1.00 47.40  ? 598 ASN A O   1 
ATOM   800 C  CB  . ASN A 1 103 ? 6.273   -9.148  3.240   1.00 51.00  ? 598 ASN A CB  1 
ATOM   801 C  CG  . ASN A 1 103 ? 5.542   -10.265 2.513   1.00 57.61  ? 598 ASN A CG  1 
ATOM   802 O  OD1 . ASN A 1 103 ? 5.035   -11.195 3.163   1.00 63.68  ? 598 ASN A OD1 1 
ATOM   803 N  ND2 . ASN A 1 103 ? 5.460   -10.183 1.164   1.00 58.17  ? 598 ASN A ND2 1 
ATOM   804 N  N   . HIS A 1 104 ? 6.247   -8.173  6.498   1.00 54.35  ? 599 HIS A N   1 
ATOM   805 C  CA  . HIS A 1 104 ? 7.035   -7.492  7.484   1.00 59.72  ? 599 HIS A CA  1 
ATOM   806 C  C   . HIS A 1 104 ? 8.202   -8.350  7.905   1.00 61.88  ? 599 HIS A C   1 
ATOM   807 O  O   . HIS A 1 104 ? 9.350   -8.057  7.512   1.00 66.43  ? 599 HIS A O   1 
ATOM   808 C  CB  . HIS A 1 104 ? 6.186   -7.162  8.674   1.00 62.88  ? 599 HIS A CB  1 
ATOM   809 C  CG  . HIS A 1 104 ? 6.763   -6.093  9.512   1.00 65.08  ? 599 HIS A CG  1 
ATOM   810 N  ND1 . HIS A 1 104 ? 5.985   -5.133  10.120  1.00 67.36  ? 599 HIS A ND1 1 
ATOM   811 C  CD2 . HIS A 1 104 ? 8.049   -5.806  9.825   1.00 67.03  ? 599 HIS A CD2 1 
ATOM   812 C  CE1 . HIS A 1 104 ? 6.771   -4.311  10.796  1.00 69.87  ? 599 HIS A CE1 1 
ATOM   813 N  NE2 . HIS A 1 104 ? 8.027   -4.699  10.636  1.00 68.89  ? 599 HIS A NE2 1 
ATOM   814 O  OXT . HIS A 1 104 ? 8.003   -9.327  8.639   1.00 58.61  ? 599 HIS A OXT 1 
HETATM 815 CL CL  . CL  B 2 .   ? -7.393  0.114   -10.907 1.00 50.22  ? 801 CL  A CL  1 
HETATM 816 NI NI  . NI  C 3 .   ? 14.091  -6.218  1.796   0.50 35.80  ? 901 NI  A NI  1 
HETATM 817 X  UNK . UNX D 4 .   ? -5.480  10.459  2.339   0.01 2.00   ? 802 UNX A UNK 1 
HETATM 818 O  O   . HOH E 5 .   ? -7.795  4.077   -0.444  1.00 36.77  ? 701 HOH A O   1 
HETATM 819 O  O   . HOH E 5 .   ? 1.903   -2.889  11.551  1.00 33.43  ? 702 HOH A O   1 
HETATM 820 O  O   . HOH E 5 .   ? -8.648  11.414  -8.946  1.00 35.56  ? 705 HOH A O   1 
HETATM 821 O  O   . HOH E 5 .   ? 9.209   3.364   11.566  1.00 51.16  ? 706 HOH A O   1 
HETATM 822 O  O   . HOH E 5 .   ? 1.329   0.650   -12.408 1.00 35.35  ? 707 HOH A O   1 
HETATM 823 O  O   . HOH E 5 .   ? -11.359 2.361   0.368   1.00 43.32  ? 708 HOH A O   1 
HETATM 824 O  O   . HOH E 5 .   ? -7.618  -7.713  -0.043  1.00 35.88  ? 710 HOH A O   1 
HETATM 825 O  O   . HOH E 5 .   ? 6.117   4.928   4.997   1.00 34.83  ? 711 HOH A O   1 
# 
loop_
_pdbx_poly_seq_scheme.asym_id 
_pdbx_poly_seq_scheme.entity_id 
_pdbx_poly_seq_scheme.seq_id 
_pdbx_poly_seq_scheme.mon_id 
_pdbx_poly_seq_scheme.ndb_seq_num 
_pdbx_poly_seq_scheme.pdb_seq_num 
_pdbx_poly_seq_scheme.auth_seq_num 
_pdbx_poly_seq_scheme.pdb_mon_id 
_pdbx_poly_seq_scheme.auth_mon_id 
_pdbx_poly_seq_scheme.pdb_strand_id 
_pdbx_poly_seq_scheme.pdb_ins_code 
_pdbx_poly_seq_scheme.hetero 
A 1 1   GLY 1   496 ?   ?   ?   A . n 
A 1 2   SER 2   497 497 SER SER A . n 
A 1 3   THR 3   498 498 THR THR A . n 
A 1 4   PRO 4   499 499 PRO PRO A . n 
A 1 5   HIS 5   500 500 HIS HIS A . n 
A 1 6   LEU 6   501 501 LEU LEU A . n 
A 1 7   VAL 7   502 502 VAL VAL A . n 
A 1 8   ASN 8   503 503 ASN ASN A . n 
A 1 9   LEU 9   504 504 LEU LEU A . n 
A 1 10  ASN 10  505 505 ASN ASN A . n 
A 1 11  GLU 11  506 506 GLU GLU A . n 
A 1 12  ASP 12  507 507 ASP ASP A . n 
A 1 13  PRO 13  508 508 PRO PRO A . n 
A 1 14  LEU 14  509 509 LEU LEU A . n 
A 1 15  MET 15  510 510 MET MET A . n 
A 1 16  SER 16  511 511 SER SER A . n 
A 1 17  GLU 17  512 512 GLU GLU A . n 
A 1 18  CYS 18  513 513 CYS CYS A . n 
A 1 19  LEU 19  514 514 LEU LEU A . n 
A 1 20  LEU 20  515 515 LEU LEU A . n 
A 1 21  TYR 21  516 516 TYR TYR A . n 
A 1 22  HIS 22  517 517 HIS HIS A . n 
A 1 23  ILE 23  518 518 ILE ILE A . n 
A 1 24  LYS 24  519 519 LYS LYS A . n 
A 1 25  ASP 25  520 520 ASP ASP A . n 
A 1 26  GLY 26  521 521 GLY GLY A . n 
A 1 27  VAL 27  522 522 VAL VAL A . n 
A 1 28  THR 28  523 523 THR THR A . n 
A 1 29  ARG 29  524 524 ARG ARG A . n 
A 1 30  VAL 30  525 525 VAL VAL A . n 
A 1 31  GLY 31  526 526 GLY GLY A . n 
A 1 32  GLN 32  527 527 GLN GLN A . n 
A 1 33  VAL 33  528 528 VAL VAL A . n 
A 1 34  ASP 34  529 529 ASP ASP A . n 
A 1 35  MET 35  530 530 MET MET A . n 
A 1 36  ASP 36  531 531 ASP ASP A . n 
A 1 37  ILE 37  532 532 ILE ILE A . n 
A 1 38  LYS 38  533 533 LYS LYS A . n 
A 1 39  LEU 39  534 534 LEU LEU A . n 
A 1 40  THR 40  535 535 THR THR A . n 
A 1 41  GLY 41  536 536 GLY GLY A . n 
A 1 42  GLN 42  537 537 GLN GLN A . n 
A 1 43  PHE 43  538 538 PHE PHE A . n 
A 1 44  ILE 44  539 539 ILE ILE A . n 
A 1 45  ARG 45  540 540 ARG ARG A . n 
A 1 46  GLU 46  541 541 GLU GLU A . n 
A 1 47  GLN 47  542 542 GLN GLN A . n 
A 1 48  HIS 48  543 543 HIS HIS A . n 
A 1 49  CYS 49  544 544 CYS CYS A . n 
A 1 50  LEU 50  545 545 LEU LEU A . n 
A 1 51  PHE 51  546 546 PHE PHE A . n 
A 1 52  ARG 52  547 547 ARG ARG A . n 
A 1 53  SER 53  548 548 SER SER A . n 
A 1 54  ILE 54  549 549 ILE ILE A . n 
A 1 55  PRO 55  550 550 PRO PRO A . n 
A 1 56  GLN 56  551 551 GLN GLN A . n 
A 1 57  PRO 57  552 552 PRO PRO A . n 
A 1 58  ASP 58  553 553 ASP ASP A . n 
A 1 59  GLY 59  554 554 GLY GLY A . n 
A 1 60  GLU 60  555 555 GLU GLU A . n 
A 1 61  VAL 61  556 556 VAL VAL A . n 
A 1 62  VAL 62  557 557 VAL VAL A . n 
A 1 63  VAL 63  558 558 VAL VAL A . n 
A 1 64  THR 64  559 559 THR THR A . n 
A 1 65  LEU 65  560 560 LEU LEU A . n 
A 1 66  GLU 66  561 561 GLU GLU A . n 
A 1 67  PRO 67  562 562 PRO PRO A . n 
A 1 68  CYS 68  563 563 CYS CYS A . n 
A 1 69  GLU 69  564 564 GLU GLU A . n 
A 1 70  GLY 70  565 565 GLY GLY A . n 
A 1 71  ALA 71  566 566 ALA ALA A . n 
A 1 72  GLU 72  567 567 GLU GLU A . n 
A 1 73  THR 73  568 568 THR THR A . n 
A 1 74  TYR 74  569 569 TYR TYR A . n 
A 1 75  VAL 75  570 570 VAL VAL A . n 
A 1 76  ASN 76  571 571 ASN ASN A . n 
A 1 77  GLY 77  572 572 GLY GLY A . n 
A 1 78  LYS 78  573 573 LYS LYS A . n 
A 1 79  LEU 79  574 574 LEU LEU A . n 
A 1 80  VAL 80  575 575 VAL VAL A . n 
A 1 81  THR 81  576 576 THR THR A . n 
A 1 82  GLU 82  577 577 GLU GLU A . n 
A 1 83  PRO 83  578 578 PRO PRO A . n 
A 1 84  LEU 84  579 579 LEU LEU A . n 
A 1 85  VAL 85  580 580 VAL VAL A . n 
A 1 86  LEU 86  581 581 LEU LEU A . n 
A 1 87  LYS 87  582 582 LYS LYS A . n 
A 1 88  SER 88  583 583 SER SER A . n 
A 1 89  GLY 89  584 584 GLY GLY A . n 
A 1 90  ASN 90  585 585 ASN ASN A . n 
A 1 91  ARG 91  586 586 ARG ARG A . n 
A 1 92  ILE 92  587 587 ILE ILE A . n 
A 1 93  VAL 93  588 588 VAL VAL A . n 
A 1 94  MET 94  589 589 MET MET A . n 
A 1 95  GLY 95  590 590 GLY GLY A . n 
A 1 96  LYS 96  591 591 LYS LYS A . n 
A 1 97  ASN 97  592 592 ASN ASN A . n 
A 1 98  HIS 98  593 593 HIS HIS A . n 
A 1 99  VAL 99  594 594 VAL VAL A . n 
A 1 100 PHE 100 595 595 PHE PHE A . n 
A 1 101 ARG 101 596 596 ARG ARG A . n 
A 1 102 PHE 102 597 597 PHE PHE A . n 
A 1 103 ASN 103 598 598 ASN ASN A . n 
A 1 104 HIS 104 599 599 HIS HIS A . n 
# 
_pdbx_SG_project.id                    1 
_pdbx_SG_project.project_name          ? 
_pdbx_SG_project.full_name_of_center   'Structural Genomics Consortium' 
_pdbx_SG_project.initial_of_center     SGC 
# 
loop_
_pdbx_nonpoly_scheme.asym_id 
_pdbx_nonpoly_scheme.entity_id 
_pdbx_nonpoly_scheme.mon_id 
_pdbx_nonpoly_scheme.ndb_seq_num 
_pdbx_nonpoly_scheme.pdb_seq_num 
_pdbx_nonpoly_scheme.auth_seq_num 
_pdbx_nonpoly_scheme.pdb_mon_id 
_pdbx_nonpoly_scheme.auth_mon_id 
_pdbx_nonpoly_scheme.pdb_strand_id 
_pdbx_nonpoly_scheme.pdb_ins_code 
B 2 CL  1 801 801 CL  CL  A . 
C 3 NI  1 901 901 NI  NI  A . 
D 4 UNX 1 802 802 UNX UNX A . 
E 5 HOH 1 701 701 HOH HOH A . 
E 5 HOH 2 702 702 HOH HOH A . 
E 5 HOH 3 705 705 HOH HOH A . 
E 5 HOH 4 706 706 HOH HOH A . 
E 5 HOH 5 707 707 HOH HOH A . 
E 5 HOH 6 708 708 HOH HOH A . 
E 5 HOH 7 710 710 HOH HOH A . 
E 5 HOH 8 711 711 HOH HOH A . 
# 
loop_
_pdbx_struct_assembly.id 
_pdbx_struct_assembly.details 
_pdbx_struct_assembly.method_details 
_pdbx_struct_assembly.oligomeric_details 
_pdbx_struct_assembly.oligomeric_count 
1 author_and_software_defined_assembly PQS  monomeric 1 
2 software_defined_assembly            PISA dimeric   2 
# 
loop_
_pdbx_struct_assembly_gen.assembly_id 
_pdbx_struct_assembly_gen.oper_expression 
_pdbx_struct_assembly_gen.asym_id_list 
1 1   A,B,C,D,E 
2 1,2 A,B,C,D,E 
# 
loop_
_pdbx_struct_assembly_prop.biol_id 
_pdbx_struct_assembly_prop.type 
_pdbx_struct_assembly_prop.value 
_pdbx_struct_assembly_prop.details 
2 'ABSA (A^2)' 1880  ? 
2 MORE         -65   ? 
2 'SSA (A^2)'  10860 ? 
# 
loop_
_pdbx_struct_oper_list.id 
_pdbx_struct_oper_list.type 
_pdbx_struct_oper_list.name 
_pdbx_struct_oper_list.symmetry_operation 
_pdbx_struct_oper_list.matrix[1][1] 
_pdbx_struct_oper_list.matrix[1][2] 
_pdbx_struct_oper_list.matrix[1][3] 
_pdbx_struct_oper_list.vector[1] 
_pdbx_struct_oper_list.matrix[2][1] 
_pdbx_struct_oper_list.matrix[2][2] 
_pdbx_struct_oper_list.matrix[2][3] 
_pdbx_struct_oper_list.vector[2] 
_pdbx_struct_oper_list.matrix[3][1] 
_pdbx_struct_oper_list.matrix[3][2] 
_pdbx_struct_oper_list.matrix[3][3] 
_pdbx_struct_oper_list.vector[3] 
1 'identity operation'         1_555  x,y,z          1.0000000000 0.0000000000 0.0000000000 0.0000000000  0.0000000000 1.0000000000  0.0000000000 0.0000000000   0.0000000000 0.0000000000 1.0000000000  0.0000000000  
2 'crystal symmetry operation' 12_545 x,x-y-1,-z+1/6 0.1954431766 0.6579338554 0.7272723057 14.5424750215 0.6579338554 -0.6378941580 0.4002675170 -19.9163362542 0.7272723057 0.4002675170 -0.5575490187 -5.8864755400 
# 
loop_
_pdbx_struct_conn_angle.id 
_pdbx_struct_conn_angle.ptnr1_label_atom_id 
_pdbx_struct_conn_angle.ptnr1_label_alt_id 
_pdbx_struct_conn_angle.ptnr1_label_asym_id 
_pdbx_struct_conn_angle.ptnr1_label_comp_id 
_pdbx_struct_conn_angle.ptnr1_label_seq_id 
_pdbx_struct_conn_angle.ptnr1_auth_atom_id 
_pdbx_struct_conn_angle.ptnr1_auth_asym_id 
_pdbx_struct_conn_angle.ptnr1_auth_comp_id 
_pdbx_struct_conn_angle.ptnr1_auth_seq_id 
_pdbx_struct_conn_angle.ptnr1_PDB_ins_code 
_pdbx_struct_conn_angle.ptnr1_symmetry 
_pdbx_struct_conn_angle.ptnr2_label_atom_id 
_pdbx_struct_conn_angle.ptnr2_label_alt_id 
_pdbx_struct_conn_angle.ptnr2_label_asym_id 
_pdbx_struct_conn_angle.ptnr2_label_comp_id 
_pdbx_struct_conn_angle.ptnr2_label_seq_id 
_pdbx_struct_conn_angle.ptnr2_auth_atom_id 
_pdbx_struct_conn_angle.ptnr2_auth_asym_id 
_pdbx_struct_conn_angle.ptnr2_auth_comp_id 
_pdbx_struct_conn_angle.ptnr2_auth_seq_id 
_pdbx_struct_conn_angle.ptnr2_PDB_ins_code 
_pdbx_struct_conn_angle.ptnr2_symmetry 
_pdbx_struct_conn_angle.ptnr3_label_atom_id 
_pdbx_struct_conn_angle.ptnr3_label_alt_id 
_pdbx_struct_conn_angle.ptnr3_label_asym_id 
_pdbx_struct_conn_angle.ptnr3_label_comp_id 
_pdbx_struct_conn_angle.ptnr3_label_seq_id 
_pdbx_struct_conn_angle.ptnr3_auth_atom_id 
_pdbx_struct_conn_angle.ptnr3_auth_asym_id 
_pdbx_struct_conn_angle.ptnr3_auth_comp_id 
_pdbx_struct_conn_angle.ptnr3_auth_seq_id 
_pdbx_struct_conn_angle.ptnr3_PDB_ins_code 
_pdbx_struct_conn_angle.ptnr3_symmetry 
_pdbx_struct_conn_angle.value 
_pdbx_struct_conn_angle.value_esd 
1 NE2 ? A HIS 5  ? A HIS 500 ? 1_555  NI ? C NI . ? A NI 901 ? 1_555 NE2 ? A HIS 5  ? A HIS 500 ? 12_545 92.1  ? 
2 NE2 ? A HIS 5  ? A HIS 500 ? 1_555  NI ? C NI . ? A NI 901 ? 1_555 NE2 ? A HIS 22 ? A HIS 517 ? 1_555  83.1  ? 
3 NE2 ? A HIS 5  ? A HIS 500 ? 12_545 NI ? C NI . ? A NI 901 ? 1_555 NE2 ? A HIS 22 ? A HIS 517 ? 1_555  82.3  ? 
4 NE2 ? A HIS 5  ? A HIS 500 ? 1_555  NI ? C NI . ? A NI 901 ? 1_555 NE2 ? A HIS 22 ? A HIS 517 ? 12_545 112.6 ? 
5 NE2 ? A HIS 5  ? A HIS 500 ? 12_545 NI ? C NI . ? A NI 901 ? 1_555 NE2 ? A HIS 22 ? A HIS 517 ? 12_545 73.3  ? 
6 NE2 ? A HIS 22 ? A HIS 517 ? 1_555  NI ? C NI . ? A NI 901 ? 1_555 NE2 ? A HIS 22 ? A HIS 517 ? 12_545 151.0 ? 
# 
loop_
_pdbx_audit_revision_history.ordinal 
_pdbx_audit_revision_history.data_content_type 
_pdbx_audit_revision_history.major_revision 
_pdbx_audit_revision_history.minor_revision 
_pdbx_audit_revision_history.revision_date 
1 'Structure model' 1 0 2006-02-28 
2 'Structure model' 1 1 2008-05-01 
3 'Structure model' 1 2 2011-07-13 
4 'Structure model' 1 3 2017-10-18 
5 'Structure model' 1 4 2023-08-30 
# 
_pdbx_audit_revision_details.ordinal             1 
_pdbx_audit_revision_details.revision_ordinal    1 
_pdbx_audit_revision_details.data_content_type   'Structure model' 
_pdbx_audit_revision_details.provider            repository 
_pdbx_audit_revision_details.type                'Initial release' 
_pdbx_audit_revision_details.description         ? 
_pdbx_audit_revision_details.details             ? 
# 
loop_
_pdbx_audit_revision_group.ordinal 
_pdbx_audit_revision_group.revision_ordinal 
_pdbx_audit_revision_group.data_content_type 
_pdbx_audit_revision_group.group 
1 2 'Structure model' 'Version format compliance' 
2 3 'Structure model' 'Derived calculations'      
3 3 'Structure model' 'Version format compliance' 
4 4 'Structure model' 'Refinement description'    
5 5 'Structure model' 'Data collection'           
6 5 'Structure model' 'Database references'       
7 5 'Structure model' 'Derived calculations'      
8 5 'Structure model' 'Refinement description'    
# 
loop_
_pdbx_audit_revision_category.ordinal 
_pdbx_audit_revision_category.revision_ordinal 
_pdbx_audit_revision_category.data_content_type 
_pdbx_audit_revision_category.category 
1 4 'Structure model' software                      
2 5 'Structure model' chem_comp_atom                
3 5 'Structure model' chem_comp_bond                
4 5 'Structure model' database_2                    
5 5 'Structure model' pdbx_initial_refinement_model 
6 5 'Structure model' pdbx_struct_conn_angle        
7 5 'Structure model' struct_conn                   
8 5 'Structure model' struct_ref_seq_dif            
9 5 'Structure model' struct_site                   
# 
loop_
_pdbx_audit_revision_item.ordinal 
_pdbx_audit_revision_item.revision_ordinal 
_pdbx_audit_revision_item.data_content_type 
_pdbx_audit_revision_item.item 
1  4 'Structure model' '_software.classification'                   
2  4 'Structure model' '_software.contact_author'                   
3  4 'Structure model' '_software.contact_author_email'             
4  4 'Structure model' '_software.date'                             
5  4 'Structure model' '_software.language'                         
6  4 'Structure model' '_software.location'                         
7  4 'Structure model' '_software.name'                             
8  4 'Structure model' '_software.type'                             
9  4 'Structure model' '_software.version'                          
10 5 'Structure model' '_database_2.pdbx_DOI'                       
11 5 'Structure model' '_database_2.pdbx_database_accession'        
12 5 'Structure model' '_pdbx_struct_conn_angle.ptnr1_auth_seq_id'  
13 5 'Structure model' '_pdbx_struct_conn_angle.ptnr1_label_seq_id' 
14 5 'Structure model' '_pdbx_struct_conn_angle.ptnr1_symmetry'     
15 5 'Structure model' '_pdbx_struct_conn_angle.ptnr3_auth_seq_id'  
16 5 'Structure model' '_pdbx_struct_conn_angle.ptnr3_label_seq_id' 
17 5 'Structure model' '_pdbx_struct_conn_angle.ptnr3_symmetry'     
18 5 'Structure model' '_pdbx_struct_conn_angle.value'              
19 5 'Structure model' '_struct_conn.pdbx_dist_value'               
20 5 'Structure model' '_struct_conn.ptnr1_auth_comp_id'            
21 5 'Structure model' '_struct_conn.ptnr1_auth_seq_id'             
22 5 'Structure model' '_struct_conn.ptnr1_label_asym_id'           
23 5 'Structure model' '_struct_conn.ptnr1_label_atom_id'           
24 5 'Structure model' '_struct_conn.ptnr1_label_comp_id'           
25 5 'Structure model' '_struct_conn.ptnr1_label_seq_id'            
26 5 'Structure model' '_struct_conn.ptnr1_symmetry'                
27 5 'Structure model' '_struct_conn.ptnr2_auth_comp_id'            
28 5 'Structure model' '_struct_conn.ptnr2_auth_seq_id'             
29 5 'Structure model' '_struct_conn.ptnr2_label_asym_id'           
30 5 'Structure model' '_struct_conn.ptnr2_label_atom_id'           
31 5 'Structure model' '_struct_conn.ptnr2_label_comp_id'           
32 5 'Structure model' '_struct_conn.ptnr2_label_seq_id'            
33 5 'Structure model' '_struct_conn.ptnr2_symmetry'                
34 5 'Structure model' '_struct_ref_seq_dif.details'                
35 5 'Structure model' '_struct_site.pdbx_auth_asym_id'             
36 5 'Structure model' '_struct_site.pdbx_auth_comp_id'             
37 5 'Structure model' '_struct_site.pdbx_auth_seq_id'              
# 
_pdbx_phasing_MR.entry_id                     2G1L 
_pdbx_phasing_MR.method_rotation              ? 
_pdbx_phasing_MR.method_translation           ? 
_pdbx_phasing_MR.model_details                ? 
_pdbx_phasing_MR.R_factor                     ? 
_pdbx_phasing_MR.R_rigid_body                 ? 
_pdbx_phasing_MR.correlation_coeff_Fo_to_Fc   ? 
_pdbx_phasing_MR.correlation_coeff_Io_to_Ic   ? 
_pdbx_phasing_MR.d_res_high_rotation          3.000 
_pdbx_phasing_MR.d_res_low_rotation           29.080 
_pdbx_phasing_MR.d_res_high_translation       3.000 
_pdbx_phasing_MR.d_res_low_translation        29.080 
_pdbx_phasing_MR.packing                      ? 
_pdbx_phasing_MR.reflns_percent_rotation      ? 
_pdbx_phasing_MR.reflns_percent_translation   ? 
_pdbx_phasing_MR.sigma_F_rotation             ? 
_pdbx_phasing_MR.sigma_F_translation          ? 
_pdbx_phasing_MR.sigma_I_rotation             ? 
_pdbx_phasing_MR.sigma_I_translation          ? 
# 
_phasing.method   mr 
# 
loop_
_software.name 
_software.version 
_software.date 
_software.type 
_software.contact_author 
_software.contact_author_email 
_software.classification 
_software.location 
_software.language 
_software.citation_id 
_software.pdbx_ordinal 
DENZO       .               ?              package 'Zbyszek Otwinowski' zbyszek@mix.swmed.edu       'data reduction'  
http://www.lnls.br/infra/linhasluz/denzo-hkl.htm ?       ? 1 
SCALEPACK   .               ?              package 'Zbyszek Otwinowski' zbyszek@mix.swmed.edu       'data scaling'    
http://www.lnls.br/infra/linhasluz/denzo-hkl.htm ?       ? 2 
PHASER      .               ?              program 'R. J. Read'         cimr-phaser@lists.cam.ac.uk phasing           
http://www-structmed.cimr.cam.ac.uk/phaser/      ?       ? 3 
REFMAC      refmac_5.2.0019 24/04/2001     program 'Murshudov, G.N.'    ccp4@dl.ac.uk               refinement        
http://www.ccp4.ac.uk/main.html                  Fortran ? 4 
PDB_EXTRACT 1.701           'Nov. 1, 2005' package PDB                  sw-help@rcsb.rutgers.edu    'data extraction' 
http://pdb.rutgers.edu/software/                 C++     ? 5 
# 
loop_
_pdbx_database_remark.id 
_pdbx_database_remark.text 
42  
;MOLPROBITY STRUCTURE VALIDATION 
PROGRAMS   : MOLPROBITY  (KING, REDUCE, AND PROBE) 
AUTHORS    : I.W.DAVIS,J.M.WORD  
URL        : HTTP://KINEMAGE.BIOCHEM.DUKE.EDU/MOLPROBITY/ 
AUTHORS    : J.S.RICHARDSON,W.B.ARENDALL,D.C.RICHARDSON 
REFERENCE  : NEW TOOLS AND DATA FOR IMPROVING  
           : STRUCTURES, USING ALL-ATOM CONTACTS 
           : METHODS IN ENZYMOLOGY. 2003;374:385-412. 
MOLPROBITY OUTPUT SCORES: 
ALL-ATOM CLASHSCORE     :  11.67  (3.26 B<40) 
BAD ROTAMERS            :   1.1%    1/94   (TARGET  0-1%) 
RAMACHANDRAN OUTLIERS   :   0.0%    0/101  (TARGET  0.2%) 
RAMACHANDRAN FAVORED    :  96.0%   97/101  (TARGET 98.0%) 

;
300 
;BIOMOLECULE: 1      
THIS ENTRY CONTAINS THE CRYSTALLOGRAPHIC ASYMMETRIC UNIT 
WHICH CONSISTS OF 1 CHAIN(S). THE BIOLOGICAL UNIT OF THIS 
PROTEIN IS UNKNOWN.
;
# 
_pdbx_validate_torsion.id              1 
_pdbx_validate_torsion.PDB_model_num   1 
_pdbx_validate_torsion.auth_comp_id    ASP 
_pdbx_validate_torsion.auth_asym_id    A 
_pdbx_validate_torsion.auth_seq_id     529 
_pdbx_validate_torsion.PDB_ins_code    ? 
_pdbx_validate_torsion.label_alt_id    ? 
_pdbx_validate_torsion.phi             72.64 
_pdbx_validate_torsion.psi             64.88 
# 
_pdbx_unobs_or_zero_occ_residues.id               1 
_pdbx_unobs_or_zero_occ_residues.PDB_model_num    1 
_pdbx_unobs_or_zero_occ_residues.polymer_flag     Y 
_pdbx_unobs_or_zero_occ_residues.occupancy_flag   1 
_pdbx_unobs_or_zero_occ_residues.auth_asym_id     A 
_pdbx_unobs_or_zero_occ_residues.auth_comp_id     GLY 
_pdbx_unobs_or_zero_occ_residues.auth_seq_id      496 
_pdbx_unobs_or_zero_occ_residues.PDB_ins_code     ? 
_pdbx_unobs_or_zero_occ_residues.label_asym_id    A 
_pdbx_unobs_or_zero_occ_residues.label_comp_id    GLY 
_pdbx_unobs_or_zero_occ_residues.label_seq_id     1 
# 
loop_
_chem_comp_atom.comp_id 
_chem_comp_atom.atom_id 
_chem_comp_atom.type_symbol 
_chem_comp_atom.pdbx_aromatic_flag 
_chem_comp_atom.pdbx_stereo_config 
_chem_comp_atom.pdbx_ordinal 
ALA N    N  N N 1   
ALA CA   C  N S 2   
ALA C    C  N N 3   
ALA O    O  N N 4   
ALA CB   C  N N 5   
ALA OXT  O  N N 6   
ALA H    H  N N 7   
ALA H2   H  N N 8   
ALA HA   H  N N 9   
ALA HB1  H  N N 10  
ALA HB2  H  N N 11  
ALA HB3  H  N N 12  
ALA HXT  H  N N 13  
ARG N    N  N N 14  
ARG CA   C  N S 15  
ARG C    C  N N 16  
ARG O    O  N N 17  
ARG CB   C  N N 18  
ARG CG   C  N N 19  
ARG CD   C  N N 20  
ARG NE   N  N N 21  
ARG CZ   C  N N 22  
ARG NH1  N  N N 23  
ARG NH2  N  N N 24  
ARG OXT  O  N N 25  
ARG H    H  N N 26  
ARG H2   H  N N 27  
ARG HA   H  N N 28  
ARG HB2  H  N N 29  
ARG HB3  H  N N 30  
ARG HG2  H  N N 31  
ARG HG3  H  N N 32  
ARG HD2  H  N N 33  
ARG HD3  H  N N 34  
ARG HE   H  N N 35  
ARG HH11 H  N N 36  
ARG HH12 H  N N 37  
ARG HH21 H  N N 38  
ARG HH22 H  N N 39  
ARG HXT  H  N N 40  
ASN N    N  N N 41  
ASN CA   C  N S 42  
ASN C    C  N N 43  
ASN O    O  N N 44  
ASN CB   C  N N 45  
ASN CG   C  N N 46  
ASN OD1  O  N N 47  
ASN ND2  N  N N 48  
ASN OXT  O  N N 49  
ASN H    H  N N 50  
ASN H2   H  N N 51  
ASN HA   H  N N 52  
ASN HB2  H  N N 53  
ASN HB3  H  N N 54  
ASN HD21 H  N N 55  
ASN HD22 H  N N 56  
ASN HXT  H  N N 57  
ASP N    N  N N 58  
ASP CA   C  N S 59  
ASP C    C  N N 60  
ASP O    O  N N 61  
ASP CB   C  N N 62  
ASP CG   C  N N 63  
ASP OD1  O  N N 64  
ASP OD2  O  N N 65  
ASP OXT  O  N N 66  
ASP H    H  N N 67  
ASP H2   H  N N 68  
ASP HA   H  N N 69  
ASP HB2  H  N N 70  
ASP HB3  H  N N 71  
ASP HD2  H  N N 72  
ASP HXT  H  N N 73  
CL  CL   CL N N 74  
CYS N    N  N N 75  
CYS CA   C  N R 76  
CYS C    C  N N 77  
CYS O    O  N N 78  
CYS CB   C  N N 79  
CYS SG   S  N N 80  
CYS OXT  O  N N 81  
CYS H    H  N N 82  
CYS H2   H  N N 83  
CYS HA   H  N N 84  
CYS HB2  H  N N 85  
CYS HB3  H  N N 86  
CYS HG   H  N N 87  
CYS HXT  H  N N 88  
GLN N    N  N N 89  
GLN CA   C  N S 90  
GLN C    C  N N 91  
GLN O    O  N N 92  
GLN CB   C  N N 93  
GLN CG   C  N N 94  
GLN CD   C  N N 95  
GLN OE1  O  N N 96  
GLN NE2  N  N N 97  
GLN OXT  O  N N 98  
GLN H    H  N N 99  
GLN H2   H  N N 100 
GLN HA   H  N N 101 
GLN HB2  H  N N 102 
GLN HB3  H  N N 103 
GLN HG2  H  N N 104 
GLN HG3  H  N N 105 
GLN HE21 H  N N 106 
GLN HE22 H  N N 107 
GLN HXT  H  N N 108 
GLU N    N  N N 109 
GLU CA   C  N S 110 
GLU C    C  N N 111 
GLU O    O  N N 112 
GLU CB   C  N N 113 
GLU CG   C  N N 114 
GLU CD   C  N N 115 
GLU OE1  O  N N 116 
GLU OE2  O  N N 117 
GLU OXT  O  N N 118 
GLU H    H  N N 119 
GLU H2   H  N N 120 
GLU HA   H  N N 121 
GLU HB2  H  N N 122 
GLU HB3  H  N N 123 
GLU HG2  H  N N 124 
GLU HG3  H  N N 125 
GLU HE2  H  N N 126 
GLU HXT  H  N N 127 
GLY N    N  N N 128 
GLY CA   C  N N 129 
GLY C    C  N N 130 
GLY O    O  N N 131 
GLY OXT  O  N N 132 
GLY H    H  N N 133 
GLY H2   H  N N 134 
GLY HA2  H  N N 135 
GLY HA3  H  N N 136 
GLY HXT  H  N N 137 
HIS N    N  N N 138 
HIS CA   C  N S 139 
HIS C    C  N N 140 
HIS O    O  N N 141 
HIS CB   C  N N 142 
HIS CG   C  Y N 143 
HIS ND1  N  Y N 144 
HIS CD2  C  Y N 145 
HIS CE1  C  Y N 146 
HIS NE2  N  Y N 147 
HIS OXT  O  N N 148 
HIS H    H  N N 149 
HIS H2   H  N N 150 
HIS HA   H  N N 151 
HIS HB2  H  N N 152 
HIS HB3  H  N N 153 
HIS HD1  H  N N 154 
HIS HD2  H  N N 155 
HIS HE1  H  N N 156 
HIS HE2  H  N N 157 
HIS HXT  H  N N 158 
HOH O    O  N N 159 
HOH H1   H  N N 160 
HOH H2   H  N N 161 
ILE N    N  N N 162 
ILE CA   C  N S 163 
ILE C    C  N N 164 
ILE O    O  N N 165 
ILE CB   C  N S 166 
ILE CG1  C  N N 167 
ILE CG2  C  N N 168 
ILE CD1  C  N N 169 
ILE OXT  O  N N 170 
ILE H    H  N N 171 
ILE H2   H  N N 172 
ILE HA   H  N N 173 
ILE HB   H  N N 174 
ILE HG12 H  N N 175 
ILE HG13 H  N N 176 
ILE HG21 H  N N 177 
ILE HG22 H  N N 178 
ILE HG23 H  N N 179 
ILE HD11 H  N N 180 
ILE HD12 H  N N 181 
ILE HD13 H  N N 182 
ILE HXT  H  N N 183 
LEU N    N  N N 184 
LEU CA   C  N S 185 
LEU C    C  N N 186 
LEU O    O  N N 187 
LEU CB   C  N N 188 
LEU CG   C  N N 189 
LEU CD1  C  N N 190 
LEU CD2  C  N N 191 
LEU OXT  O  N N 192 
LEU H    H  N N 193 
LEU H2   H  N N 194 
LEU HA   H  N N 195 
LEU HB2  H  N N 196 
LEU HB3  H  N N 197 
LEU HG   H  N N 198 
LEU HD11 H  N N 199 
LEU HD12 H  N N 200 
LEU HD13 H  N N 201 
LEU HD21 H  N N 202 
LEU HD22 H  N N 203 
LEU HD23 H  N N 204 
LEU HXT  H  N N 205 
LYS N    N  N N 206 
LYS CA   C  N S 207 
LYS C    C  N N 208 
LYS O    O  N N 209 
LYS CB   C  N N 210 
LYS CG   C  N N 211 
LYS CD   C  N N 212 
LYS CE   C  N N 213 
LYS NZ   N  N N 214 
LYS OXT  O  N N 215 
LYS H    H  N N 216 
LYS H2   H  N N 217 
LYS HA   H  N N 218 
LYS HB2  H  N N 219 
LYS HB3  H  N N 220 
LYS HG2  H  N N 221 
LYS HG3  H  N N 222 
LYS HD2  H  N N 223 
LYS HD3  H  N N 224 
LYS HE2  H  N N 225 
LYS HE3  H  N N 226 
LYS HZ1  H  N N 227 
LYS HZ2  H  N N 228 
LYS HZ3  H  N N 229 
LYS HXT  H  N N 230 
MET N    N  N N 231 
MET CA   C  N S 232 
MET C    C  N N 233 
MET O    O  N N 234 
MET CB   C  N N 235 
MET CG   C  N N 236 
MET SD   S  N N 237 
MET CE   C  N N 238 
MET OXT  O  N N 239 
MET H    H  N N 240 
MET H2   H  N N 241 
MET HA   H  N N 242 
MET HB2  H  N N 243 
MET HB3  H  N N 244 
MET HG2  H  N N 245 
MET HG3  H  N N 246 
MET HE1  H  N N 247 
MET HE2  H  N N 248 
MET HE3  H  N N 249 
MET HXT  H  N N 250 
NI  NI   NI N N 251 
PHE N    N  N N 252 
PHE CA   C  N S 253 
PHE C    C  N N 254 
PHE O    O  N N 255 
PHE CB   C  N N 256 
PHE CG   C  Y N 257 
PHE CD1  C  Y N 258 
PHE CD2  C  Y N 259 
PHE CE1  C  Y N 260 
PHE CE2  C  Y N 261 
PHE CZ   C  Y N 262 
PHE OXT  O  N N 263 
PHE H    H  N N 264 
PHE H2   H  N N 265 
PHE HA   H  N N 266 
PHE HB2  H  N N 267 
PHE HB3  H  N N 268 
PHE HD1  H  N N 269 
PHE HD2  H  N N 270 
PHE HE1  H  N N 271 
PHE HE2  H  N N 272 
PHE HZ   H  N N 273 
PHE HXT  H  N N 274 
PRO N    N  N N 275 
PRO CA   C  N S 276 
PRO C    C  N N 277 
PRO O    O  N N 278 
PRO CB   C  N N 279 
PRO CG   C  N N 280 
PRO CD   C  N N 281 
PRO OXT  O  N N 282 
PRO H    H  N N 283 
PRO HA   H  N N 284 
PRO HB2  H  N N 285 
PRO HB3  H  N N 286 
PRO HG2  H  N N 287 
PRO HG3  H  N N 288 
PRO HD2  H  N N 289 
PRO HD3  H  N N 290 
PRO HXT  H  N N 291 
SER N    N  N N 292 
SER CA   C  N S 293 
SER C    C  N N 294 
SER O    O  N N 295 
SER CB   C  N N 296 
SER OG   O  N N 297 
SER OXT  O  N N 298 
SER H    H  N N 299 
SER H2   H  N N 300 
SER HA   H  N N 301 
SER HB2  H  N N 302 
SER HB3  H  N N 303 
SER HG   H  N N 304 
SER HXT  H  N N 305 
THR N    N  N N 306 
THR CA   C  N S 307 
THR C    C  N N 308 
THR O    O  N N 309 
THR CB   C  N R 310 
THR OG1  O  N N 311 
THR CG2  C  N N 312 
THR OXT  O  N N 313 
THR H    H  N N 314 
THR H2   H  N N 315 
THR HA   H  N N 316 
THR HB   H  N N 317 
THR HG1  H  N N 318 
THR HG21 H  N N 319 
THR HG22 H  N N 320 
THR HG23 H  N N 321 
THR HXT  H  N N 322 
TYR N    N  N N 323 
TYR CA   C  N S 324 
TYR C    C  N N 325 
TYR O    O  N N 326 
TYR CB   C  N N 327 
TYR CG   C  Y N 328 
TYR CD1  C  Y N 329 
TYR CD2  C  Y N 330 
TYR CE1  C  Y N 331 
TYR CE2  C  Y N 332 
TYR CZ   C  Y N 333 
TYR OH   O  N N 334 
TYR OXT  O  N N 335 
TYR H    H  N N 336 
TYR H2   H  N N 337 
TYR HA   H  N N 338 
TYR HB2  H  N N 339 
TYR HB3  H  N N 340 
TYR HD1  H  N N 341 
TYR HD2  H  N N 342 
TYR HE1  H  N N 343 
TYR HE2  H  N N 344 
TYR HH   H  N N 345 
TYR HXT  H  N N 346 
VAL N    N  N N 347 
VAL CA   C  N S 348 
VAL C    C  N N 349 
VAL O    O  N N 350 
VAL CB   C  N N 351 
VAL CG1  C  N N 352 
VAL CG2  C  N N 353 
VAL OXT  O  N N 354 
VAL H    H  N N 355 
VAL H2   H  N N 356 
VAL HA   H  N N 357 
VAL HB   H  N N 358 
VAL HG11 H  N N 359 
VAL HG12 H  N N 360 
VAL HG13 H  N N 361 
VAL HG21 H  N N 362 
VAL HG22 H  N N 363 
VAL HG23 H  N N 364 
VAL HXT  H  N N 365 
# 
loop_
_chem_comp_bond.comp_id 
_chem_comp_bond.atom_id_1 
_chem_comp_bond.atom_id_2 
_chem_comp_bond.value_order 
_chem_comp_bond.pdbx_aromatic_flag 
_chem_comp_bond.pdbx_stereo_config 
_chem_comp_bond.pdbx_ordinal 
ALA N   CA   sing N N 1   
ALA N   H    sing N N 2   
ALA N   H2   sing N N 3   
ALA CA  C    sing N N 4   
ALA CA  CB   sing N N 5   
ALA CA  HA   sing N N 6   
ALA C   O    doub N N 7   
ALA C   OXT  sing N N 8   
ALA CB  HB1  sing N N 9   
ALA CB  HB2  sing N N 10  
ALA CB  HB3  sing N N 11  
ALA OXT HXT  sing N N 12  
ARG N   CA   sing N N 13  
ARG N   H    sing N N 14  
ARG N   H2   sing N N 15  
ARG CA  C    sing N N 16  
ARG CA  CB   sing N N 17  
ARG CA  HA   sing N N 18  
ARG C   O    doub N N 19  
ARG C   OXT  sing N N 20  
ARG CB  CG   sing N N 21  
ARG CB  HB2  sing N N 22  
ARG CB  HB3  sing N N 23  
ARG CG  CD   sing N N 24  
ARG CG  HG2  sing N N 25  
ARG CG  HG3  sing N N 26  
ARG CD  NE   sing N N 27  
ARG CD  HD2  sing N N 28  
ARG CD  HD3  sing N N 29  
ARG NE  CZ   sing N N 30  
ARG NE  HE   sing N N 31  
ARG CZ  NH1  sing N N 32  
ARG CZ  NH2  doub N N 33  
ARG NH1 HH11 sing N N 34  
ARG NH1 HH12 sing N N 35  
ARG NH2 HH21 sing N N 36  
ARG NH2 HH22 sing N N 37  
ARG OXT HXT  sing N N 38  
ASN N   CA   sing N N 39  
ASN N   H    sing N N 40  
ASN N   H2   sing N N 41  
ASN CA  C    sing N N 42  
ASN CA  CB   sing N N 43  
ASN CA  HA   sing N N 44  
ASN C   O    doub N N 45  
ASN C   OXT  sing N N 46  
ASN CB  CG   sing N N 47  
ASN CB  HB2  sing N N 48  
ASN CB  HB3  sing N N 49  
ASN CG  OD1  doub N N 50  
ASN CG  ND2  sing N N 51  
ASN ND2 HD21 sing N N 52  
ASN ND2 HD22 sing N N 53  
ASN OXT HXT  sing N N 54  
ASP N   CA   sing N N 55  
ASP N   H    sing N N 56  
ASP N   H2   sing N N 57  
ASP CA  C    sing N N 58  
ASP CA  CB   sing N N 59  
ASP CA  HA   sing N N 60  
ASP C   O    doub N N 61  
ASP C   OXT  sing N N 62  
ASP CB  CG   sing N N 63  
ASP CB  HB2  sing N N 64  
ASP CB  HB3  sing N N 65  
ASP CG  OD1  doub N N 66  
ASP CG  OD2  sing N N 67  
ASP OD2 HD2  sing N N 68  
ASP OXT HXT  sing N N 69  
CYS N   CA   sing N N 70  
CYS N   H    sing N N 71  
CYS N   H2   sing N N 72  
CYS CA  C    sing N N 73  
CYS CA  CB   sing N N 74  
CYS CA  HA   sing N N 75  
CYS C   O    doub N N 76  
CYS C   OXT  sing N N 77  
CYS CB  SG   sing N N 78  
CYS CB  HB2  sing N N 79  
CYS CB  HB3  sing N N 80  
CYS SG  HG   sing N N 81  
CYS OXT HXT  sing N N 82  
GLN N   CA   sing N N 83  
GLN N   H    sing N N 84  
GLN N   H2   sing N N 85  
GLN CA  C    sing N N 86  
GLN CA  CB   sing N N 87  
GLN CA  HA   sing N N 88  
GLN C   O    doub N N 89  
GLN C   OXT  sing N N 90  
GLN CB  CG   sing N N 91  
GLN CB  HB2  sing N N 92  
GLN CB  HB3  sing N N 93  
GLN CG  CD   sing N N 94  
GLN CG  HG2  sing N N 95  
GLN CG  HG3  sing N N 96  
GLN CD  OE1  doub N N 97  
GLN CD  NE2  sing N N 98  
GLN NE2 HE21 sing N N 99  
GLN NE2 HE22 sing N N 100 
GLN OXT HXT  sing N N 101 
GLU N   CA   sing N N 102 
GLU N   H    sing N N 103 
GLU N   H2   sing N N 104 
GLU CA  C    sing N N 105 
GLU CA  CB   sing N N 106 
GLU CA  HA   sing N N 107 
GLU C   O    doub N N 108 
GLU C   OXT  sing N N 109 
GLU CB  CG   sing N N 110 
GLU CB  HB2  sing N N 111 
GLU CB  HB3  sing N N 112 
GLU CG  CD   sing N N 113 
GLU CG  HG2  sing N N 114 
GLU CG  HG3  sing N N 115 
GLU CD  OE1  doub N N 116 
GLU CD  OE2  sing N N 117 
GLU OE2 HE2  sing N N 118 
GLU OXT HXT  sing N N 119 
GLY N   CA   sing N N 120 
GLY N   H    sing N N 121 
GLY N   H2   sing N N 122 
GLY CA  C    sing N N 123 
GLY CA  HA2  sing N N 124 
GLY CA  HA3  sing N N 125 
GLY C   O    doub N N 126 
GLY C   OXT  sing N N 127 
GLY OXT HXT  sing N N 128 
HIS N   CA   sing N N 129 
HIS N   H    sing N N 130 
HIS N   H2   sing N N 131 
HIS CA  C    sing N N 132 
HIS CA  CB   sing N N 133 
HIS CA  HA   sing N N 134 
HIS C   O    doub N N 135 
HIS C   OXT  sing N N 136 
HIS CB  CG   sing N N 137 
HIS CB  HB2  sing N N 138 
HIS CB  HB3  sing N N 139 
HIS CG  ND1  sing Y N 140 
HIS CG  CD2  doub Y N 141 
HIS ND1 CE1  doub Y N 142 
HIS ND1 HD1  sing N N 143 
HIS CD2 NE2  sing Y N 144 
HIS CD2 HD2  sing N N 145 
HIS CE1 NE2  sing Y N 146 
HIS CE1 HE1  sing N N 147 
HIS NE2 HE2  sing N N 148 
HIS OXT HXT  sing N N 149 
HOH O   H1   sing N N 150 
HOH O   H2   sing N N 151 
ILE N   CA   sing N N 152 
ILE N   H    sing N N 153 
ILE N   H2   sing N N 154 
ILE CA  C    sing N N 155 
ILE CA  CB   sing N N 156 
ILE CA  HA   sing N N 157 
ILE C   O    doub N N 158 
ILE C   OXT  sing N N 159 
ILE CB  CG1  sing N N 160 
ILE CB  CG2  sing N N 161 
ILE CB  HB   sing N N 162 
ILE CG1 CD1  sing N N 163 
ILE CG1 HG12 sing N N 164 
ILE CG1 HG13 sing N N 165 
ILE CG2 HG21 sing N N 166 
ILE CG2 HG22 sing N N 167 
ILE CG2 HG23 sing N N 168 
ILE CD1 HD11 sing N N 169 
ILE CD1 HD12 sing N N 170 
ILE CD1 HD13 sing N N 171 
ILE OXT HXT  sing N N 172 
LEU N   CA   sing N N 173 
LEU N   H    sing N N 174 
LEU N   H2   sing N N 175 
LEU CA  C    sing N N 176 
LEU CA  CB   sing N N 177 
LEU CA  HA   sing N N 178 
LEU C   O    doub N N 179 
LEU C   OXT  sing N N 180 
LEU CB  CG   sing N N 181 
LEU CB  HB2  sing N N 182 
LEU CB  HB3  sing N N 183 
LEU CG  CD1  sing N N 184 
LEU CG  CD2  sing N N 185 
LEU CG  HG   sing N N 186 
LEU CD1 HD11 sing N N 187 
LEU CD1 HD12 sing N N 188 
LEU CD1 HD13 sing N N 189 
LEU CD2 HD21 sing N N 190 
LEU CD2 HD22 sing N N 191 
LEU CD2 HD23 sing N N 192 
LEU OXT HXT  sing N N 193 
LYS N   CA   sing N N 194 
LYS N   H    sing N N 195 
LYS N   H2   sing N N 196 
LYS CA  C    sing N N 197 
LYS CA  CB   sing N N 198 
LYS CA  HA   sing N N 199 
LYS C   O    doub N N 200 
LYS C   OXT  sing N N 201 
LYS CB  CG   sing N N 202 
LYS CB  HB2  sing N N 203 
LYS CB  HB3  sing N N 204 
LYS CG  CD   sing N N 205 
LYS CG  HG2  sing N N 206 
LYS CG  HG3  sing N N 207 
LYS CD  CE   sing N N 208 
LYS CD  HD2  sing N N 209 
LYS CD  HD3  sing N N 210 
LYS CE  NZ   sing N N 211 
LYS CE  HE2  sing N N 212 
LYS CE  HE3  sing N N 213 
LYS NZ  HZ1  sing N N 214 
LYS NZ  HZ2  sing N N 215 
LYS NZ  HZ3  sing N N 216 
LYS OXT HXT  sing N N 217 
MET N   CA   sing N N 218 
MET N   H    sing N N 219 
MET N   H2   sing N N 220 
MET CA  C    sing N N 221 
MET CA  CB   sing N N 222 
MET CA  HA   sing N N 223 
MET C   O    doub N N 224 
MET C   OXT  sing N N 225 
MET CB  CG   sing N N 226 
MET CB  HB2  sing N N 227 
MET CB  HB3  sing N N 228 
MET CG  SD   sing N N 229 
MET CG  HG2  sing N N 230 
MET CG  HG3  sing N N 231 
MET SD  CE   sing N N 232 
MET CE  HE1  sing N N 233 
MET CE  HE2  sing N N 234 
MET CE  HE3  sing N N 235 
MET OXT HXT  sing N N 236 
PHE N   CA   sing N N 237 
PHE N   H    sing N N 238 
PHE N   H2   sing N N 239 
PHE CA  C    sing N N 240 
PHE CA  CB   sing N N 241 
PHE CA  HA   sing N N 242 
PHE C   O    doub N N 243 
PHE C   OXT  sing N N 244 
PHE CB  CG   sing N N 245 
PHE CB  HB2  sing N N 246 
PHE CB  HB3  sing N N 247 
PHE CG  CD1  doub Y N 248 
PHE CG  CD2  sing Y N 249 
PHE CD1 CE1  sing Y N 250 
PHE CD1 HD1  sing N N 251 
PHE CD2 CE2  doub Y N 252 
PHE CD2 HD2  sing N N 253 
PHE CE1 CZ   doub Y N 254 
PHE CE1 HE1  sing N N 255 
PHE CE2 CZ   sing Y N 256 
PHE CE2 HE2  sing N N 257 
PHE CZ  HZ   sing N N 258 
PHE OXT HXT  sing N N 259 
PRO N   CA   sing N N 260 
PRO N   CD   sing N N 261 
PRO N   H    sing N N 262 
PRO CA  C    sing N N 263 
PRO CA  CB   sing N N 264 
PRO CA  HA   sing N N 265 
PRO C   O    doub N N 266 
PRO C   OXT  sing N N 267 
PRO CB  CG   sing N N 268 
PRO CB  HB2  sing N N 269 
PRO CB  HB3  sing N N 270 
PRO CG  CD   sing N N 271 
PRO CG  HG2  sing N N 272 
PRO CG  HG3  sing N N 273 
PRO CD  HD2  sing N N 274 
PRO CD  HD3  sing N N 275 
PRO OXT HXT  sing N N 276 
SER N   CA   sing N N 277 
SER N   H    sing N N 278 
SER N   H2   sing N N 279 
SER CA  C    sing N N 280 
SER CA  CB   sing N N 281 
SER CA  HA   sing N N 282 
SER C   O    doub N N 283 
SER C   OXT  sing N N 284 
SER CB  OG   sing N N 285 
SER CB  HB2  sing N N 286 
SER CB  HB3  sing N N 287 
SER OG  HG   sing N N 288 
SER OXT HXT  sing N N 289 
THR N   CA   sing N N 290 
THR N   H    sing N N 291 
THR N   H2   sing N N 292 
THR CA  C    sing N N 293 
THR CA  CB   sing N N 294 
THR CA  HA   sing N N 295 
THR C   O    doub N N 296 
THR C   OXT  sing N N 297 
THR CB  OG1  sing N N 298 
THR CB  CG2  sing N N 299 
THR CB  HB   sing N N 300 
THR OG1 HG1  sing N N 301 
THR CG2 HG21 sing N N 302 
THR CG2 HG22 sing N N 303 
THR CG2 HG23 sing N N 304 
THR OXT HXT  sing N N 305 
TYR N   CA   sing N N 306 
TYR N   H    sing N N 307 
TYR N   H2   sing N N 308 
TYR CA  C    sing N N 309 
TYR CA  CB   sing N N 310 
TYR CA  HA   sing N N 311 
TYR C   O    doub N N 312 
TYR C   OXT  sing N N 313 
TYR CB  CG   sing N N 314 
TYR CB  HB2  sing N N 315 
TYR CB  HB3  sing N N 316 
TYR CG  CD1  doub Y N 317 
TYR CG  CD2  sing Y N 318 
TYR CD1 CE1  sing Y N 319 
TYR CD1 HD1  sing N N 320 
TYR CD2 CE2  doub Y N 321 
TYR CD2 HD2  sing N N 322 
TYR CE1 CZ   doub Y N 323 
TYR CE1 HE1  sing N N 324 
TYR CE2 CZ   sing Y N 325 
TYR CE2 HE2  sing N N 326 
TYR CZ  OH   sing N N 327 
TYR OH  HH   sing N N 328 
TYR OXT HXT  sing N N 329 
VAL N   CA   sing N N 330 
VAL N   H    sing N N 331 
VAL N   H2   sing N N 332 
VAL CA  C    sing N N 333 
VAL CA  CB   sing N N 334 
VAL CA  HA   sing N N 335 
VAL C   O    doub N N 336 
VAL C   OXT  sing N N 337 
VAL CB  CG1  sing N N 338 
VAL CB  CG2  sing N N 339 
VAL CB  HB   sing N N 340 
VAL CG1 HG11 sing N N 341 
VAL CG1 HG12 sing N N 342 
VAL CG1 HG13 sing N N 343 
VAL CG2 HG21 sing N N 344 
VAL CG2 HG22 sing N N 345 
VAL CG2 HG23 sing N N 346 
VAL OXT HXT  sing N N 347 
# 
loop_
_pdbx_entity_nonpoly.entity_id 
_pdbx_entity_nonpoly.name 
_pdbx_entity_nonpoly.comp_id 
2 'CHLORIDE ION'        CL  
3 'NICKEL (II) ION'     NI  
4 'UNKNOWN ATOM OR ION' UNX 
5 water                 HOH 
# 
_pdbx_initial_refinement_model.id               1 
_pdbx_initial_refinement_model.entity_id_list   ? 
_pdbx_initial_refinement_model.type             'experimental model' 
_pdbx_initial_refinement_model.source_name      PDB 
_pdbx_initial_refinement_model.accession_code   1WLN 
_pdbx_initial_refinement_model.details          'pdb entry 1wln' 
# 
